data_2WFB
# 
_entry.id   2WFB 
# 
_audit_conform.dict_name       mmcif_pdbx.dic 
_audit_conform.dict_version    5.382 
_audit_conform.dict_location   http://mmcif.pdb.org/dictionaries/ascii/mmcif_pdbx.dic 
# 
loop_
_database_2.database_id 
_database_2.database_code 
_database_2.pdbx_database_accession 
_database_2.pdbx_DOI 
PDB   2WFB         pdb_00002wfb 10.2210/pdb2wfb/pdb 
PDBE  EBI-39376    ?            ?                   
WWPDB D_1290039376 ?            ?                   
# 
_pdbx_database_status.status_code                     REL 
_pdbx_database_status.entry_id                        2WFB 
_pdbx_database_status.deposit_site                    PDBE 
_pdbx_database_status.process_site                    PDBE 
_pdbx_database_status.SG_entry                        . 
_pdbx_database_status.recvd_initial_deposition_date   2009-04-03 
_pdbx_database_status.pdb_format_compatible           Y 
_pdbx_database_status.status_code_sf                  REL 
_pdbx_database_status.status_code_mr                  ? 
_pdbx_database_status.status_code_cs                  ? 
_pdbx_database_status.methods_development_category    ? 
_pdbx_database_status.status_code_nmr_data            ? 
# 
loop_
_audit_author.name 
_audit_author.pdbx_ordinal 
'Najmudin, S.'  1 
'Bonifacio, C.' 2 
'Duarte, A.G.'  3 
'Pereira, A.S.' 4 
'Moura, I.'     5 
'Moura, J.M.'   6 
'Romao, M.J.'   7 
# 
loop_
_citation.id 
_citation.title 
_citation.journal_abbrev 
_citation.journal_volume 
_citation.page_first 
_citation.page_last 
_citation.year 
_citation.journal_id_ASTM 
_citation.country 
_citation.journal_id_ISSN 
_citation.journal_id_CSD 
_citation.book_publisher 
_citation.pdbx_database_id_PubMed 
_citation.pdbx_database_id_DOI 
primary 'High Resolution Crystal Structure of the Apo Form of the Orange Protein (Apo-Orp) from Desulfovibrio Gigas'          
'To be Published'          ?  ?   ? ?    ? ?  ?         0353 ? ?        ?                         
1       'Crystallization and Crystallographic Analysis of the Apo Form of the Orange Protein (Orp) from Desulfovibrio Gigas.' 
'Acta Crystallogr.,Sect.F' 65 730 ? 2009 ? DK 1744-3091 ?    ? 19574652 10.1107/S1744309109023392 
# 
loop_
_citation_author.citation_id 
_citation_author.name 
_citation_author.ordinal 
_citation_author.identifier_ORCID 
primary 'Najmudin, S.'  1  ? 
primary 'Bonifacio, C.' 2  ? 
primary 'Duarte, A.G.'  3  ? 
primary 'Moura, I.'     4  ? 
primary 'Moura, J.G.'   5  ? 
primary 'Romao, M.J.'   6  ? 
1       'Najmudin, S.'  7  ? 
1       'Bonifacio, C.' 8  ? 
1       'Duarte, A.G.'  9  ? 
1       'Pauleta, S.R.' 10 ? 
1       'Moura, I.'     11 ? 
1       'Moura, J.J.G.' 12 ? 
1       'Romao, M.J.'   13 ? 
# 
_cell.entry_id           2WFB 
_cell.length_a           43.078 
_cell.length_b           43.078 
_cell.length_c           106.085 
_cell.angle_alpha        90.00 
_cell.angle_beta         90.00 
_cell.angle_gamma        120.00 
_cell.Z_PDB              6 
_cell.pdbx_unique_axis   ? 
# 
_symmetry.entry_id                         2WFB 
_symmetry.space_group_name_H-M             'P 31 2 1' 
_symmetry.pdbx_full_space_group_name_H-M   ? 
_symmetry.cell_setting                     ? 
_symmetry.Int_Tables_number                152 
# 
loop_
_entity.id 
_entity.type 
_entity.src_method 
_entity.pdbx_description 
_entity.formula_weight 
_entity.pdbx_number_of_molecules 
_entity.pdbx_ec 
_entity.pdbx_mutation 
_entity.pdbx_fragment 
_entity.details 
1 polymer     man 'PUTATIVE UNCHARACTERIZED PROTEIN ORP' 12111.709 1  ? ? ? ? 
2 non-polymer syn 'PHOSPHATE ION'                        94.971    3  ? ? ? ? 
3 non-polymer syn 'ACETATE ION'                          59.044    1  ? ? ? ? 
4 water       nat water                                  18.015    78 ? ? ? ? 
# 
_entity_name_com.entity_id   1 
_entity_name_com.name        'THE ORANGE PROTEIN' 
# 
_entity_poly.entity_id                      1 
_entity_poly.type                           'polypeptide(L)' 
_entity_poly.nstd_linkage                   no 
_entity_poly.nstd_monomer                   no 
_entity_poly.pdbx_seq_one_letter_code       
;ASHMQRIAVTAEGPGLDGLVDPRFGRAAGFVVVDAATMAAEYVDNGASQTLSHGAGINAAQVLAKSGAGVLLTGYVGPKA
FQALQAAGIKVGQDLEGLTVRQAVQRFLDGQVPMAAGPNK
;
_entity_poly.pdbx_seq_one_letter_code_can   
;ASHMQRIAVTAEGPGLDGLVDPRFGRAAGFVVVDAATMAAEYVDNGASQTLSHGAGINAAQVLAKSGAGVLLTGYVGPKA
FQALQAAGIKVGQDLEGLTVRQAVQRFLDGQVPMAAGPNK
;
_entity_poly.pdbx_strand_id                 A 
_entity_poly.pdbx_target_identifier         ? 
# 
loop_
_entity_poly_seq.entity_id 
_entity_poly_seq.num 
_entity_poly_seq.mon_id 
_entity_poly_seq.hetero 
1 1   ALA n 
1 2   SER n 
1 3   HIS n 
1 4   MET n 
1 5   GLN n 
1 6   ARG n 
1 7   ILE n 
1 8   ALA n 
1 9   VAL n 
1 10  THR n 
1 11  ALA n 
1 12  GLU n 
1 13  GLY n 
1 14  PRO n 
1 15  GLY n 
1 16  LEU n 
1 17  ASP n 
1 18  GLY n 
1 19  LEU n 
1 20  VAL n 
1 21  ASP n 
1 22  PRO n 
1 23  ARG n 
1 24  PHE n 
1 25  GLY n 
1 26  ARG n 
1 27  ALA n 
1 28  ALA n 
1 29  GLY n 
1 30  PHE n 
1 31  VAL n 
1 32  VAL n 
1 33  VAL n 
1 34  ASP n 
1 35  ALA n 
1 36  ALA n 
1 37  THR n 
1 38  MET n 
1 39  ALA n 
1 40  ALA n 
1 41  GLU n 
1 42  TYR n 
1 43  VAL n 
1 44  ASP n 
1 45  ASN n 
1 46  GLY n 
1 47  ALA n 
1 48  SER n 
1 49  GLN n 
1 50  THR n 
1 51  LEU n 
1 52  SER n 
1 53  HIS n 
1 54  GLY n 
1 55  ALA n 
1 56  GLY n 
1 57  ILE n 
1 58  ASN n 
1 59  ALA n 
1 60  ALA n 
1 61  GLN n 
1 62  VAL n 
1 63  LEU n 
1 64  ALA n 
1 65  LYS n 
1 66  SER n 
1 67  GLY n 
1 68  ALA n 
1 69  GLY n 
1 70  VAL n 
1 71  LEU n 
1 72  LEU n 
1 73  THR n 
1 74  GLY n 
1 75  TYR n 
1 76  VAL n 
1 77  GLY n 
1 78  PRO n 
1 79  LYS n 
1 80  ALA n 
1 81  PHE n 
1 82  GLN n 
1 83  ALA n 
1 84  LEU n 
1 85  GLN n 
1 86  ALA n 
1 87  ALA n 
1 88  GLY n 
1 89  ILE n 
1 90  LYS n 
1 91  VAL n 
1 92  GLY n 
1 93  GLN n 
1 94  ASP n 
1 95  LEU n 
1 96  GLU n 
1 97  GLY n 
1 98  LEU n 
1 99  THR n 
1 100 VAL n 
1 101 ARG n 
1 102 GLN n 
1 103 ALA n 
1 104 VAL n 
1 105 GLN n 
1 106 ARG n 
1 107 PHE n 
1 108 LEU n 
1 109 ASP n 
1 110 GLY n 
1 111 GLN n 
1 112 VAL n 
1 113 PRO n 
1 114 MET n 
1 115 ALA n 
1 116 ALA n 
1 117 GLY n 
1 118 PRO n 
1 119 ASN n 
1 120 LYS n 
# 
_entity_src_gen.entity_id                          1 
_entity_src_gen.pdbx_src_id                        1 
_entity_src_gen.pdbx_alt_source_flag               sample 
_entity_src_gen.pdbx_seq_type                      ? 
_entity_src_gen.pdbx_beg_seq_num                   ? 
_entity_src_gen.pdbx_end_seq_num                   ? 
_entity_src_gen.gene_src_common_name               ? 
_entity_src_gen.gene_src_genus                     ? 
_entity_src_gen.pdbx_gene_src_gene                 ? 
_entity_src_gen.gene_src_species                   ? 
_entity_src_gen.gene_src_strain                    ? 
_entity_src_gen.gene_src_tissue                    ? 
_entity_src_gen.gene_src_tissue_fraction           ? 
_entity_src_gen.gene_src_details                   ? 
_entity_src_gen.pdbx_gene_src_fragment             ? 
_entity_src_gen.pdbx_gene_src_scientific_name      'DESULFOVIBRIO GIGAS' 
_entity_src_gen.pdbx_gene_src_ncbi_taxonomy_id     879 
_entity_src_gen.pdbx_gene_src_variant              ? 
_entity_src_gen.pdbx_gene_src_cell_line            ? 
_entity_src_gen.pdbx_gene_src_atcc                 19364 
_entity_src_gen.pdbx_gene_src_organ                ? 
_entity_src_gen.pdbx_gene_src_organelle            ? 
_entity_src_gen.pdbx_gene_src_cell                 ? 
_entity_src_gen.pdbx_gene_src_cellular_location    ? 
_entity_src_gen.host_org_common_name               ? 
_entity_src_gen.pdbx_host_org_scientific_name      'ESCHERICHIA COLI' 
_entity_src_gen.pdbx_host_org_ncbi_taxonomy_id     469008 
_entity_src_gen.host_org_genus                     ? 
_entity_src_gen.pdbx_host_org_gene                 ? 
_entity_src_gen.pdbx_host_org_organ                ? 
_entity_src_gen.host_org_species                   ? 
_entity_src_gen.pdbx_host_org_tissue               ? 
_entity_src_gen.pdbx_host_org_tissue_fraction      ? 
_entity_src_gen.pdbx_host_org_strain               'BL21(DE3)' 
_entity_src_gen.pdbx_host_org_variant              ? 
_entity_src_gen.pdbx_host_org_cell_line            ? 
_entity_src_gen.pdbx_host_org_atcc                 ? 
_entity_src_gen.pdbx_host_org_culture_collection   ? 
_entity_src_gen.pdbx_host_org_cell                 ? 
_entity_src_gen.pdbx_host_org_organelle            ? 
_entity_src_gen.pdbx_host_org_cellular_location    ? 
_entity_src_gen.pdbx_host_org_vector_type          ? 
_entity_src_gen.pdbx_host_org_vector               ? 
_entity_src_gen.host_org_details                   ? 
_entity_src_gen.expression_system_id               ? 
_entity_src_gen.plasmid_name                       'PET 21-D' 
_entity_src_gen.plasmid_details                    ? 
_entity_src_gen.pdbx_description                   ? 
# 
_struct_ref.id                         1 
_struct_ref.db_name                    UNP 
_struct_ref.db_code                    Q5DUA6_DESGI 
_struct_ref.entity_id                  1 
_struct_ref.pdbx_seq_one_letter_code   ? 
_struct_ref.pdbx_align_begin           ? 
_struct_ref.pdbx_db_accession          Q5DUA6 
_struct_ref.pdbx_db_isoform            ? 
# 
_struct_ref_seq.align_id                      1 
_struct_ref_seq.ref_id                        1 
_struct_ref_seq.pdbx_PDB_id_code              2WFB 
_struct_ref_seq.pdbx_strand_id                A 
_struct_ref_seq.seq_align_beg                 4 
_struct_ref_seq.pdbx_seq_align_beg_ins_code   ? 
_struct_ref_seq.seq_align_end                 120 
_struct_ref_seq.pdbx_seq_align_end_ins_code   ? 
_struct_ref_seq.pdbx_db_accession             Q5DUA6 
_struct_ref_seq.db_align_beg                  1 
_struct_ref_seq.pdbx_db_align_beg_ins_code    ? 
_struct_ref_seq.db_align_end                  117 
_struct_ref_seq.pdbx_db_align_end_ins_code    ? 
_struct_ref_seq.pdbx_auth_seq_align_beg       4 
_struct_ref_seq.pdbx_auth_seq_align_end       120 
# 
loop_
_struct_ref_seq_dif.align_id 
_struct_ref_seq_dif.pdbx_pdb_id_code 
_struct_ref_seq_dif.mon_id 
_struct_ref_seq_dif.pdbx_pdb_strand_id 
_struct_ref_seq_dif.seq_num 
_struct_ref_seq_dif.pdbx_pdb_ins_code 
_struct_ref_seq_dif.pdbx_seq_db_name 
_struct_ref_seq_dif.pdbx_seq_db_accession_code 
_struct_ref_seq_dif.db_mon_id 
_struct_ref_seq_dif.pdbx_seq_db_seq_num 
_struct_ref_seq_dif.details 
_struct_ref_seq_dif.pdbx_auth_seq_num 
_struct_ref_seq_dif.pdbx_ordinal 
1 2WFB ALA A 1 ? UNP Q5DUA6 ? ? 'expression tag' 1 1 
1 2WFB SER A 2 ? UNP Q5DUA6 ? ? 'expression tag' 2 2 
1 2WFB HIS A 3 ? UNP Q5DUA6 ? ? 'expression tag' 3 3 
# 
loop_
_chem_comp.id 
_chem_comp.type 
_chem_comp.mon_nstd_flag 
_chem_comp.name 
_chem_comp.pdbx_synonyms 
_chem_comp.formula 
_chem_comp.formula_weight 
ACT non-polymer         . 'ACETATE ION'   ? 'C2 H3 O2 -1'    59.044  
ALA 'L-peptide linking' y ALANINE         ? 'C3 H7 N O2'     89.093  
ARG 'L-peptide linking' y ARGININE        ? 'C6 H15 N4 O2 1' 175.209 
ASN 'L-peptide linking' y ASPARAGINE      ? 'C4 H8 N2 O3'    132.118 
ASP 'L-peptide linking' y 'ASPARTIC ACID' ? 'C4 H7 N O4'     133.103 
GLN 'L-peptide linking' y GLUTAMINE       ? 'C5 H10 N2 O3'   146.144 
GLU 'L-peptide linking' y 'GLUTAMIC ACID' ? 'C5 H9 N O4'     147.129 
GLY 'peptide linking'   y GLYCINE         ? 'C2 H5 N O2'     75.067  
HIS 'L-peptide linking' y HISTIDINE       ? 'C6 H10 N3 O2 1' 156.162 
HOH non-polymer         . WATER           ? 'H2 O'           18.015  
ILE 'L-peptide linking' y ISOLEUCINE      ? 'C6 H13 N O2'    131.173 
LEU 'L-peptide linking' y LEUCINE         ? 'C6 H13 N O2'    131.173 
LYS 'L-peptide linking' y LYSINE          ? 'C6 H15 N2 O2 1' 147.195 
MET 'L-peptide linking' y METHIONINE      ? 'C5 H11 N O2 S'  149.211 
PHE 'L-peptide linking' y PHENYLALANINE   ? 'C9 H11 N O2'    165.189 
PO4 non-polymer         . 'PHOSPHATE ION' ? 'O4 P -3'        94.971  
PRO 'L-peptide linking' y PROLINE         ? 'C5 H9 N O2'     115.130 
SER 'L-peptide linking' y SERINE          ? 'C3 H7 N O3'     105.093 
THR 'L-peptide linking' y THREONINE       ? 'C4 H9 N O3'     119.119 
TYR 'L-peptide linking' y TYROSINE        ? 'C9 H11 N O3'    181.189 
VAL 'L-peptide linking' y VALINE          ? 'C5 H11 N O2'    117.146 
# 
_exptl.entry_id          2WFB 
_exptl.method            'X-RAY DIFFRACTION' 
_exptl.crystals_number   1 
# 
_exptl_crystal.id                    1 
_exptl_crystal.density_meas          ? 
_exptl_crystal.density_Matthews      2.08 
_exptl_crystal.density_percent_sol   40 
_exptl_crystal.description           NONE 
# 
_exptl_crystal_grow.crystal_id      1 
_exptl_crystal_grow.method          ? 
_exptl_crystal_grow.temp            ? 
_exptl_crystal_grow.temp_details    ? 
_exptl_crystal_grow.pH              4.5 
_exptl_crystal_grow.pdbx_pH_range   ? 
_exptl_crystal_grow.pdbx_details    '0.1 M NA ACETATE, 0.2 M NAH2PO4 PH 4.5, 15-30% PEG 3K OR PEG 8K' 
# 
_diffrn.id                     1 
_diffrn.ambient_temp           100 
_diffrn.ambient_temp_details   ? 
_diffrn.crystal_id             1 
# 
_diffrn_detector.diffrn_id              1 
_diffrn_detector.detector               CCD 
_diffrn_detector.type                   'ADSC CCD' 
_diffrn_detector.pdbx_collection_date   ? 
_diffrn_detector.details                ? 
# 
_diffrn_radiation.diffrn_id                        1 
_diffrn_radiation.wavelength_id                    1 
_diffrn_radiation.pdbx_monochromatic_or_laue_m_l   M 
_diffrn_radiation.monochromator                    ? 
_diffrn_radiation.pdbx_diffrn_protocol             'SINGLE WAVELENGTH' 
_diffrn_radiation.pdbx_scattering_type             x-ray 
# 
_diffrn_radiation_wavelength.id           1 
_diffrn_radiation_wavelength.wavelength   0.97934 
_diffrn_radiation_wavelength.wt           1.0 
# 
_diffrn_source.diffrn_id                   1 
_diffrn_source.source                      SYNCHROTRON 
_diffrn_source.type                        'ESRF BEAMLINE ID23-1' 
_diffrn_source.pdbx_synchrotron_site       ESRF 
_diffrn_source.pdbx_synchrotron_beamline   ID23-1 
_diffrn_source.pdbx_wavelength             0.97934 
_diffrn_source.pdbx_wavelength_list        ? 
# 
_reflns.pdbx_diffrn_id               1 
_reflns.pdbx_ordinal                 1 
_reflns.entry_id                     2WFB 
_reflns.observed_criterion_sigma_I   2.0 
_reflns.observed_criterion_sigma_F   ? 
_reflns.d_resolution_low             106.00 
_reflns.d_resolution_high            2.00 
_reflns.number_obs                   7446 
_reflns.number_all                   ? 
_reflns.percent_possible_obs         90.7 
_reflns.pdbx_Rmerge_I_obs            0.05 
_reflns.pdbx_Rsym_value              ? 
_reflns.pdbx_netI_over_sigmaI        33.70 
_reflns.B_iso_Wilson_estimate        22 
_reflns.pdbx_redundancy              9.9 
# 
_reflns_shell.pdbx_diffrn_id         1 
_reflns_shell.pdbx_ordinal           1 
_reflns_shell.d_res_high             2.00 
_reflns_shell.d_res_low              2.05 
_reflns_shell.percent_possible_all   62.2 
_reflns_shell.Rmerge_I_obs           0.09 
_reflns_shell.pdbx_Rsym_value        ? 
_reflns_shell.meanI_over_sigI_obs    16.90 
_reflns_shell.pdbx_redundancy        6.0 
# 
_refine.pdbx_refine_id                           'X-RAY DIFFRACTION' 
_refine.entry_id                                 2WFB 
_refine.pdbx_diffrn_id                           1 
_refine.pdbx_TLS_residual_ADP_flag               ? 
_refine.ls_number_reflns_obs                     7108 
_refine.ls_number_reflns_all                     ? 
_refine.pdbx_ls_sigma_I                          ? 
_refine.pdbx_ls_sigma_F                          ? 
_refine.pdbx_data_cutoff_high_absF               ? 
_refine.pdbx_data_cutoff_low_absF                ? 
_refine.pdbx_data_cutoff_high_rms_absF           ? 
_refine.ls_d_res_low                             106.00 
_refine.ls_d_res_high                            2.00 
_refine.ls_percent_reflns_obs                    90.51 
_refine.ls_R_factor_obs                          0.18585 
_refine.ls_R_factor_all                          ? 
_refine.ls_R_factor_R_work                       0.18278 
_refine.ls_R_factor_R_free                       0.24448 
_refine.ls_R_factor_R_free_error                 ? 
_refine.ls_R_factor_R_free_error_details         ? 
_refine.ls_percent_reflns_R_free                 4.7 
_refine.ls_number_reflns_R_free                  347 
_refine.ls_number_parameters                     ? 
_refine.ls_number_restraints                     ? 
_refine.occupancy_min                            ? 
_refine.occupancy_max                            ? 
_refine.correlation_coeff_Fo_to_Fc               0.945 
_refine.correlation_coeff_Fo_to_Fc_free          0.923 
_refine.B_iso_mean                               22.522 
_refine.aniso_B[1][1]                            0.13 
_refine.aniso_B[2][2]                            0.13 
_refine.aniso_B[3][3]                            -0.19 
_refine.aniso_B[1][2]                            0.06 
_refine.aniso_B[1][3]                            0.00 
_refine.aniso_B[2][3]                            0.00 
_refine.solvent_model_details                    MASK 
_refine.solvent_model_param_ksol                 ? 
_refine.solvent_model_param_bsol                 ? 
_refine.pdbx_solvent_vdw_probe_radii             1.20 
_refine.pdbx_solvent_ion_probe_radii             0.80 
_refine.pdbx_solvent_shrinkage_radii             0.80 
_refine.pdbx_ls_cross_valid_method               THROUGHOUT 
_refine.details                                  'HYDROGENS HAVE BEEN ADDED IN THE RIDING POSITIONS.U VALUES REFINED INDIVIDUALLY' 
_refine.pdbx_starting_model                      'PDB ENTRY 1O13' 
_refine.pdbx_method_to_determine_struct          'MOLECULAR REPLACEMENT' 
_refine.pdbx_isotropic_thermal_model             ? 
_refine.pdbx_stereochemistry_target_values       'MAXIMUM LIKELIHOOD' 
_refine.pdbx_stereochem_target_val_spec_case     ? 
_refine.pdbx_R_Free_selection_details            RANDOM 
_refine.pdbx_overall_ESU_R                       0.208 
_refine.pdbx_overall_ESU_R_Free                  0.189 
_refine.overall_SU_ML                            0.117 
_refine.pdbx_overall_phase_error                 ? 
_refine.overall_SU_B                             4.182 
_refine.overall_SU_R_Cruickshank_DPI             ? 
_refine.pdbx_overall_SU_R_free_Cruickshank_DPI   ? 
_refine.pdbx_overall_SU_R_Blow_DPI               ? 
_refine.pdbx_overall_SU_R_free_Blow_DPI          ? 
# 
_refine_hist.pdbx_refine_id                   'X-RAY DIFFRACTION' 
_refine_hist.cycle_id                         LAST 
_refine_hist.pdbx_number_atoms_protein        850 
_refine_hist.pdbx_number_atoms_nucleic_acid   0 
_refine_hist.pdbx_number_atoms_ligand         19 
_refine_hist.number_atoms_solvent             78 
_refine_hist.number_atoms_total               947 
_refine_hist.d_res_high                       2.00 
_refine_hist.d_res_low                        106.00 
# 
loop_
_refine_ls_restr.type 
_refine_ls_restr.dev_ideal 
_refine_ls_restr.dev_ideal_target 
_refine_ls_restr.weight 
_refine_ls_restr.number 
_refine_ls_restr.pdbx_refine_id 
_refine_ls_restr.pdbx_restraint_function 
r_bond_refined_d             0.013  0.022  ? 890  'X-RAY DIFFRACTION' ? 
r_bond_other_d               ?      ?      ? ?    'X-RAY DIFFRACTION' ? 
r_angle_refined_deg          1.650  1.975  ? 1209 'X-RAY DIFFRACTION' ? 
r_angle_other_deg            ?      ?      ? ?    'X-RAY DIFFRACTION' ? 
r_dihedral_angle_1_deg       8.252  5.000  ? 123  'X-RAY DIFFRACTION' ? 
r_dihedral_angle_2_deg       35.580 24.857 ? 35   'X-RAY DIFFRACTION' ? 
r_dihedral_angle_3_deg       18.695 15.000 ? 134  'X-RAY DIFFRACTION' ? 
r_dihedral_angle_4_deg       21.366 15.000 ? 5    'X-RAY DIFFRACTION' ? 
r_chiral_restr               0.140  0.200  ? 136  'X-RAY DIFFRACTION' ? 
r_gen_planes_refined         0.006  0.021  ? 677  'X-RAY DIFFRACTION' ? 
r_gen_planes_other           ?      ?      ? ?    'X-RAY DIFFRACTION' ? 
r_nbd_refined                ?      ?      ? ?    'X-RAY DIFFRACTION' ? 
r_nbd_other                  ?      ?      ? ?    'X-RAY DIFFRACTION' ? 
r_nbtor_refined              ?      ?      ? ?    'X-RAY DIFFRACTION' ? 
r_nbtor_other                ?      ?      ? ?    'X-RAY DIFFRACTION' ? 
r_xyhbond_nbd_refined        ?      ?      ? ?    'X-RAY DIFFRACTION' ? 
r_xyhbond_nbd_other          ?      ?      ? ?    'X-RAY DIFFRACTION' ? 
r_metal_ion_refined          ?      ?      ? ?    'X-RAY DIFFRACTION' ? 
r_metal_ion_other            ?      ?      ? ?    'X-RAY DIFFRACTION' ? 
r_symmetry_vdw_refined       ?      ?      ? ?    'X-RAY DIFFRACTION' ? 
r_symmetry_vdw_other         ?      ?      ? ?    'X-RAY DIFFRACTION' ? 
r_symmetry_hbond_refined     ?      ?      ? ?    'X-RAY DIFFRACTION' ? 
r_symmetry_hbond_other       ?      ?      ? ?    'X-RAY DIFFRACTION' ? 
r_symmetry_metal_ion_refined ?      ?      ? ?    'X-RAY DIFFRACTION' ? 
r_symmetry_metal_ion_other   ?      ?      ? ?    'X-RAY DIFFRACTION' ? 
r_mcbond_it                  0.803  1.500  ? 596  'X-RAY DIFFRACTION' ? 
r_mcbond_other               ?      ?      ? ?    'X-RAY DIFFRACTION' ? 
r_mcangle_it                 1.551  2.000  ? 934  'X-RAY DIFFRACTION' ? 
r_mcangle_other              ?      ?      ? ?    'X-RAY DIFFRACTION' ? 
r_scbond_it                  2.656  3.000  ? 294  'X-RAY DIFFRACTION' ? 
r_scbond_other               ?      ?      ? ?    'X-RAY DIFFRACTION' ? 
r_scangle_it                 4.561  4.500  ? 273  'X-RAY DIFFRACTION' ? 
r_scangle_other              ?      ?      ? ?    'X-RAY DIFFRACTION' ? 
r_long_range_B_refined       ?      ?      ? ?    'X-RAY DIFFRACTION' ? 
r_long_range_B_other         ?      ?      ? ?    'X-RAY DIFFRACTION' ? 
r_rigid_bond_restr           ?      ?      ? ?    'X-RAY DIFFRACTION' ? 
r_sphericity_free            ?      ?      ? ?    'X-RAY DIFFRACTION' ? 
r_sphericity_bonded          ?      ?      ? ?    'X-RAY DIFFRACTION' ? 
# 
_refine_ls_shell.pdbx_refine_id                   'X-RAY DIFFRACTION' 
_refine_ls_shell.pdbx_total_number_of_bins_used   20 
_refine_ls_shell.d_res_high                       2.000 
_refine_ls_shell.d_res_low                        2.052 
_refine_ls_shell.number_reflns_R_work             328 
_refine_ls_shell.R_factor_R_work                  0.193 
_refine_ls_shell.percent_reflns_obs               58.00 
_refine_ls_shell.R_factor_R_free                  0.273 
_refine_ls_shell.R_factor_R_free_error            ? 
_refine_ls_shell.percent_reflns_R_free            ? 
_refine_ls_shell.number_reflns_R_free             20 
_refine_ls_shell.number_reflns_all                ? 
_refine_ls_shell.R_factor_all                     ? 
# 
_struct.entry_id                  2WFB 
_struct.title                     'High resolution structure of the apo form of the orange protein (ORP) from Desulfovibrio gigas' 
_struct.pdbx_model_details        ? 
_struct.pdbx_CASP_flag            ? 
_struct.pdbx_model_type_details   ? 
# 
_struct_keywords.entry_id        2WFB 
_struct_keywords.pdbx_keywords   'BIOSYNTHETIC PROTEIN' 
_struct_keywords.text            'MIXED MOLYBDENUM-COPPER SULPHIDE CLUSTER, ALPHA AND BETA PROTEIN, BIOSYNTHETIC PROTEIN' 
# 
loop_
_struct_asym.id 
_struct_asym.pdbx_blank_PDB_chainid_flag 
_struct_asym.pdbx_modified 
_struct_asym.entity_id 
_struct_asym.details 
A N N 1 ? 
B N N 2 ? 
C N N 2 ? 
D N N 2 ? 
E N N 3 ? 
F N N 4 ? 
# 
_struct_biol.id   1 
# 
loop_
_struct_conf.conf_type_id 
_struct_conf.id 
_struct_conf.pdbx_PDB_helix_id 
_struct_conf.beg_label_comp_id 
_struct_conf.beg_label_asym_id 
_struct_conf.beg_label_seq_id 
_struct_conf.pdbx_beg_PDB_ins_code 
_struct_conf.end_label_comp_id 
_struct_conf.end_label_asym_id 
_struct_conf.end_label_seq_id 
_struct_conf.pdbx_end_PDB_ins_code 
_struct_conf.beg_auth_comp_id 
_struct_conf.beg_auth_asym_id 
_struct_conf.beg_auth_seq_id 
_struct_conf.end_auth_comp_id 
_struct_conf.end_auth_asym_id 
_struct_conf.end_auth_seq_id 
_struct_conf.pdbx_PDB_helix_class 
_struct_conf.details 
_struct_conf.pdbx_PDB_helix_length 
HELX_P HELX_P1 1 ASN A 45 ? THR A 50  ? ASN A 45 THR A 50  1 ? 6  
HELX_P HELX_P2 2 GLY A 54 ? GLY A 67  ? GLY A 54 GLY A 67  1 ? 14 
HELX_P HELX_P3 3 GLY A 77 ? ALA A 87  ? GLY A 77 ALA A 87  1 ? 11 
HELX_P HELX_P4 4 THR A 99 ? ASP A 109 ? THR A 99 ASP A 109 1 ? 11 
# 
_struct_conf_type.id          HELX_P 
_struct_conf_type.criteria    ? 
_struct_conf_type.reference   ? 
# 
_struct_sheet.id               AA 
_struct_sheet.type             ? 
_struct_sheet.number_strands   5 
_struct_sheet.details          ? 
# 
loop_
_struct_sheet_order.sheet_id 
_struct_sheet_order.range_id_1 
_struct_sheet_order.range_id_2 
_struct_sheet_order.offset 
_struct_sheet_order.sense 
AA 1 2 ? anti-parallel 
AA 2 3 ? anti-parallel 
AA 3 4 ? parallel      
AA 4 5 ? parallel      
# 
loop_
_struct_sheet_range.sheet_id 
_struct_sheet_range.id 
_struct_sheet_range.beg_label_comp_id 
_struct_sheet_range.beg_label_asym_id 
_struct_sheet_range.beg_label_seq_id 
_struct_sheet_range.pdbx_beg_PDB_ins_code 
_struct_sheet_range.end_label_comp_id 
_struct_sheet_range.end_label_asym_id 
_struct_sheet_range.end_label_seq_id 
_struct_sheet_range.pdbx_end_PDB_ins_code 
_struct_sheet_range.beg_auth_comp_id 
_struct_sheet_range.beg_auth_asym_id 
_struct_sheet_range.beg_auth_seq_id 
_struct_sheet_range.end_auth_comp_id 
_struct_sheet_range.end_auth_asym_id 
_struct_sheet_range.end_auth_seq_id 
AA 1 ALA A 40 ? ASP A 44 ? ALA A 40 ASP A 44 
AA 2 GLY A 29 ? ASP A 34 ? GLY A 29 ASP A 34 
AA 3 HIS A 3  ? ALA A 11 ? HIS A 3  ALA A 11 
AA 4 ALA A 68 ? LEU A 72 ? ALA A 68 LEU A 72 
AA 5 LYS A 90 ? GLY A 92 ? LYS A 90 GLY A 92 
# 
loop_
_pdbx_struct_sheet_hbond.sheet_id 
_pdbx_struct_sheet_hbond.range_id_1 
_pdbx_struct_sheet_hbond.range_id_2 
_pdbx_struct_sheet_hbond.range_1_label_atom_id 
_pdbx_struct_sheet_hbond.range_1_label_comp_id 
_pdbx_struct_sheet_hbond.range_1_label_asym_id 
_pdbx_struct_sheet_hbond.range_1_label_seq_id 
_pdbx_struct_sheet_hbond.range_1_PDB_ins_code 
_pdbx_struct_sheet_hbond.range_1_auth_atom_id 
_pdbx_struct_sheet_hbond.range_1_auth_comp_id 
_pdbx_struct_sheet_hbond.range_1_auth_asym_id 
_pdbx_struct_sheet_hbond.range_1_auth_seq_id 
_pdbx_struct_sheet_hbond.range_2_label_atom_id 
_pdbx_struct_sheet_hbond.range_2_label_comp_id 
_pdbx_struct_sheet_hbond.range_2_label_asym_id 
_pdbx_struct_sheet_hbond.range_2_label_seq_id 
_pdbx_struct_sheet_hbond.range_2_PDB_ins_code 
_pdbx_struct_sheet_hbond.range_2_auth_atom_id 
_pdbx_struct_sheet_hbond.range_2_auth_comp_id 
_pdbx_struct_sheet_hbond.range_2_auth_asym_id 
_pdbx_struct_sheet_hbond.range_2_auth_seq_id 
AA 1 2 N VAL A 43 ? N VAL A 43 O PHE A 30 ? O PHE A 30 
AA 2 3 N VAL A 33 ? N VAL A 33 O ILE A 7  ? O ILE A 7  
AA 3 4 O ARG A 6  ? O ARG A 6  N GLY A 69 ? N GLY A 69 
AA 4 5 N LEU A 71 ? N LEU A 71 O LYS A 90 ? O LYS A 90 
# 
loop_
_struct_site.id 
_struct_site.pdbx_evidence_code 
_struct_site.pdbx_auth_asym_id 
_struct_site.pdbx_auth_comp_id 
_struct_site.pdbx_auth_seq_id 
_struct_site.pdbx_auth_ins_code 
_struct_site.pdbx_num_residues 
_struct_site.details 
AC1 Software A PO4 1121 ? 9  'BINDING SITE FOR RESIDUE PO4 A 1121' 
AC2 Software A PO4 1122 ? 12 'BINDING SITE FOR RESIDUE PO4 A 1122' 
AC3 Software A PO4 1123 ? 8  'BINDING SITE FOR RESIDUE PO4 A 1123' 
AC4 Software A ACT 1124 ? 5  'BINDING SITE FOR RESIDUE ACT A 1124' 
# 
loop_
_struct_site_gen.id 
_struct_site_gen.site_id 
_struct_site_gen.pdbx_num_res 
_struct_site_gen.label_comp_id 
_struct_site_gen.label_asym_id 
_struct_site_gen.label_seq_id 
_struct_site_gen.pdbx_auth_ins_code 
_struct_site_gen.auth_comp_id 
_struct_site_gen.auth_asym_id 
_struct_site_gen.auth_seq_id 
_struct_site_gen.label_atom_id 
_struct_site_gen.label_alt_id 
_struct_site_gen.symmetry 
_struct_site_gen.details 
1  AC1 9  GLY A 25  ? GLY A 25   . ? 1_555 ? 
2  AC1 9  GLY A 56  ? GLY A 56   . ? 1_555 ? 
3  AC1 9  GLY A 77  ? GLY A 77   . ? 1_555 ? 
4  AC1 9  ALA A 80  ? ALA A 80   . ? 1_555 ? 
5  AC1 9  LYS A 120 ? LYS A 120  . ? 1_555 ? 
6  AC1 9  PO4 C .   ? PO4 A 1122 . ? 1_555 ? 
7  AC1 9  PO4 D .   ? PO4 A 1123 . ? 1_555 ? 
8  AC1 9  HOH F .   ? HOH A 2070 . ? 1_555 ? 
9  AC1 9  HOH F .   ? HOH A 2072 . ? 1_555 ? 
10 AC2 12 ARG A 26  ? ARG A 26   . ? 1_555 ? 
11 AC2 12 HIS A 53  ? HIS A 53   . ? 1_555 ? 
12 AC2 12 GLY A 54  ? GLY A 54   . ? 1_555 ? 
13 AC2 12 ALA A 55  ? ALA A 55   . ? 1_555 ? 
14 AC2 12 GLY A 56  ? GLY A 56   . ? 1_555 ? 
15 AC2 12 LYS A 120 ? LYS A 120  . ? 6_555 ? 
16 AC2 12 PO4 B .   ? PO4 A 1121 . ? 1_555 ? 
17 AC2 12 PO4 D .   ? PO4 A 1123 . ? 1_555 ? 
18 AC2 12 HOH F .   ? HOH A 2073 . ? 1_555 ? 
19 AC2 12 HOH F .   ? HOH A 2074 . ? 1_555 ? 
20 AC2 12 HOH F .   ? HOH A 2075 . ? 6_555 ? 
21 AC2 12 HOH F .   ? HOH A 2075 . ? 1_555 ? 
22 AC3 8  GLY A 77  ? GLY A 77   . ? 1_555 ? 
23 AC3 8  PRO A 78  ? PRO A 78   . ? 1_555 ? 
24 AC3 8  LYS A 79  ? LYS A 79   . ? 1_555 ? 
25 AC3 8  ALA A 80  ? ALA A 80   . ? 1_555 ? 
26 AC3 8  PO4 B .   ? PO4 A 1121 . ? 1_555 ? 
27 AC3 8  PO4 C .   ? PO4 A 1122 . ? 1_555 ? 
28 AC3 8  HOH F .   ? HOH A 2074 . ? 1_555 ? 
29 AC3 8  HOH F .   ? HOH A 2077 . ? 1_555 ? 
30 AC4 5  ARG A 23  ? ARG A 23   . ? 6_555 ? 
31 AC4 5  ARG A 23  ? ARG A 23   . ? 1_555 ? 
32 AC4 5  ARG A 26  ? ARG A 26   . ? 1_555 ? 
33 AC4 5  GLN A 49  ? GLN A 49   . ? 1_555 ? 
34 AC4 5  HOH F .   ? HOH A 2078 . ? 1_555 ? 
# 
_atom_sites.entry_id                    2WFB 
_atom_sites.fract_transf_matrix[1][1]   -0.00396690 
_atom_sites.fract_transf_matrix[1][2]   -0.01982424 
_atom_sites.fract_transf_matrix[1][3]   0.01760019 
_atom_sites.fract_transf_matrix[2][1]   -0.02142980 
_atom_sites.fract_transf_matrix[2][2]   0.00045662 
_atom_sites.fract_transf_matrix[2][3]   0.01609545 
_atom_sites.fract_transf_matrix[3][1]   -0.00495523 
_atom_sites.fract_transf_matrix[3][2]   -0.00474623 
_atom_sites.fract_transf_matrix[3][3]   -0.00646285 
_atom_sites.fract_transf_vector[1]      0.362665 
_atom_sites.fract_transf_vector[2]      0.881928 
_atom_sites.fract_transf_vector[3]      0.090703 
# 
loop_
_atom_type.symbol 
C 
N 
O 
P 
S 
# 
loop_
_atom_site.group_PDB 
_atom_site.id 
_atom_site.type_symbol 
_atom_site.label_atom_id 
_atom_site.label_alt_id 
_atom_site.label_comp_id 
_atom_site.label_asym_id 
_atom_site.label_entity_id 
_atom_site.label_seq_id 
_atom_site.pdbx_PDB_ins_code 
_atom_site.Cartn_x 
_atom_site.Cartn_y 
_atom_site.Cartn_z 
_atom_site.occupancy 
_atom_site.B_iso_or_equiv 
_atom_site.pdbx_formal_charge 
_atom_site.auth_seq_id 
_atom_site.auth_comp_id 
_atom_site.auth_asym_id 
_atom_site.auth_atom_id 
_atom_site.pdbx_PDB_model_num 
ATOM   1   N N   . ALA A 1 1   ? -10.793 -11.848 5.443   1.00 42.14 ? 1    ALA A N   1 
ATOM   2   C CA  . ALA A 1 1   ? -10.994 -10.414 5.841   1.00 41.38 ? 1    ALA A CA  1 
ATOM   3   C C   . ALA A 1 1   ? -9.655  -9.677  5.981   1.00 40.80 ? 1    ALA A C   1 
ATOM   4   O O   . ALA A 1 1   ? -8.583  -10.310 5.967   1.00 41.00 ? 1    ALA A O   1 
ATOM   5   C CB  . ALA A 1 1   ? -11.818 -10.315 7.141   1.00 41.56 ? 1    ALA A CB  1 
ATOM   6   N N   . SER A 1 2   ? -9.717  -8.349  6.097   1.00 39.21 ? 2    SER A N   1 
ATOM   7   C CA  . SER A 1 2   ? -8.510  -7.532  6.277   1.00 37.74 ? 2    SER A CA  1 
ATOM   8   C C   . SER A 1 2   ? -8.017  -7.590  7.727   1.00 36.45 ? 2    SER A C   1 
ATOM   9   O O   . SER A 1 2   ? -8.805  -7.472  8.660   1.00 36.50 ? 2    SER A O   1 
ATOM   10  C CB  . SER A 1 2   ? -8.780  -6.083  5.880   1.00 37.62 ? 2    SER A CB  1 
ATOM   11  O OG  . SER A 1 2   ? -9.846  -5.563  6.651   1.00 38.28 ? 2    SER A OG  1 
ATOM   12  N N   . HIS A 1 3   ? -6.713  -7.769  7.899   1.00 34.64 ? 3    HIS A N   1 
ATOM   13  C CA  . HIS A 1 3   ? -6.091  -7.824  9.205   1.00 33.03 ? 3    HIS A CA  1 
ATOM   14  C C   . HIS A 1 3   ? -5.286  -6.550  9.419   1.00 31.18 ? 3    HIS A C   1 
ATOM   15  O O   . HIS A 1 3   ? -4.361  -6.252  8.674   1.00 30.08 ? 3    HIS A O   1 
ATOM   16  C CB  . HIS A 1 3   ? -5.214  -9.057  9.269   1.00 33.79 ? 3    HIS A CB  1 
ATOM   17  C CG  . HIS A 1 3   ? -5.880  -10.265 8.696   1.00 37.12 ? 3    HIS A CG  1 
ATOM   18  N ND1 . HIS A 1 3   ? -6.671  -11.102 9.453   1.00 39.16 ? 3    HIS A ND1 1 
ATOM   19  C CD2 . HIS A 1 3   ? -5.937  -10.735 7.427   1.00 38.72 ? 3    HIS A CD2 1 
ATOM   20  C CE1 . HIS A 1 3   ? -7.159  -12.057 8.680   1.00 39.95 ? 3    HIS A CE1 1 
ATOM   21  N NE2 . HIS A 1 3   ? -6.735  -11.853 7.444   1.00 40.17 ? 3    HIS A NE2 1 
ATOM   22  N N   . MET A 1 4   ? -5.660  -5.795  10.443  1.00 29.06 ? 4    MET A N   1 
ATOM   23  C CA  . MET A 1 4   ? -5.120  -4.454  10.671  1.00 27.18 ? 4    MET A CA  1 
ATOM   24  C C   . MET A 1 4   ? -3.575  -4.380  10.769  1.00 25.06 ? 4    MET A C   1 
ATOM   25  O O   . MET A 1 4   ? -2.962  -3.422  10.277  1.00 25.31 ? 4    MET A O   1 
ATOM   26  C CB  . MET A 1 4   ? -5.798  -3.838  11.904  1.00 28.15 ? 4    MET A CB  1 
ATOM   27  C CG  . MET A 1 4   ? -5.289  -2.479  12.271  1.00 28.29 ? 4    MET A CG  1 
ATOM   28  S SD  . MET A 1 4   ? -5.812  -1.208  11.129  1.00 31.65 ? 4    MET A SD  1 
ATOM   29  C CE  . MET A 1 4   ? -5.229  0.226   12.048  1.00 26.57 ? 4    MET A CE  1 
ATOM   30  N N   . GLN A 1 5   ? -2.968  -5.396  11.367  1.00 22.74 ? 5    GLN A N   1 
ATOM   31  C CA  . GLN A 1 5   ? -1.517  -5.466  11.522  1.00 21.28 ? 5    GLN A CA  1 
ATOM   32  C C   . GLN A 1 5   ? -0.770  -6.019  10.313  1.00 20.77 ? 5    GLN A C   1 
ATOM   33  O O   . GLN A 1 5   ? 0.423   -6.268  10.406  1.00 20.32 ? 5    GLN A O   1 
ATOM   34  C CB  . GLN A 1 5   ? -1.142  -6.274  12.761  1.00 21.40 ? 5    GLN A CB  1 
ATOM   35  C CG  . GLN A 1 5   ? -1.460  -5.580  14.071  1.00 20.59 ? 5    GLN A CG  1 
ATOM   36  C CD  . GLN A 1 5   ? -1.147  -6.458  15.283  1.00 20.33 ? 5    GLN A CD  1 
ATOM   37  O OE1 . GLN A 1 5   ? -1.671  -7.566  15.405  1.00 18.68 ? 5    GLN A OE1 1 
ATOM   38  N NE2 . GLN A 1 5   ? -0.282  -5.966  16.172  1.00 18.55 ? 5    GLN A NE2 1 
ATOM   39  N N   . ARG A 1 6   ? -1.466  -6.226  9.189   1.00 20.23 ? 6    ARG A N   1 
ATOM   40  C CA  . ARG A 1 6   ? -0.786  -6.524  7.906   1.00 19.91 ? 6    ARG A CA  1 
ATOM   41  C C   . ARG A 1 6   ? -0.748  -5.253  7.092   1.00 18.35 ? 6    ARG A C   1 
ATOM   42  O O   . ARG A 1 6   ? -1.772  -4.764  6.604   1.00 17.18 ? 6    ARG A O   1 
ATOM   43  C CB  . ARG A 1 6   ? -1.474  -7.621  7.085   1.00 20.70 ? 6    ARG A CB  1 
ATOM   44  C CG  . ARG A 1 6   ? -2.106  -8.688  7.896   1.00 25.68 ? 6    ARG A CG  1 
ATOM   45  C CD  . ARG A 1 6   ? -1.271  -9.938  8.015   1.00 36.50 ? 6    ARG A CD  1 
ATOM   46  N NE  . ARG A 1 6   ? -2.136  -11.084 7.715   1.00 41.81 ? 6    ARG A NE  1 
ATOM   47  C CZ  . ARG A 1 6   ? -2.209  -11.658 6.523   1.00 44.88 ? 6    ARG A CZ  1 
ATOM   48  N NH1 . ARG A 1 6   ? -1.433  -11.217 5.535   1.00 46.86 ? 6    ARG A NH1 1 
ATOM   49  N NH2 . ARG A 1 6   ? -3.043  -12.670 6.322   1.00 45.66 ? 6    ARG A NH2 1 
ATOM   50  N N   . ILE A 1 7   ? 0.451   -4.711  6.998   1.00 17.65 ? 7    ILE A N   1 
ATOM   51  C CA  . ILE A 1 7   ? 0.669   -3.397  6.412   1.00 16.34 ? 7    ILE A CA  1 
ATOM   52  C C   . ILE A 1 7   ? 1.265   -3.599  5.017   1.00 15.53 ? 7    ILE A C   1 
ATOM   53  O O   . ILE A 1 7   ? 2.335   -4.162  4.898   1.00 15.49 ? 7    ILE A O   1 
ATOM   54  C CB  . ILE A 1 7   ? 1.623   -2.563  7.279   1.00 16.17 ? 7    ILE A CB  1 
ATOM   55  C CG1 . ILE A 1 7   ? 1.099   -2.481  8.728   1.00 16.77 ? 7    ILE A CG1 1 
ATOM   56  C CG2 . ILE A 1 7   ? 1.819   -1.190  6.626   1.00 15.52 ? 7    ILE A CG2 1 
ATOM   57  C CD1 . ILE A 1 7   ? 2.107   -1.958  9.757   1.00 19.79 ? 7    ILE A CD1 1 
ATOM   58  N N   . ALA A 1 8   ? 0.540   -3.175  3.978   1.00 14.50 ? 8    ALA A N   1 
ATOM   59  C CA  . ALA A 1 8   ? 1.058   -3.199  2.621   1.00 14.74 ? 8    ALA A CA  1 
ATOM   60  C C   . ALA A 1 8   ? 1.692   -1.846  2.284   1.00 14.04 ? 8    ALA A C   1 
ATOM   61  O O   . ALA A 1 8   ? 1.157   -0.801  2.602   1.00 15.00 ? 8    ALA A O   1 
ATOM   62  C CB  . ALA A 1 8   ? -0.039  -3.520  1.629   1.00 13.44 ? 8    ALA A CB  1 
ATOM   63  N N   . VAL A 1 9   ? 2.849   -1.880  1.652   1.00 13.69 ? 9    VAL A N   1 
ATOM   64  C CA  . VAL A 1 9   ? 3.518   -0.654  1.268   1.00 12.99 ? 9    VAL A CA  1 
ATOM   65  C C   . VAL A 1 9   ? 3.852   -0.789  -0.212  1.00 13.36 ? 9    VAL A C   1 
ATOM   66  O O   . VAL A 1 9   ? 4.477   -1.771  -0.595  1.00 12.76 ? 9    VAL A O   1 
ATOM   67  C CB  . VAL A 1 9   ? 4.812   -0.419  2.075   1.00 13.25 ? 9    VAL A CB  1 
ATOM   68  C CG1 . VAL A 1 9   ? 5.438   0.945   1.713   1.00 13.80 ? 9    VAL A CG1 1 
ATOM   69  C CG2 . VAL A 1 9   ? 4.562   -0.476  3.584   1.00 9.62  ? 9    VAL A CG2 1 
ATOM   70  N N   . THR A 1 10  ? 3.438   0.189   -1.031  1.00 12.76 ? 10   THR A N   1 
ATOM   71  C CA  . THR A 1 10  ? 3.804   0.204   -2.458  1.00 13.60 ? 10   THR A CA  1 
ATOM   72  C C   . THR A 1 10  ? 5.317   0.255   -2.632  1.00 14.39 ? 10   THR A C   1 
ATOM   73  O O   . THR A 1 10  ? 6.007   1.008   -1.953  1.00 13.95 ? 10   THR A O   1 
ATOM   74  C CB  . THR A 1 10  ? 3.142   1.347   -3.230  1.00 13.44 ? 10   THR A CB  1 
ATOM   75  O OG1 . THR A 1 10  ? 3.461   2.598   -2.600  1.00 13.88 ? 10   THR A OG1 1 
ATOM   76  C CG2 . THR A 1 10  ? 1.630   1.168   -3.238  1.00 15.48 ? 10   THR A CG2 1 
ATOM   77  N N   . ALA A 1 11  ? 5.834   -0.582  -3.533  1.00 15.09 ? 11   ALA A N   1 
ATOM   78  C CA  . ALA A 1 11  ? 7.260   -0.820  -3.594  1.00 15.72 ? 11   ALA A CA  1 
ATOM   79  C C   . ALA A 1 11  ? 7.736   -0.926  -5.036  1.00 17.11 ? 11   ALA A C   1 
ATOM   80  O O   . ALA A 1 11  ? 6.986   -1.325  -5.927  1.00 16.84 ? 11   ALA A O   1 
ATOM   81  C CB  . ALA A 1 11  ? 7.615   -2.067  -2.822  1.00 14.26 ? 11   ALA A CB  1 
ATOM   82  N N   . GLU A 1 12  ? 8.995   -0.571  -5.251  1.00 18.52 ? 12   GLU A N   1 
ATOM   83  C CA  . GLU A 1 12  ? 9.577   -0.551  -6.576  1.00 20.75 ? 12   GLU A CA  1 
ATOM   84  C C   . GLU A 1 12  ? 10.198  -1.912  -6.904  1.00 22.42 ? 12   GLU A C   1 
ATOM   85  O O   . GLU A 1 12  ? 10.636  -2.154  -8.029  1.00 23.73 ? 12   GLU A O   1 
ATOM   86  C CB  . GLU A 1 12  ? 10.568  0.646   -6.677  1.00 21.19 ? 12   GLU A CB  1 
ATOM   87  C CG  . GLU A 1 12  ? 9.823   1.989   -6.937  1.00 23.03 ? 12   GLU A CG  1 
ATOM   88  C CD  . GLU A 1 12  ? 10.470  3.233   -6.339  1.00 26.38 ? 12   GLU A CD  1 
ATOM   89  O OE1 . GLU A 1 12  ? 11.601  3.167   -5.828  1.00 26.69 ? 12   GLU A OE1 1 
ATOM   90  O OE2 . GLU A 1 12  ? 9.836   4.306   -6.397  1.00 26.18 ? 12   GLU A OE2 1 
ATOM   91  N N   . GLY A 1 13  ? 10.154  -2.816  -5.925  1.00 22.99 ? 13   GLY A N   1 
ATOM   92  C CA  . GLY A 1 13  ? 10.759  -4.144  -5.974  1.00 23.23 ? 13   GLY A CA  1 
ATOM   93  C C   . GLY A 1 13  ? 10.893  -4.688  -4.542  1.00 24.07 ? 13   GLY A C   1 
ATOM   94  O O   . GLY A 1 13  ? 10.467  -4.037  -3.576  1.00 23.04 ? 13   GLY A O   1 
ATOM   95  N N   . PRO A 1 14  ? 11.489  -5.877  -4.387  1.00 24.43 ? 14   PRO A N   1 
ATOM   96  C CA  . PRO A 1 14  ? 11.558  -6.522  -3.052  1.00 24.76 ? 14   PRO A CA  1 
ATOM   97  C C   . PRO A 1 14  ? 12.548  -5.843  -2.091  1.00 24.83 ? 14   PRO A C   1 
ATOM   98  O O   . PRO A 1 14  ? 13.474  -5.187  -2.545  1.00 25.29 ? 14   PRO A O   1 
ATOM   99  C CB  . PRO A 1 14  ? 12.015  -7.961  -3.359  1.00 25.06 ? 14   PRO A CB  1 
ATOM   100 C CG  . PRO A 1 14  ? 12.002  -8.101  -4.874  1.00 25.24 ? 14   PRO A CG  1 
ATOM   101 C CD  . PRO A 1 14  ? 12.055  -6.714  -5.461  1.00 24.82 ? 14   PRO A CD  1 
ATOM   102 N N   . GLY A 1 15  ? 12.337  -5.983  -0.781  1.00 24.83 ? 15   GLY A N   1 
ATOM   103 C CA  . GLY A 1 15  ? 13.301  -5.504  0.207   1.00 24.32 ? 15   GLY A CA  1 
ATOM   104 C C   . GLY A 1 15  ? 12.766  -4.413  1.103   1.00 24.46 ? 15   GLY A C   1 
ATOM   105 O O   . GLY A 1 15  ? 12.057  -3.518  0.647   1.00 24.94 ? 15   GLY A O   1 
ATOM   106 N N   . LEU A 1 16  ? 13.126  -4.469  2.380   1.00 23.72 ? 16   LEU A N   1 
ATOM   107 C CA  . LEU A 1 16  ? 12.659  -3.484  3.338   1.00 23.58 ? 16   LEU A CA  1 
ATOM   108 C C   . LEU A 1 16  ? 13.331  -2.128  3.190   1.00 22.83 ? 16   LEU A C   1 
ATOM   109 O O   . LEU A 1 16  ? 12.810  -1.123  3.643   1.00 22.79 ? 16   LEU A O   1 
ATOM   110 C CB  . LEU A 1 16  ? 12.820  -4.012  4.766   1.00 24.33 ? 16   LEU A CB  1 
ATOM   111 C CG  . LEU A 1 16  ? 11.781  -5.056  5.217   1.00 25.24 ? 16   LEU A CG  1 
ATOM   112 C CD1 . LEU A 1 16  ? 12.189  -5.657  6.552   1.00 26.29 ? 16   LEU A CD1 1 
ATOM   113 C CD2 . LEU A 1 16  ? 10.393  -4.445  5.315   1.00 24.61 ? 16   LEU A CD2 1 
ATOM   114 N N   . ASP A 1 17  ? 14.484  -2.085  2.534   1.00 22.25 ? 17   ASP A N   1 
ATOM   115 C CA  . ASP A 1 17  ? 15.213  -0.836  2.438   1.00 21.98 ? 17   ASP A CA  1 
ATOM   116 C C   . ASP A 1 17  ? 15.140  -0.147  1.085   1.00 20.70 ? 17   ASP A C   1 
ATOM   117 O O   . ASP A 1 17  ? 15.768  0.885   0.893   1.00 20.89 ? 17   ASP A O   1 
ATOM   118 C CB  . ASP A 1 17  ? 16.644  -1.006  2.958   1.00 22.90 ? 17   ASP A CB  1 
ATOM   119 C CG  . ASP A 1 17  ? 16.674  -1.361  4.451   1.00 26.27 ? 17   ASP A CG  1 
ATOM   120 O OD1 . ASP A 1 17  ? 16.113  -0.588  5.285   1.00 28.21 ? 17   ASP A OD1 1 
ATOM   121 O OD2 . ASP A 1 17  ? 17.233  -2.432  4.782   1.00 30.99 ? 17   ASP A OD2 1 
ATOM   122 N N   . GLY A 1 18  ? 14.353  -0.696  0.160   1.00 19.81 ? 18   GLY A N   1 
ATOM   123 C CA  . GLY A 1 18  ? 14.023  0.012   -1.084  1.00 18.24 ? 18   GLY A CA  1 
ATOM   124 C C   . GLY A 1 18  ? 13.012  1.111   -0.794  1.00 17.15 ? 18   GLY A C   1 
ATOM   125 O O   . GLY A 1 18  ? 12.376  1.100   0.245   1.00 16.94 ? 18   GLY A O   1 
ATOM   126 N N   . LEU A 1 19  ? 12.826  2.042   -1.724  1.00 15.91 ? 19   LEU A N   1 
ATOM   127 C CA  . LEU A 1 19  ? 11.942  3.188   -1.508  1.00 15.00 ? 19   LEU A CA  1 
ATOM   128 C C   . LEU A 1 19  ? 10.498  2.817   -1.727  1.00 14.86 ? 19   LEU A C   1 
ATOM   129 O O   . LEU A 1 19  ? 10.224  1.928   -2.508  1.00 14.47 ? 19   LEU A O   1 
ATOM   130 C CB  . LEU A 1 19  ? 12.284  4.328   -2.479  1.00 15.21 ? 19   LEU A CB  1 
ATOM   131 C CG  . LEU A 1 19  ? 13.619  5.041   -2.303  1.00 16.22 ? 19   LEU A CG  1 
ATOM   132 C CD1 . LEU A 1 19  ? 13.806  5.966   -3.496  1.00 18.39 ? 19   LEU A CD1 1 
ATOM   133 C CD2 . LEU A 1 19  ? 13.645  5.816   -0.996  1.00 17.02 ? 19   LEU A CD2 1 
ATOM   134 N N   . VAL A 1 20  ? 9.576   3.525   -1.072  1.00 13.77 ? 20   VAL A N   1 
ATOM   135 C CA  . VAL A 1 20  ? 8.185   3.362   -1.425  1.00 14.85 ? 20   VAL A CA  1 
ATOM   136 C C   . VAL A 1 20  ? 7.944   3.902   -2.853  1.00 15.30 ? 20   VAL A C   1 
ATOM   137 O O   . VAL A 1 20  ? 8.506   4.952   -3.263  1.00 14.94 ? 20   VAL A O   1 
ATOM   138 C CB  . VAL A 1 20  ? 7.127   3.889   -0.330  1.00 15.43 ? 20   VAL A CB  1 
ATOM   139 C CG1 . VAL A 1 20  ? 7.728   4.149   1.027   1.00 13.02 ? 20   VAL A CG1 1 
ATOM   140 C CG2 . VAL A 1 20  ? 6.275   5.020   -0.796  1.00 15.53 ? 20   VAL A CG2 1 
ATOM   141 N N   . ASP A 1 21  ? 7.185   3.137   -3.622  1.00 14.77 ? 21   ASP A N   1 
ATOM   142 C CA  . ASP A 1 21  ? 6.767   3.545   -4.959  1.00 15.48 ? 21   ASP A CA  1 
ATOM   143 C C   . ASP A 1 21  ? 5.727   4.645   -4.763  1.00 15.71 ? 21   ASP A C   1 
ATOM   144 O O   . ASP A 1 21  ? 4.737   4.403   -4.085  1.00 16.19 ? 21   ASP A O   1 
ATOM   145 C CB  . ASP A 1 21  ? 6.126   2.341   -5.660  1.00 15.85 ? 21   ASP A CB  1 
ATOM   146 C CG  . ASP A 1 21  ? 6.065   2.489   -7.179  1.00 18.85 ? 21   ASP A CG  1 
ATOM   147 O OD1 . ASP A 1 21  ? 5.704   3.574   -7.685  1.00 17.56 ? 21   ASP A OD1 1 
ATOM   148 O OD2 . ASP A 1 21  ? 6.392   1.499   -7.865  1.00 19.71 ? 21   ASP A OD2 1 
ATOM   149 N N   . PRO A 1 22  ? 5.919   5.846   -5.366  1.00 15.99 ? 22   PRO A N   1 
ATOM   150 C CA  . PRO A 1 22  ? 4.894   6.892   -5.241  1.00 16.40 ? 22   PRO A CA  1 
ATOM   151 C C   . PRO A 1 22  ? 3.537   6.508   -5.844  1.00 16.50 ? 22   PRO A C   1 
ATOM   152 O O   . PRO A 1 22  ? 2.543   7.154   -5.554  1.00 16.69 ? 22   PRO A O   1 
ATOM   153 C CB  . PRO A 1 22  ? 5.473   8.087   -6.015  1.00 16.21 ? 22   PRO A CB  1 
ATOM   154 C CG  . PRO A 1 22  ? 6.864   7.761   -6.280  1.00 17.32 ? 22   PRO A CG  1 
ATOM   155 C CD  . PRO A 1 22  ? 7.038   6.278   -6.217  1.00 16.27 ? 22   PRO A CD  1 
ATOM   156 N N   . ARG A 1 23  ? 3.494   5.466   -6.663  1.00 15.40 ? 23   ARG A N   1 
ATOM   157 C CA  . ARG A 1 23  ? 2.264   5.127   -7.352  1.00 15.22 ? 23   ARG A CA  1 
ATOM   158 C C   . ARG A 1 23  ? 1.627   3.933   -6.710  1.00 14.55 ? 23   ARG A C   1 
ATOM   159 O O   . ARG A 1 23  ? 2.299   3.114   -6.065  1.00 14.15 ? 23   ARG A O   1 
ATOM   160 C CB  . ARG A 1 23  ? 2.545   4.832   -8.815  1.00 16.28 ? 23   ARG A CB  1 
ATOM   161 C CG  . ARG A 1 23  ? 2.958   6.053   -9.543  1.00 18.92 ? 23   ARG A CG  1 
ATOM   162 C CD  . ARG A 1 23  ? 3.815   5.664   -10.680 1.00 25.32 ? 23   ARG A CD  1 
ATOM   163 N NE  . ARG A 1 23  ? 2.955   5.434   -11.795 1.00 26.39 ? 23   ARG A NE  1 
ATOM   164 C CZ  . ARG A 1 23  ? 3.223   4.640   -12.818 1.00 26.41 ? 23   ARG A CZ  1 
ATOM   165 N NH1 . ARG A 1 23  ? 4.352   3.943   -12.888 1.00 29.21 ? 23   ARG A NH1 1 
ATOM   166 N NH2 . ARG A 1 23  ? 2.336   4.548   -13.770 1.00 20.62 ? 23   ARG A NH2 1 
ATOM   167 N N   . PHE A 1 24  ? 0.318   3.842   -6.863  1.00 14.40 ? 24   PHE A N   1 
ATOM   168 C CA  . PHE A 1 24  ? -0.416  2.733   -6.276  1.00 13.78 ? 24   PHE A CA  1 
ATOM   169 C C   . PHE A 1 24  ? -0.811  1.649   -7.284  1.00 14.09 ? 24   PHE A C   1 
ATOM   170 O O   . PHE A 1 24  ? -0.273  0.551   -7.246  1.00 14.70 ? 24   PHE A O   1 
ATOM   171 C CB  . PHE A 1 24  ? -1.635  3.191   -5.476  1.00 12.34 ? 24   PHE A CB  1 
ATOM   172 C CG  . PHE A 1 24  ? -2.526  2.044   -5.083  1.00 13.70 ? 24   PHE A CG  1 
ATOM   173 C CD1 . PHE A 1 24  ? -2.061  1.058   -4.199  1.00 11.30 ? 24   PHE A CD1 1 
ATOM   174 C CD2 . PHE A 1 24  ? -3.787  1.897   -5.648  1.00 12.81 ? 24   PHE A CD2 1 
ATOM   175 C CE1 . PHE A 1 24  ? -2.863  -0.019  -3.861  1.00 13.09 ? 24   PHE A CE1 1 
ATOM   176 C CE2 . PHE A 1 24  ? -4.581  0.814   -5.313  1.00 14.54 ? 24   PHE A CE2 1 
ATOM   177 C CZ  . PHE A 1 24  ? -4.100  -0.149  -4.395  1.00 13.83 ? 24   PHE A CZ  1 
ATOM   178 N N   . GLY A 1 25  ? -1.749  1.952   -8.183  1.00 14.46 ? 25   GLY A N   1 
ATOM   179 C CA  . GLY A 1 25  ? -2.270  0.947   -9.114  1.00 14.00 ? 25   GLY A CA  1 
ATOM   180 C C   . GLY A 1 25  ? -1.213  0.329   -10.002 1.00 14.68 ? 25   GLY A C   1 
ATOM   181 O O   . GLY A 1 25  ? -1.293  -0.861  -10.341 1.00 14.33 ? 25   GLY A O   1 
ATOM   182 N N   . ARG A 1 26  ? -0.206  1.134   -10.338 1.00 14.86 ? 26   ARG A N   1 
ATOM   183 C CA  . ARG A 1 26  ? 0.866   0.739   -11.236 1.00 14.91 ? 26   ARG A CA  1 
ATOM   184 C C   . ARG A 1 26  ? 2.222   0.623   -10.519 1.00 14.83 ? 26   ARG A C   1 
ATOM   185 O O   . ARG A 1 26  ? 3.285   0.660   -11.169 1.00 15.45 ? 26   ARG A O   1 
ATOM   186 C CB  . ARG A 1 26  ? 0.915   1.687   -12.461 1.00 15.42 ? 26   ARG A CB  1 
ATOM   187 C CG  . ARG A 1 26  ? -0.417  1.616   -13.262 1.00 17.06 ? 26   ARG A CG  1 
ATOM   188 C CD  . ARG A 1 26  ? -0.560  2.588   -14.432 1.00 19.15 ? 26   ARG A CD  1 
ATOM   189 N NE  . ARG A 1 26  ? -1.906  2.421   -14.977 1.00 20.15 ? 26   ARG A NE  1 
ATOM   190 C CZ  . ARG A 1 26  ? -2.262  1.517   -15.892 1.00 23.23 ? 26   ARG A CZ  1 
ATOM   191 N NH1 . ARG A 1 26  ? -1.376  0.688   -16.419 1.00 23.16 ? 26   ARG A NH1 1 
ATOM   192 N NH2 . ARG A 1 26  ? -3.528  1.443   -16.287 1.00 24.87 ? 26   ARG A NH2 1 
ATOM   193 N N   . ALA A 1 27  ? 2.192   0.464   -9.192  1.00 13.16 ? 27   ALA A N   1 
ATOM   194 C CA  . ALA A 1 27  ? 3.393   0.079   -8.443  1.00 12.66 ? 27   ALA A CA  1 
ATOM   195 C C   . ALA A 1 27  ? 3.957   -1.230  -8.968  1.00 12.40 ? 27   ALA A C   1 
ATOM   196 O O   . ALA A 1 27  ? 3.215   -2.099  -9.436  1.00 12.46 ? 27   ALA A O   1 
ATOM   197 C CB  . ALA A 1 27  ? 3.066   -0.063  -6.946  1.00 13.17 ? 27   ALA A CB  1 
ATOM   198 N N   . ALA A 1 28  ? 5.271   -1.408  -8.880  1.00 13.14 ? 28   ALA A N   1 
ATOM   199 C CA  . ALA A 1 28  ? 5.885   -2.717  -9.235  1.00 13.78 ? 28   ALA A CA  1 
ATOM   200 C C   . ALA A 1 28  ? 5.301   -3.863  -8.366  1.00 13.80 ? 28   ALA A C   1 
ATOM   201 O O   . ALA A 1 28  ? 5.102   -4.991  -8.833  1.00 13.06 ? 28   ALA A O   1 
ATOM   202 C CB  . ALA A 1 28  ? 7.447   -2.661  -9.119  1.00 13.24 ? 28   ALA A CB  1 
ATOM   203 N N   . GLY A 1 29  ? 5.021   -3.549  -7.104  1.00 13.19 ? 29   GLY A N   1 
ATOM   204 C CA  . GLY A 1 29  ? 4.528   -4.529  -6.164  1.00 12.87 ? 29   GLY A CA  1 
ATOM   205 C C   . GLY A 1 29  ? 4.332   -3.894  -4.803  1.00 13.14 ? 29   GLY A C   1 
ATOM   206 O O   . GLY A 1 29  ? 4.381   -2.666  -4.664  1.00 12.60 ? 29   GLY A O   1 
ATOM   207 N N   . PHE A 1 30  ? 4.122   -4.748  -3.801  1.00 13.16 ? 30   PHE A N   1 
ATOM   208 C CA  . PHE A 1 30  ? 3.824   -4.343  -2.428  1.00 13.42 ? 30   PHE A CA  1 
ATOM   209 C C   . PHE A 1 30  ? 4.646   -5.199  -1.517  1.00 13.87 ? 30   PHE A C   1 
ATOM   210 O O   . PHE A 1 30  ? 4.652   -6.421  -1.652  1.00 14.11 ? 30   PHE A O   1 
ATOM   211 C CB  . PHE A 1 30  ? 2.348   -4.572  -2.066  1.00 13.19 ? 30   PHE A CB  1 
ATOM   212 C CG  . PHE A 1 30  ? 1.388   -4.057  -3.094  1.00 14.00 ? 30   PHE A CG  1 
ATOM   213 C CD1 . PHE A 1 30  ? 1.106   -2.709  -3.182  1.00 15.92 ? 30   PHE A CD1 1 
ATOM   214 C CD2 . PHE A 1 30  ? 0.781   -4.928  -3.989  1.00 15.83 ? 30   PHE A CD2 1 
ATOM   215 C CE1 . PHE A 1 30  ? 0.234   -2.217  -4.161  1.00 17.98 ? 30   PHE A CE1 1 
ATOM   216 C CE2 . PHE A 1 30  ? -0.094  -4.437  -4.963  1.00 19.75 ? 30   PHE A CE2 1 
ATOM   217 C CZ  . PHE A 1 30  ? -0.368  -3.085  -5.035  1.00 19.33 ? 30   PHE A CZ  1 
ATOM   218 N N   . VAL A 1 31  ? 5.354   -4.562  -0.599  1.00 14.16 ? 31   VAL A N   1 
ATOM   219 C CA  . VAL A 1 31  ? 5.959   -5.276  0.502   1.00 15.38 ? 31   VAL A CA  1 
ATOM   220 C C   . VAL A 1 31  ? 4.902   -5.296  1.603   1.00 16.40 ? 31   VAL A C   1 
ATOM   221 O O   . VAL A 1 31  ? 4.459   -4.245  2.069   1.00 16.98 ? 31   VAL A O   1 
ATOM   222 C CB  . VAL A 1 31  ? 7.251   -4.595  0.992   1.00 15.55 ? 31   VAL A CB  1 
ATOM   223 C CG1 . VAL A 1 31  ? 7.771   -5.271  2.291   1.00 16.46 ? 31   VAL A CG1 1 
ATOM   224 C CG2 . VAL A 1 31  ? 8.310   -4.660  -0.062  1.00 14.98 ? 31   VAL A CG2 1 
ATOM   225 N N   . VAL A 1 32  ? 4.473   -6.496  1.980   1.00 17.33 ? 32   VAL A N   1 
ATOM   226 C CA  . VAL A 1 32  ? 3.446   -6.683  2.994   1.00 18.56 ? 32   VAL A CA  1 
ATOM   227 C C   . VAL A 1 32  ? 4.115   -7.145  4.293   1.00 19.95 ? 32   VAL A C   1 
ATOM   228 O O   . VAL A 1 32  ? 4.794   -8.164  4.291   1.00 19.70 ? 32   VAL A O   1 
ATOM   229 C CB  . VAL A 1 32  ? 2.424   -7.746  2.567   1.00 18.06 ? 32   VAL A CB  1 
ATOM   230 C CG1 . VAL A 1 32  ? 1.319   -7.870  3.642   1.00 18.01 ? 32   VAL A CG1 1 
ATOM   231 C CG2 . VAL A 1 32  ? 1.831   -7.400  1.211   1.00 19.02 ? 32   VAL A CG2 1 
ATOM   232 N N   . VAL A 1 33  ? 3.927   -6.402  5.379   1.00 22.04 ? 33   VAL A N   1 
ATOM   233 C CA  . VAL A 1 33  ? 4.633   -6.700  6.643   1.00 25.45 ? 33   VAL A CA  1 
ATOM   234 C C   . VAL A 1 33  ? 3.658   -6.905  7.791   1.00 27.65 ? 33   VAL A C   1 
ATOM   235 O O   . VAL A 1 33  ? 2.644   -6.208  7.896   1.00 27.67 ? 33   VAL A O   1 
ATOM   236 C CB  . VAL A 1 33  ? 5.655   -5.587  7.062   1.00 25.52 ? 33   VAL A CB  1 
ATOM   237 C CG1 . VAL A 1 33  ? 6.815   -5.526  6.113   1.00 26.95 ? 33   VAL A CG1 1 
ATOM   238 C CG2 . VAL A 1 33  ? 5.002   -4.255  7.084   1.00 26.66 ? 33   VAL A CG2 1 
ATOM   239 N N   . ASP A 1 34  ? 3.969   -7.872  8.647   1.00 30.19 ? 34   ASP A N   1 
ATOM   240 C CA  . ASP A 1 34  ? 3.194   -8.104  9.849   1.00 32.80 ? 34   ASP A CA  1 
ATOM   241 C C   . ASP A 1 34  ? 3.788   -7.229  10.945  1.00 33.46 ? 34   ASP A C   1 
ATOM   242 O O   . ASP A 1 34  ? 4.926   -7.470  11.369  1.00 33.86 ? 34   ASP A O   1 
ATOM   243 C CB  . ASP A 1 34  ? 3.309   -9.568  10.237  1.00 33.72 ? 34   ASP A CB  1 
ATOM   244 C CG  . ASP A 1 34  ? 2.328   -9.980  11.326  1.00 37.02 ? 34   ASP A CG  1 
ATOM   245 O OD1 . ASP A 1 34  ? 1.766   -9.122  12.055  1.00 38.32 ? 34   ASP A OD1 1 
ATOM   246 O OD2 . ASP A 1 34  ? 2.132   -11.207 11.453  1.00 42.21 ? 34   ASP A OD2 1 
ATOM   247 N N   . ALA A 1 35  ? 3.027   -6.224  11.391  1.00 34.45 ? 35   ALA A N   1 
ATOM   248 C CA  . ALA A 1 35  ? 3.504   -5.225  12.375  1.00 35.99 ? 35   ALA A CA  1 
ATOM   249 C C   . ALA A 1 35  ? 4.122   -5.864  13.634  1.00 37.54 ? 35   ALA A C   1 
ATOM   250 O O   . ALA A 1 35  ? 5.041   -5.315  14.242  1.00 38.04 ? 35   ALA A O   1 
ATOM   251 C CB  . ALA A 1 35  ? 2.400   -4.260  12.736  1.00 34.81 ? 35   ALA A CB  1 
ATOM   252 N N   . ALA A 1 36  ? 3.579   -7.009  14.014  1.00 39.54 ? 36   ALA A N   1 
ATOM   253 C CA  . ALA A 1 36  ? 4.168   -7.911  14.994  1.00 42.04 ? 36   ALA A CA  1 
ATOM   254 C C   . ALA A 1 36  ? 3.668   -9.259  14.526  1.00 43.27 ? 36   ALA A C   1 
ATOM   255 O O   . ALA A 1 36  ? 2.554   -9.637  14.943  1.00 44.32 ? 36   ALA A O   1 
ATOM   256 C CB  . ALA A 1 36  ? 3.613   -7.633  16.370  1.00 42.01 ? 36   ALA A CB  1 
ATOM   257 N N   . THR A 1 37  ? 4.430   -10.031 13.725  1.00 43.81 ? 37   THR A N   1 
ATOM   258 C CA  . THR A 1 37  ? 5.923   -10.188 13.693  1.00 44.07 ? 37   THR A CA  1 
ATOM   259 C C   . THR A 1 37  ? 6.991   -9.093  13.953  1.00 43.61 ? 37   THR A C   1 
ATOM   260 O O   . THR A 1 37  ? 6.928   -8.473  15.027  1.00 44.40 ? 37   THR A O   1 
ATOM   261 C CB  . THR A 1 37  ? 6.348   -11.174 12.623  1.00 44.43 ? 37   THR A CB  1 
ATOM   262 O OG1 . THR A 1 37  ? 5.207   -11.956 12.223  1.00 45.37 ? 37   THR A OG1 1 
ATOM   263 C CG2 . THR A 1 37  ? 7.424   -12.086 13.189  1.00 45.06 ? 37   THR A CG2 1 
ATOM   264 N N   . MET A 1 38  ? 7.945   -8.782  13.050  1.00 42.45 ? 38   MET A N   1 
ATOM   265 C CA  . MET A 1 38  ? 7.812   -8.274  11.665  1.00 40.88 ? 38   MET A CA  1 
ATOM   266 C C   . MET A 1 38  ? 8.221   -9.136  10.443  1.00 38.75 ? 38   MET A C   1 
ATOM   267 O O   . MET A 1 38  ? 9.199   -8.840  9.751   1.00 38.94 ? 38   MET A O   1 
ATOM   268 C CB  . MET A 1 38  ? 8.665   -6.987  11.640  1.00 41.38 ? 38   MET A CB  1 
ATOM   269 C CG  . MET A 1 38  ? 8.232   -5.884  10.683  1.00 44.66 ? 38   MET A CG  1 
ATOM   270 S SD  . MET A 1 38  ? 8.691   -4.199  11.240  1.00 49.84 ? 38   MET A SD  1 
ATOM   271 C CE  . MET A 1 38  ? 9.268   -3.515  9.681   1.00 47.77 ? 38   MET A CE  1 
ATOM   272 N N   . ALA A 1 39  ? 7.457   -10.165 10.135  1.00 36.23 ? 39   ALA A N   1 
ATOM   273 C CA  . ALA A 1 39  ? 7.672   -10.904 8.906   1.00 33.89 ? 39   ALA A CA  1 
ATOM   274 C C   . ALA A 1 39  ? 7.209   -10.060 7.700   1.00 32.31 ? 39   ALA A C   1 
ATOM   275 O O   . ALA A 1 39  ? 6.271   -9.271  7.810   1.00 31.66 ? 39   ALA A O   1 
ATOM   276 C CB  . ALA A 1 39  ? 6.946   -12.230 8.956   1.00 33.71 ? 39   ALA A CB  1 
ATOM   277 N N   . ALA A 1 40  ? 7.889   -10.224 6.567   1.00 30.38 ? 40   ALA A N   1 
ATOM   278 C CA  . ALA A 1 40  ? 7.557   -9.507  5.336   1.00 28.40 ? 40   ALA A CA  1 
ATOM   279 C C   . ALA A 1 40  ? 7.555   -10.414 4.099   1.00 27.21 ? 40   ALA A C   1 
ATOM   280 O O   . ALA A 1 40  ? 8.342   -11.351 4.009   1.00 27.35 ? 40   ALA A O   1 
ATOM   281 C CB  . ALA A 1 40  ? 8.534   -8.354  5.143   1.00 28.30 ? 40   ALA A CB  1 
ATOM   282 N N   . GLU A 1 41  ? 6.673   -10.136 3.145   1.00 24.92 ? 41   GLU A N   1 
ATOM   283 C CA  . GLU A 1 41  ? 6.726   -10.798 1.845   1.00 23.24 ? 41   GLU A CA  1 
ATOM   284 C C   . GLU A 1 41  ? 6.607   -9.733  0.753   1.00 21.76 ? 41   GLU A C   1 
ATOM   285 O O   . GLU A 1 41  ? 6.150   -8.626  1.021   1.00 21.66 ? 41   GLU A O   1 
ATOM   286 C CB  . GLU A 1 41  ? 5.608   -11.846 1.695   1.00 23.82 ? 41   GLU A CB  1 
ATOM   287 C CG  . GLU A 1 41  ? 4.200   -11.279 1.848   1.00 26.23 ? 41   GLU A CG  1 
ATOM   288 C CD  . GLU A 1 41  ? 3.068   -12.243 1.455   1.00 30.87 ? 41   GLU A CD  1 
ATOM   289 O OE1 . GLU A 1 41  ? 1.884   -11.829 1.585   1.00 33.69 ? 41   GLU A OE1 1 
ATOM   290 O OE2 . GLU A 1 41  ? 3.351   -13.385 1.028   1.00 29.67 ? 41   GLU A OE2 1 
ATOM   291 N N   . TYR A 1 42  ? 7.026   -10.072 -0.462  1.00 19.96 ? 42   TYR A N   1 
ATOM   292 C CA  . TYR A 1 42  ? 6.841   -9.210  -1.615  1.00 19.07 ? 42   TYR A CA  1 
ATOM   293 C C   . TYR A 1 42  ? 5.753   -9.770  -2.526  1.00 18.49 ? 42   TYR A C   1 
ATOM   294 O O   . TYR A 1 42  ? 5.816   -10.928 -2.950  1.00 19.14 ? 42   TYR A O   1 
ATOM   295 C CB  . TYR A 1 42  ? 8.169   -9.007  -2.369  1.00 19.03 ? 42   TYR A CB  1 
ATOM   296 C CG  . TYR A 1 42  ? 8.036   -8.128  -3.587  1.00 18.09 ? 42   TYR A CG  1 
ATOM   297 C CD1 . TYR A 1 42  ? 7.953   -6.749  -3.461  1.00 20.64 ? 42   TYR A CD1 1 
ATOM   298 C CD2 . TYR A 1 42  ? 7.984   -8.684  -4.861  1.00 21.17 ? 42   TYR A CD2 1 
ATOM   299 C CE1 . TYR A 1 42  ? 7.824   -5.927  -4.580  1.00 21.14 ? 42   TYR A CE1 1 
ATOM   300 C CE2 . TYR A 1 42  ? 7.845   -7.889  -5.986  1.00 20.91 ? 42   TYR A CE2 1 
ATOM   301 C CZ  . TYR A 1 42  ? 7.770   -6.514  -5.839  1.00 22.44 ? 42   TYR A CZ  1 
ATOM   302 O OH  . TYR A 1 42  ? 7.647   -5.731  -6.949  1.00 23.18 ? 42   TYR A OH  1 
ATOM   303 N N   . VAL A 1 43  ? 4.745   -8.951  -2.797  1.00 17.78 ? 43   VAL A N   1 
ATOM   304 C CA  . VAL A 1 43  ? 3.601   -9.306  -3.636  1.00 17.53 ? 43   VAL A CA  1 
ATOM   305 C C   . VAL A 1 43  ? 3.766   -8.564  -4.961  1.00 18.13 ? 43   VAL A C   1 
ATOM   306 O O   . VAL A 1 43  ? 3.726   -7.332  -5.004  1.00 16.63 ? 43   VAL A O   1 
ATOM   307 C CB  . VAL A 1 43  ? 2.244   -8.962  -2.949  1.00 17.26 ? 43   VAL A CB  1 
ATOM   308 C CG1 . VAL A 1 43  ? 1.056   -9.275  -3.855  1.00 16.39 ? 43   VAL A CG1 1 
ATOM   309 C CG2 . VAL A 1 43  ? 2.090   -9.743  -1.650  1.00 17.76 ? 43   VAL A CG2 1 
ATOM   310 N N   . ASP A 1 44  ? 3.994   -9.332  -6.022  1.00 18.27 ? 44   ASP A N   1 
ATOM   311 C CA  . ASP A 1 44  ? 4.200   -8.792  -7.366  1.00 19.44 ? 44   ASP A CA  1 
ATOM   312 C C   . ASP A 1 44  ? 2.917   -8.156  -7.929  1.00 18.66 ? 44   ASP A C   1 
ATOM   313 O O   . ASP A 1 44  ? 1.841   -8.725  -7.814  1.00 19.17 ? 44   ASP A O   1 
ATOM   314 C CB  . ASP A 1 44  ? 4.720   -9.900  -8.297  1.00 20.31 ? 44   ASP A CB  1 
ATOM   315 C CG  . ASP A 1 44  ? 5.124   -9.370  -9.642  1.00 24.04 ? 44   ASP A CG  1 
ATOM   316 O OD1 . ASP A 1 44  ? 6.236   -8.824  -9.736  1.00 28.29 ? 44   ASP A OD1 1 
ATOM   317 O OD2 . ASP A 1 44  ? 4.324   -9.480  -10.594 1.00 27.31 ? 44   ASP A OD2 1 
ATOM   318 N N   . ASN A 1 45  ? 3.035   -6.980  -8.525  1.00 17.69 ? 45   ASN A N   1 
ATOM   319 C CA  . ASN A 1 45  ? 1.878   -6.269  -9.085  1.00 17.95 ? 45   ASN A CA  1 
ATOM   320 C C   . ASN A 1 45  ? 1.986   -6.097  -10.613 1.00 19.25 ? 45   ASN A C   1 
ATOM   321 O O   . ASN A 1 45  ? 1.381   -5.186  -11.201 1.00 18.99 ? 45   ASN A O   1 
ATOM   322 C CB  . ASN A 1 45  ? 1.706   -4.891  -8.401  1.00 16.21 ? 45   ASN A CB  1 
ATOM   323 C CG  . ASN A 1 45  ? 0.375   -4.245  -8.722  1.00 15.11 ? 45   ASN A CG  1 
ATOM   324 O OD1 . ASN A 1 45  ? -0.660  -4.907  -8.720  1.00 15.48 ? 45   ASN A OD1 1 
ATOM   325 N ND2 . ASN A 1 45  ? 0.394   -2.947  -9.013  1.00 14.00 ? 45   ASN A ND2 1 
ATOM   326 N N   . GLY A 1 46  ? 2.760   -6.980  -11.252 1.00 21.00 ? 46   GLY A N   1 
ATOM   327 C CA  . GLY A 1 46  ? 3.000   -6.919  -12.712 1.00 21.75 ? 46   GLY A CA  1 
ATOM   328 C C   . GLY A 1 46  ? 1.732   -6.929  -13.554 1.00 22.59 ? 46   GLY A C   1 
ATOM   329 O O   . GLY A 1 46  ? 1.651   -6.238  -14.580 1.00 23.45 ? 46   GLY A O   1 
ATOM   330 N N   . ALA A 1 47  ? 0.734   -7.693  -13.108 1.00 22.52 ? 47   ALA A N   1 
ATOM   331 C CA  . ALA A 1 47  ? -0.551  -7.809  -13.796 1.00 22.44 ? 47   ALA A CA  1 
ATOM   332 C C   . ALA A 1 47  ? -1.269  -6.486  -13.939 1.00 22.73 ? 47   ALA A C   1 
ATOM   333 O O   . ALA A 1 47  ? -1.810  -6.192  -15.011 1.00 22.94 ? 47   ALA A O   1 
ATOM   334 C CB  . ALA A 1 47  ? -1.448  -8.783  -13.071 1.00 22.97 ? 47   ALA A CB  1 
ATOM   335 N N   . SER A 1 48  ? -1.318  -5.712  -12.852 1.00 21.52 ? 48   SER A N   1 
ATOM   336 C CA  . SER A 1 48  ? -1.958  -4.401  -12.878 1.00 21.09 ? 48   SER A CA  1 
ATOM   337 C C   . SER A 1 48  ? -1.317  -3.433  -13.881 1.00 20.75 ? 48   SER A C   1 
ATOM   338 O O   . SER A 1 48  ? -2.023  -2.694  -14.551 1.00 20.46 ? 48   SER A O   1 
ATOM   339 C CB  . SER A 1 48  ? -1.982  -3.771  -11.481 1.00 20.96 ? 48   SER A CB  1 
ATOM   340 O OG  . SER A 1 48  ? -2.689  -4.571  -10.541 1.00 20.74 ? 48   SER A OG  1 
ATOM   341 N N   . GLN A 1 49  ? 0.009   -3.449  -13.974 1.00 20.98 ? 49   GLN A N   1 
ATOM   342 C CA  . GLN A 1 49  ? 0.757   -2.581  -14.883 1.00 21.14 ? 49   GLN A CA  1 
ATOM   343 C C   . GLN A 1 49  ? 0.452   -2.775  -16.379 1.00 21.68 ? 49   GLN A C   1 
ATOM   344 O O   . GLN A 1 49  ? 0.599   -1.835  -17.166 1.00 22.36 ? 49   GLN A O   1 
ATOM   345 C CB  . GLN A 1 49  ? 2.263   -2.750  -14.636 1.00 21.98 ? 49   GLN A CB  1 
ATOM   346 C CG  . GLN A 1 49  ? 2.774   -2.115  -13.323 1.00 21.86 ? 49   GLN A CG  1 
ATOM   347 C CD  . GLN A 1 49  ? 4.261   -2.382  -13.059 1.00 22.90 ? 49   GLN A CD  1 
ATOM   348 O OE1 . GLN A 1 49  ? 4.746   -3.492  -13.273 1.00 23.91 ? 49   GLN A OE1 1 
ATOM   349 N NE2 . GLN A 1 49  ? 4.984   -1.365  -12.586 1.00 21.61 ? 49   GLN A NE2 1 
ATOM   350 N N   . THR A 1 50  ? 0.024   -3.977  -16.781 1.00 21.01 ? 50   THR A N   1 
ATOM   351 C CA  . THR A 1 50  ? -0.291  -4.261  -18.189 1.00 21.03 ? 50   THR A CA  1 
ATOM   352 C C   . THR A 1 50  ? -1.668  -3.724  -18.641 1.00 21.38 ? 50   THR A C   1 
ATOM   353 O O   . THR A 1 50  ? -1.959  -3.697  -19.846 1.00 21.63 ? 50   THR A O   1 
ATOM   354 C CB  . THR A 1 50  ? -0.253  -5.771  -18.483 1.00 20.29 ? 50   THR A CB  1 
ATOM   355 O OG1 . THR A 1 50  ? -1.389  -6.381  -17.872 1.00 20.90 ? 50   THR A OG1 1 
ATOM   356 C CG2 . THR A 1 50  ? 1.015   -6.425  -17.921 1.00 21.57 ? 50   THR A CG2 1 
ATOM   357 N N   . LEU A 1 51  ? -2.494  -3.283  -17.690 1.00 21.26 ? 51   LEU A N   1 
ATOM   358 C CA  . LEU A 1 51  ? -3.873  -2.900  -17.969 1.00 21.42 ? 51   LEU A CA  1 
ATOM   359 C C   . LEU A 1 51  ? -3.984  -1.472  -18.521 1.00 22.70 ? 51   LEU A C   1 
ATOM   360 O O   . LEU A 1 51  ? -3.215  -0.588  -18.137 1.00 22.20 ? 51   LEU A O   1 
ATOM   361 C CB  . LEU A 1 51  ? -4.725  -3.061  -16.713 1.00 21.54 ? 51   LEU A CB  1 
ATOM   362 C CG  . LEU A 1 51  ? -4.777  -4.443  -16.033 1.00 20.92 ? 51   LEU A CG  1 
ATOM   363 C CD1 . LEU A 1 51  ? -5.620  -4.389  -14.767 1.00 17.33 ? 51   LEU A CD1 1 
ATOM   364 C CD2 . LEU A 1 51  ? -5.295  -5.532  -16.989 1.00 20.31 ? 51   LEU A CD2 1 
ATOM   365 N N   . SER A 1 52  ? -4.946  -1.250  -19.423 1.00 22.59 ? 52   SER A N   1 
ATOM   366 C CA  . SER A 1 52  ? -5.131  0.078   -19.992 1.00 23.16 ? 52   SER A CA  1 
ATOM   367 C C   . SER A 1 52  ? -5.870  0.986   -19.047 1.00 22.78 ? 52   SER A C   1 
ATOM   368 O O   . SER A 1 52  ? -5.716  2.193   -19.120 1.00 23.44 ? 52   SER A O   1 
ATOM   369 C CB  . SER A 1 52  ? -5.891  0.021   -21.313 1.00 23.20 ? 52   SER A CB  1 
ATOM   370 O OG  . SER A 1 52  ? -5.362  -0.987  -22.148 1.00 26.27 ? 52   SER A OG  1 
ATOM   371 N N   . HIS A 1 53  ? -6.679  0.402   -18.175 1.00 22.40 ? 53   HIS A N   1 
ATOM   372 C CA  . HIS A 1 53  ? -7.397  1.143   -17.153 1.00 22.54 ? 53   HIS A CA  1 
ATOM   373 C C   . HIS A 1 53  ? -7.727  0.179   -16.013 1.00 21.63 ? 53   HIS A C   1 
ATOM   374 O O   . HIS A 1 53  ? -7.565  -1.022  -16.149 1.00 21.29 ? 53   HIS A O   1 
ATOM   375 C CB  . HIS A 1 53  ? -8.692  1.689   -17.749 1.00 23.38 ? 53   HIS A CB  1 
ATOM   376 C CG  . HIS A 1 53  ? -9.605  0.613   -18.248 1.00 27.07 ? 53   HIS A CG  1 
ATOM   377 N ND1 . HIS A 1 53  ? -10.844 0.368   -17.689 1.00 31.63 ? 53   HIS A ND1 1 
ATOM   378 C CD2 . HIS A 1 53  ? -9.440  -0.316  -19.221 1.00 28.39 ? 53   HIS A CD2 1 
ATOM   379 C CE1 . HIS A 1 53  ? -11.410 -0.650  -18.313 1.00 30.88 ? 53   HIS A CE1 1 
ATOM   380 N NE2 . HIS A 1 53  ? -10.574 -1.090  -19.237 1.00 30.22 ? 53   HIS A NE2 1 
ATOM   381 N N   . GLY A 1 54  ? -8.215  0.694   -14.896 1.00 20.92 ? 54   GLY A N   1 
ATOM   382 C CA  . GLY A 1 54  ? -8.597  -0.173  -13.789 1.00 20.18 ? 54   GLY A CA  1 
ATOM   383 C C   . GLY A 1 54  ? -7.431  -0.871  -13.095 1.00 18.79 ? 54   GLY A C   1 
ATOM   384 O O   . GLY A 1 54  ? -7.615  -1.893  -12.446 1.00 18.63 ? 54   GLY A O   1 
ATOM   385 N N   . ALA A 1 55  ? -6.237  -0.308  -13.210 1.00 18.31 ? 55   ALA A N   1 
ATOM   386 C CA  . ALA A 1 55  ? -5.077  -0.829  -12.494 1.00 17.27 ? 55   ALA A CA  1 
ATOM   387 C C   . ALA A 1 55  ? -5.233  -0.719  -10.964 1.00 17.36 ? 55   ALA A C   1 
ATOM   388 O O   . ALA A 1 55  ? -4.881  -1.635  -10.245 1.00 17.68 ? 55   ALA A O   1 
ATOM   389 C CB  . ALA A 1 55  ? -3.815  -0.157  -12.961 1.00 17.38 ? 55   ALA A CB  1 
ATOM   390 N N   . GLY A 1 56  ? -5.825  0.363   -10.471 1.00 17.39 ? 56   GLY A N   1 
ATOM   391 C CA  . GLY A 1 56  ? -5.968  0.545   -9.031  1.00 17.17 ? 56   GLY A CA  1 
ATOM   392 C C   . GLY A 1 56  ? -7.047  -0.323  -8.446  1.00 17.46 ? 56   GLY A C   1 
ATOM   393 O O   . GLY A 1 56  ? -6.951  -0.745  -7.306  1.00 17.50 ? 56   GLY A O   1 
ATOM   394 N N   . ILE A 1 57  ? -8.097  -0.576  -9.223  1.00 17.44 ? 57   ILE A N   1 
ATOM   395 C CA  . ILE A 1 57  ? -9.086  -1.594  -8.879  1.00 17.33 ? 57   ILE A CA  1 
ATOM   396 C C   . ILE A 1 57  ? -8.446  -2.991  -8.810  1.00 17.36 ? 57   ILE A C   1 
ATOM   397 O O   . ILE A 1 57  ? -8.647  -3.720  -7.841  1.00 17.42 ? 57   ILE A O   1 
ATOM   398 C CB  . ILE A 1 57  ? -10.320 -1.512  -9.815  1.00 17.10 ? 57   ILE A CB  1 
ATOM   399 C CG1 . ILE A 1 57  ? -11.104 -0.239  -9.475  1.00 17.82 ? 57   ILE A CG1 1 
ATOM   400 C CG2 . ILE A 1 57  ? -11.195 -2.722  -9.650  1.00 17.63 ? 57   ILE A CG2 1 
ATOM   401 C CD1 . ILE A 1 57  ? -11.996 0.298   -10.559 1.00 24.95 ? 57   ILE A CD1 1 
ATOM   402 N N   . ASN A 1 58  ? -7.624  -3.339  -9.791  1.00 17.41 ? 58   ASN A N   1 
ATOM   403 C CA  . ASN A 1 58  ? -6.944  -4.631  -9.737  1.00 17.87 ? 58   ASN A CA  1 
ATOM   404 C C   . ASN A 1 58  ? -5.979  -4.750  -8.566  1.00 17.51 ? 58   ASN A C   1 
ATOM   405 O O   . ASN A 1 58  ? -5.871  -5.800  -7.954  1.00 16.95 ? 58   ASN A O   1 
ATOM   406 C CB  . ASN A 1 58  ? -6.183  -4.898  -11.030 1.00 18.05 ? 58   ASN A CB  1 
ATOM   407 C CG  . ASN A 1 58  ? -5.725  -6.344  -11.149 1.00 19.82 ? 58   ASN A CG  1 
ATOM   408 O OD1 . ASN A 1 58  ? -4.524  -6.660  -11.027 1.00 20.65 ? 58   ASN A OD1 1 
ATOM   409 N ND2 . ASN A 1 58  ? -6.680  -7.234  -11.381 1.00 18.91 ? 58   ASN A ND2 1 
ATOM   410 N N   . ALA A 1 59  ? -5.249  -3.676  -8.282  1.00 17.21 ? 59   ALA A N   1 
ATOM   411 C CA  . ALA A 1 59  ? -4.287  -3.658  -7.194  1.00 17.04 ? 59   ALA A CA  1 
ATOM   412 C C   . ALA A 1 59  ? -4.991  -3.792  -5.845  1.00 17.01 ? 59   ALA A C   1 
ATOM   413 O O   . ALA A 1 59  ? -4.527  -4.533  -4.968  1.00 17.12 ? 59   ALA A O   1 
ATOM   414 C CB  . ALA A 1 59  ? -3.429  -2.380  -7.260  1.00 16.52 ? 59   ALA A CB  1 
ATOM   415 N N   . ALA A 1 60  ? -6.133  -3.110  -5.693  1.00 17.09 ? 60   ALA A N   1 
ATOM   416 C CA  . ALA A 1 60  ? -6.943  -3.209  -4.482  1.00 17.46 ? 60   ALA A CA  1 
ATOM   417 C C   . ALA A 1 60  ? -7.396  -4.648  -4.236  1.00 18.45 ? 60   ALA A C   1 
ATOM   418 O O   . ALA A 1 60  ? -7.394  -5.123  -3.087  1.00 18.78 ? 60   ALA A O   1 
ATOM   419 C CB  . ALA A 1 60  ? -8.118  -2.267  -4.557  1.00 17.45 ? 60   ALA A CB  1 
ATOM   420 N N   . GLN A 1 61  ? -7.778  -5.344  -5.313  1.00 19.33 ? 61   GLN A N   1 
ATOM   421 C CA  . GLN A 1 61  ? -8.149  -6.764  -5.248  1.00 20.68 ? 61   GLN A CA  1 
ATOM   422 C C   . GLN A 1 61  ? -6.970  -7.674  -4.906  1.00 20.36 ? 61   GLN A C   1 
ATOM   423 O O   . GLN A 1 61  ? -7.131  -8.607  -4.134  1.00 20.94 ? 61   GLN A O   1 
ATOM   424 C CB  . GLN A 1 61  ? -8.876  -7.215  -6.523  1.00 20.92 ? 61   GLN A CB  1 
ATOM   425 C CG  . GLN A 1 61  ? -10.296 -6.633  -6.568  1.00 25.49 ? 61   GLN A CG  1 
ATOM   426 C CD  . GLN A 1 61  ? -10.886 -6.506  -7.973  1.00 31.30 ? 61   GLN A CD  1 
ATOM   427 O OE1 . GLN A 1 61  ? -10.340 -7.028  -8.949  1.00 34.00 ? 61   GLN A OE1 1 
ATOM   428 N NE2 . GLN A 1 61  ? -12.021 -5.809  -8.072  1.00 34.03 ? 61   GLN A NE2 1 
ATOM   429 N N   . VAL A 1 62  ? -5.786  -7.387  -5.440  1.00 20.48 ? 62   VAL A N   1 
ATOM   430 C CA  . VAL A 1 62  ? -4.580  -8.096  -5.030  1.00 20.34 ? 62   VAL A CA  1 
ATOM   431 C C   . VAL A 1 62  ? -4.348  -7.957  -3.503  1.00 20.67 ? 62   VAL A C   1 
ATOM   432 O O   . VAL A 1 62  ? -4.098  -8.953  -2.815  1.00 20.61 ? 62   VAL A O   1 
ATOM   433 C CB  . VAL A 1 62  ? -3.362  -7.647  -5.862  1.00 20.40 ? 62   VAL A CB  1 
ATOM   434 C CG1 . VAL A 1 62  ? -2.025  -8.157  -5.244  1.00 19.85 ? 62   VAL A CG1 1 
ATOM   435 C CG2 . VAL A 1 62  ? -3.494  -8.156  -7.296  1.00 20.33 ? 62   VAL A CG2 1 
ATOM   436 N N   . LEU A 1 63  ? -4.449  -6.736  -2.982  1.00 21.04 ? 63   LEU A N   1 
ATOM   437 C CA  . LEU A 1 63  ? -4.316  -6.470  -1.548  1.00 21.17 ? 63   LEU A CA  1 
ATOM   438 C C   . LEU A 1 63  ? -5.394  -7.110  -0.670  1.00 21.45 ? 63   LEU A C   1 
ATOM   439 O O   . LEU A 1 63  ? -5.097  -7.565  0.415   1.00 21.28 ? 63   LEU A O   1 
ATOM   440 C CB  . LEU A 1 63  ? -4.267  -4.959  -1.272  1.00 20.90 ? 63   LEU A CB  1 
ATOM   441 C CG  . LEU A 1 63  ? -3.004  -4.227  -1.719  1.00 20.37 ? 63   LEU A CG  1 
ATOM   442 C CD1 . LEU A 1 63  ? -3.077  -2.763  -1.290  1.00 18.47 ? 63   LEU A CD1 1 
ATOM   443 C CD2 . LEU A 1 63  ? -1.764  -4.887  -1.143  1.00 20.93 ? 63   LEU A CD2 1 
ATOM   444 N N   . ALA A 1 64  ? -6.641  -7.128  -1.125  1.00 21.73 ? 64   ALA A N   1 
ATOM   445 C CA  . ALA A 1 64  ? -7.702  -7.746  -0.353  1.00 22.12 ? 64   ALA A CA  1 
ATOM   446 C C   . ALA A 1 64  ? -7.400  -9.236  -0.220  1.00 23.12 ? 64   ALA A C   1 
ATOM   447 O O   . ALA A 1 64  ? -7.576  -9.799  0.850   1.00 22.67 ? 64   ALA A O   1 
ATOM   448 C CB  . ALA A 1 64  ? -9.071  -7.504  -0.984  1.00 21.94 ? 64   ALA A CB  1 
ATOM   449 N N   . LYS A 1 65  ? -6.893  -9.844  -1.297  1.00 23.99 ? 65   LYS A N   1 
ATOM   450 C CA  . LYS A 1 65  ? -6.454  -11.253 -1.303  1.00 25.17 ? 65   LYS A CA  1 
ATOM   451 C C   . LYS A 1 65  ? -5.292  -11.573 -0.375  1.00 25.35 ? 65   LYS A C   1 
ATOM   452 O O   . LYS A 1 65  ? -5.208  -12.687 0.151   1.00 25.45 ? 65   LYS A O   1 
ATOM   453 C CB  . LYS A 1 65  ? -6.137  -11.731 -2.731  1.00 25.35 ? 65   LYS A CB  1 
ATOM   454 C CG  . LYS A 1 65  ? -7.409  -11.869 -3.567  1.00 29.00 ? 65   LYS A CG  1 
ATOM   455 C CD  . LYS A 1 65  ? -7.132  -12.319 -4.996  1.00 34.56 ? 65   LYS A CD  1 
ATOM   456 C CE  . LYS A 1 65  ? -8.287  -11.919 -5.928  1.00 36.94 ? 65   LYS A CE  1 
ATOM   457 N NZ  . LYS A 1 65  ? -7.795  -11.560 -7.312  1.00 41.12 ? 65   LYS A NZ  1 
ATOM   458 N N   . SER A 1 66  ? -4.400  -10.613 -0.154  1.00 25.05 ? 66   SER A N   1 
ATOM   459 C CA  . SER A 1 66  ? -3.320  -10.824 0.807   1.00 24.97 ? 66   SER A CA  1 
ATOM   460 C C   . SER A 1 66  ? -3.753  -10.572 2.271   1.00 24.06 ? 66   SER A C   1 
ATOM   461 O O   . SER A 1 66  ? -2.989  -10.814 3.190   1.00 24.35 ? 66   SER A O   1 
ATOM   462 C CB  . SER A 1 66  ? -2.103  -9.972  0.429   1.00 25.48 ? 66   SER A CB  1 
ATOM   463 O OG  . SER A 1 66  ? -2.320  -8.615  0.761   1.00 27.85 ? 66   SER A OG  1 
ATOM   464 N N   . GLY A 1 67  ? -4.978  -10.102 2.479   1.00 23.29 ? 67   GLY A N   1 
ATOM   465 C CA  . GLY A 1 67  ? -5.478  -9.787  3.817   1.00 22.06 ? 67   GLY A CA  1 
ATOM   466 C C   . GLY A 1 67  ? -4.916  -8.529  4.477   1.00 21.75 ? 67   GLY A C   1 
ATOM   467 O O   . GLY A 1 67  ? -4.944  -8.401  5.702   1.00 21.72 ? 67   GLY A O   1 
ATOM   468 N N   . ALA A 1 68  ? -4.418  -7.594  3.671   1.00 20.42 ? 68   ALA A N   1 
ATOM   469 C CA  . ALA A 1 68  ? -3.816  -6.348  4.169   1.00 19.07 ? 68   ALA A CA  1 
ATOM   470 C C   . ALA A 1 68  ? -4.865  -5.462  4.808   1.00 17.74 ? 68   ALA A C   1 
ATOM   471 O O   . ALA A 1 68  ? -5.977  -5.394  4.327   1.00 18.88 ? 68   ALA A O   1 
ATOM   472 C CB  . ALA A 1 68  ? -3.124  -5.592  3.013   1.00 19.63 ? 68   ALA A CB  1 
ATOM   473 N N   . GLY A 1 69  ? -4.529  -4.769  5.889   1.00 16.65 ? 69   GLY A N   1 
ATOM   474 C CA  . GLY A 1 69  ? -5.496  -3.847  6.489   1.00 15.82 ? 69   GLY A CA  1 
ATOM   475 C C   . GLY A 1 69  ? -5.136  -2.377  6.363   1.00 14.75 ? 69   GLY A C   1 
ATOM   476 O O   . GLY A 1 69  ? -5.976  -1.486  6.592   1.00 13.70 ? 69   GLY A O   1 
ATOM   477 N N   . VAL A 1 70  ? -3.879  -2.126  6.001   1.00 14.50 ? 70   VAL A N   1 
ATOM   478 C CA  . VAL A 1 70  ? -3.340  -0.771  5.847   1.00 12.64 ? 70   VAL A CA  1 
ATOM   479 C C   . VAL A 1 70  ? -2.558  -0.769  4.543   1.00 13.64 ? 70   VAL A C   1 
ATOM   480 O O   . VAL A 1 70  ? -1.880  -1.748  4.227   1.00 12.89 ? 70   VAL A O   1 
ATOM   481 C CB  . VAL A 1 70  ? -2.350  -0.429  6.977   1.00 13.93 ? 70   VAL A CB  1 
ATOM   482 C CG1 . VAL A 1 70  ? -1.729  1.004   6.790   1.00 10.13 ? 70   VAL A CG1 1 
ATOM   483 C CG2 . VAL A 1 70  ? -3.024  -0.525  8.342   1.00 12.27 ? 70   VAL A CG2 1 
ATOM   484 N N   . LEU A 1 71  ? -2.663  0.320   3.792   1.00 13.01 ? 71   LEU A N   1 
ATOM   485 C CA  . LEU A 1 71  ? -1.826  0.514   2.616   1.00 14.07 ? 71   LEU A CA  1 
ATOM   486 C C   . LEU A 1 71  ? -1.090  1.849   2.750   1.00 13.51 ? 71   LEU A C   1 
ATOM   487 O O   . LEU A 1 71  ? -1.714  2.899   2.945   1.00 14.44 ? 71   LEU A O   1 
ATOM   488 C CB  . LEU A 1 71  ? -2.674  0.521   1.346   1.00 14.13 ? 71   LEU A CB  1 
ATOM   489 C CG  . LEU A 1 71  ? -1.855  1.015   0.143   1.00 16.60 ? 71   LEU A CG  1 
ATOM   490 C CD1 . LEU A 1 71  ? -1.030  -0.127  -0.443  1.00 14.52 ? 71   LEU A CD1 1 
ATOM   491 C CD2 . LEU A 1 71  ? -2.706  1.729   -0.859  1.00 18.66 ? 71   LEU A CD2 1 
ATOM   492 N N   . LEU A 1 72  ? 0.221   1.794   2.630   1.00 12.49 ? 72   LEU A N   1 
ATOM   493 C CA  . LEU A 1 72  ? 1.047   2.986   2.666   1.00 13.34 ? 72   LEU A CA  1 
ATOM   494 C C   . LEU A 1 72  ? 1.622   3.262   1.268   1.00 13.70 ? 72   LEU A C   1 
ATOM   495 O O   . LEU A 1 72  ? 2.182   2.367   0.644   1.00 14.33 ? 72   LEU A O   1 
ATOM   496 C CB  . LEU A 1 72  ? 2.170   2.781   3.652   1.00 12.97 ? 72   LEU A CB  1 
ATOM   497 C CG  . LEU A 1 72  ? 1.995   3.073   5.176   1.00 16.41 ? 72   LEU A CG  1 
ATOM   498 C CD1 . LEU A 1 72  ? 0.609   3.441   5.714   1.00 14.68 ? 72   LEU A CD1 1 
ATOM   499 C CD2 . LEU A 1 72  ? 2.757   2.065   6.031   1.00 16.06 ? 72   LEU A CD2 1 
ATOM   500 N N   . THR A 1 73  ? 1.496   4.502   0.794   1.00 14.11 ? 73   THR A N   1 
ATOM   501 C CA  . THR A 1 73  ? 1.834   4.850   -0.588  1.00 14.81 ? 73   THR A CA  1 
ATOM   502 C C   . THR A 1 73  ? 2.109   6.355   -0.763  1.00 15.11 ? 73   THR A C   1 
ATOM   503 O O   . THR A 1 73  ? 2.169   7.110   0.224   1.00 13.24 ? 73   THR A O   1 
ATOM   504 C CB  . THR A 1 73  ? 0.717   4.351   -1.618  1.00 16.01 ? 73   THR A CB  1 
ATOM   505 O OG1 . THR A 1 73  ? 1.209   4.507   -2.968  1.00 18.30 ? 73   THR A OG1 1 
ATOM   506 C CG2 . THR A 1 73  ? -0.643  5.104   -1.471  1.00 15.06 ? 73   THR A CG2 1 
ATOM   507 N N   . GLY A 1 74  ? 2.308   6.770   -2.022  1.00 15.35 ? 74   GLY A N   1 
ATOM   508 C CA  . GLY A 1 74  ? 2.389   8.178   -2.362  1.00 15.37 ? 74   GLY A CA  1 
ATOM   509 C C   . GLY A 1 74  ? 1.023   8.715   -2.751  1.00 15.88 ? 74   GLY A C   1 
ATOM   510 O O   . GLY A 1 74  ? 0.389   9.429   -1.974  1.00 15.86 ? 74   GLY A O   1 
ATOM   511 N N   . TYR A 1 75  ? 0.571   8.349   -3.952  1.00 15.55 ? 75   TYR A N   1 
ATOM   512 C CA  . TYR A 1 75  ? -0.656  8.882   -4.553  1.00 16.42 ? 75   TYR A CA  1 
ATOM   513 C C   . TYR A 1 75  ? -1.622  7.754   -4.887  1.00 16.27 ? 75   TYR A C   1 
ATOM   514 O O   . TYR A 1 75  ? -1.203  6.669   -5.326  1.00 16.40 ? 75   TYR A O   1 
ATOM   515 C CB  . TYR A 1 75  ? -0.321  9.651   -5.862  1.00 16.28 ? 75   TYR A CB  1 
ATOM   516 C CG  . TYR A 1 75  ? 0.621   10.802  -5.639  1.00 18.38 ? 75   TYR A CG  1 
ATOM   517 C CD1 . TYR A 1 75  ? 0.130   12.048  -5.251  1.00 21.82 ? 75   TYR A CD1 1 
ATOM   518 C CD2 . TYR A 1 75  ? 1.991   10.640  -5.761  1.00 21.08 ? 75   TYR A CD2 1 
ATOM   519 C CE1 . TYR A 1 75  ? 0.971   13.111  -5.015  1.00 23.88 ? 75   TYR A CE1 1 
ATOM   520 C CE2 . TYR A 1 75  ? 2.865   11.708  -5.524  1.00 23.85 ? 75   TYR A CE2 1 
ATOM   521 C CZ  . TYR A 1 75  ? 2.333   12.942  -5.157  1.00 26.41 ? 75   TYR A CZ  1 
ATOM   522 O OH  . TYR A 1 75  ? 3.153   14.029  -4.911  1.00 29.38 ? 75   TYR A OH  1 
ATOM   523 N N   . VAL A 1 76  ? -2.907  8.038   -4.723  1.00 16.41 ? 76   VAL A N   1 
ATOM   524 C CA  . VAL A 1 76  ? -3.982  7.119   -5.097  1.00 17.29 ? 76   VAL A CA  1 
ATOM   525 C C   . VAL A 1 76  ? -5.173  7.923   -5.639  1.00 17.68 ? 76   VAL A C   1 
ATOM   526 O O   . VAL A 1 76  ? -5.580  8.918   -5.038  1.00 18.93 ? 76   VAL A O   1 
ATOM   527 C CB  . VAL A 1 76  ? -4.367  6.135   -3.907  1.00 17.46 ? 76   VAL A CB  1 
ATOM   528 C CG1 . VAL A 1 76  ? -4.468  6.832   -2.621  1.00 17.32 ? 76   VAL A CG1 1 
ATOM   529 C CG2 . VAL A 1 76  ? -5.664  5.340   -4.175  1.00 18.09 ? 76   VAL A CG2 1 
ATOM   530 N N   . GLY A 1 77  ? -5.705  7.486   -6.775  1.00 17.55 ? 77   GLY A N   1 
ATOM   531 C CA  . GLY A 1 77  ? -6.807  8.166   -7.459  1.00 18.12 ? 77   GLY A CA  1 
ATOM   532 C C   . GLY A 1 77  ? -8.161  7.745   -6.895  1.00 18.67 ? 77   GLY A C   1 
ATOM   533 O O   . GLY A 1 77  ? -8.214  6.904   -5.991  1.00 17.95 ? 77   GLY A O   1 
ATOM   534 N N   . PRO A 1 78  ? -9.258  8.334   -7.411  1.00 19.33 ? 78   PRO A N   1 
ATOM   535 C CA  . PRO A 1 78  ? -10.604 8.157   -6.818  1.00 19.65 ? 78   PRO A CA  1 
ATOM   536 C C   . PRO A 1 78  ? -11.152 6.727   -6.808  1.00 19.16 ? 78   PRO A C   1 
ATOM   537 O O   . PRO A 1 78  ? -11.685 6.278   -5.800  1.00 19.24 ? 78   PRO A O   1 
ATOM   538 C CB  . PRO A 1 78  ? -11.490 9.048   -7.688  1.00 19.63 ? 78   PRO A CB  1 
ATOM   539 C CG  . PRO A 1 78  ? -10.544 10.088  -8.221  1.00 21.92 ? 78   PRO A CG  1 
ATOM   540 C CD  . PRO A 1 78  ? -9.288  9.309   -8.519  1.00 20.23 ? 78   PRO A CD  1 
ATOM   541 N N   . LYS A 1 79  ? -11.042 6.021   -7.922  1.00 19.07 ? 79   LYS A N   1 
ATOM   542 C CA  . LYS A 1 79  ? -11.622 4.695   -7.991  1.00 18.59 ? 79   LYS A CA  1 
ATOM   543 C C   . LYS A 1 79  ? -10.814 3.697   -7.152  1.00 18.13 ? 79   LYS A C   1 
ATOM   544 O O   . LYS A 1 79  ? -11.390 2.816   -6.487  1.00 17.76 ? 79   LYS A O   1 
ATOM   545 C CB  . LYS A 1 79  ? -11.792 4.261   -9.442  1.00 19.49 ? 79   LYS A CB  1 
ATOM   546 C CG  . LYS A 1 79  ? -12.849 5.120   -10.179 1.00 21.64 ? 79   LYS A CG  1 
ATOM   547 C CD  . LYS A 1 79  ? -13.221 4.530   -11.532 1.00 27.02 ? 79   LYS A CD  1 
ATOM   548 C CE  . LYS A 1 79  ? -14.438 5.266   -12.133 1.00 29.86 ? 79   LYS A CE  1 
ATOM   549 N NZ  . LYS A 1 79  ? -14.868 4.701   -13.464 1.00 34.09 ? 79   LYS A NZ  1 
ATOM   550 N N   . ALA A 1 80  ? -9.488  3.841   -7.177  1.00 17.26 ? 80   ALA A N   1 
ATOM   551 C CA  . ALA A 1 80  ? -8.625  3.013   -6.352  1.00 16.30 ? 80   ALA A CA  1 
ATOM   552 C C   . ALA A 1 80  ? -8.924  3.249   -4.882  1.00 16.29 ? 80   ALA A C   1 
ATOM   553 O O   . ALA A 1 80  ? -9.035  2.287   -4.118  1.00 16.54 ? 80   ALA A O   1 
ATOM   554 C CB  . ALA A 1 80  ? -7.189  3.270   -6.650  1.00 15.72 ? 80   ALA A CB  1 
ATOM   555 N N   . PHE A 1 81  ? -9.052  4.516   -4.485  1.00 16.20 ? 81   PHE A N   1 
ATOM   556 C CA  . PHE A 1 81  ? -9.372  4.844   -3.102  1.00 17.16 ? 81   PHE A CA  1 
ATOM   557 C C   . PHE A 1 81  ? -10.692 4.208   -2.646  1.00 17.60 ? 81   PHE A C   1 
ATOM   558 O O   . PHE A 1 81  ? -10.768 3.672   -1.537  1.00 16.95 ? 81   PHE A O   1 
ATOM   559 C CB  . PHE A 1 81  ? -9.435  6.352   -2.863  1.00 17.35 ? 81   PHE A CB  1 
ATOM   560 C CG  . PHE A 1 81  ? -9.398  6.720   -1.405  1.00 18.91 ? 81   PHE A CG  1 
ATOM   561 C CD1 . PHE A 1 81  ? -8.175  6.850   -0.747  1.00 18.91 ? 81   PHE A CD1 1 
ATOM   562 C CD2 . PHE A 1 81  ? -10.581 6.902   -0.684  1.00 20.56 ? 81   PHE A CD2 1 
ATOM   563 C CE1 . PHE A 1 81  ? -8.119  7.157   0.587   1.00 21.26 ? 81   PHE A CE1 1 
ATOM   564 C CE2 . PHE A 1 81  ? -10.542 7.219   0.678   1.00 21.54 ? 81   PHE A CE2 1 
ATOM   565 C CZ  . PHE A 1 81  ? -9.319  7.338   1.318   1.00 21.83 ? 81   PHE A CZ  1 
ATOM   566 N N   . GLN A 1 82  ? -11.723 4.288   -3.487  1.00 17.46 ? 82   GLN A N   1 
ATOM   567 C CA  . GLN A 1 82  ? -13.035 3.691   -3.172  1.00 18.36 ? 82   GLN A CA  1 
ATOM   568 C C   . GLN A 1 82  ? -12.943 2.168   -3.011  1.00 17.89 ? 82   GLN A C   1 
ATOM   569 O O   . GLN A 1 82  ? -13.533 1.591   -2.089  1.00 17.67 ? 82   GLN A O   1 
ATOM   570 C CB  . GLN A 1 82  ? -14.037 4.019   -4.275  1.00 19.38 ? 82   GLN A CB  1 
ATOM   571 C CG  . GLN A 1 82  ? -15.321 3.213   -4.179  1.00 24.21 ? 82   GLN A CG  1 
ATOM   572 C CD  . GLN A 1 82  ? -16.113 3.229   -5.460  1.00 33.10 ? 82   GLN A CD  1 
ATOM   573 O OE1 . GLN A 1 82  ? -16.269 4.282   -6.107  1.00 37.03 ? 82   GLN A OE1 1 
ATOM   574 N NE2 . GLN A 1 82  ? -16.628 2.057   -5.846  1.00 35.90 ? 82   GLN A NE2 1 
ATOM   575 N N   . ALA A 1 83  ? -12.194 1.534   -3.913  1.00 17.00 ? 83   ALA A N   1 
ATOM   576 C CA  . ALA A 1 83  ? -11.953 0.104   -3.865  1.00 16.48 ? 83   ALA A CA  1 
ATOM   577 C C   . ALA A 1 83  ? -11.220 -0.316  -2.575  1.00 16.96 ? 83   ALA A C   1 
ATOM   578 O O   . ALA A 1 83  ? -11.585 -1.324  -1.970  1.00 16.65 ? 83   ALA A O   1 
ATOM   579 C CB  . ALA A 1 83  ? -11.194 -0.332  -5.093  1.00 16.45 ? 83   ALA A CB  1 
ATOM   580 N N   . LEU A 1 84  ? -10.211 0.452   -2.151  1.00 16.22 ? 84   LEU A N   1 
ATOM   581 C CA  . LEU A 1 84  ? -9.521  0.226   -0.858  1.00 16.09 ? 84   LEU A CA  1 
ATOM   582 C C   . LEU A 1 84  ? -10.423 0.375   0.376   1.00 16.81 ? 84   LEU A C   1 
ATOM   583 O O   . LEU A 1 84  ? -10.383 -0.465  1.288   1.00 17.19 ? 84   LEU A O   1 
ATOM   584 C CB  . LEU A 1 84  ? -8.276  1.122   -0.716  1.00 15.72 ? 84   LEU A CB  1 
ATOM   585 C CG  . LEU A 1 84  ? -7.176  0.860   -1.731  1.00 13.95 ? 84   LEU A CG  1 
ATOM   586 C CD1 . LEU A 1 84  ? -6.227  2.065   -1.807  1.00 14.12 ? 84   LEU A CD1 1 
ATOM   587 C CD2 . LEU A 1 84  ? -6.438  -0.419  -1.401  1.00 13.86 ? 84   LEU A CD2 1 
ATOM   588 N N   . GLN A 1 85  ? -11.228 1.433   0.409   1.00 17.58 ? 85   GLN A N   1 
ATOM   589 C CA  . GLN A 1 85  ? -12.222 1.618   1.453   1.00 19.05 ? 85   GLN A CA  1 
ATOM   590 C C   . GLN A 1 85  ? -13.188 0.428   1.458   1.00 19.08 ? 85   GLN A C   1 
ATOM   591 O O   . GLN A 1 85  ? -13.424 -0.169  2.520   1.00 19.53 ? 85   GLN A O   1 
ATOM   592 C CB  . GLN A 1 85  ? -13.021 2.871   1.192   1.00 19.37 ? 85   GLN A CB  1 
ATOM   593 C CG  . GLN A 1 85  ? -12.337 4.138   1.577   1.00 25.26 ? 85   GLN A CG  1 
ATOM   594 C CD  . GLN A 1 85  ? -13.334 5.285   1.658   1.00 30.30 ? 85   GLN A CD  1 
ATOM   595 O OE1 . GLN A 1 85  ? -13.366 6.002   2.647   1.00 34.89 ? 85   GLN A OE1 1 
ATOM   596 N NE2 . GLN A 1 85  ? -14.167 5.442   0.622   1.00 32.14 ? 85   GLN A NE2 1 
ATOM   597 N N   . ALA A 1 86  ? -13.710 0.076   0.268   1.00 18.46 ? 86   ALA A N   1 
ATOM   598 C CA  . ALA A 1 86  ? -14.597 -1.083  0.107   1.00 18.20 ? 86   ALA A CA  1 
ATOM   599 C C   . ALA A 1 86  ? -13.963 -2.346  0.708   1.00 18.26 ? 86   ALA A C   1 
ATOM   600 O O   . ALA A 1 86  ? -14.627 -3.101  1.420   1.00 19.53 ? 86   ALA A O   1 
ATOM   601 C CB  . ALA A 1 86  ? -14.980 -1.305  -1.372  1.00 18.00 ? 86   ALA A CB  1 
ATOM   602 N N   . ALA A 1 87  ? -12.676 -2.566  0.465   1.00 17.56 ? 87   ALA A N   1 
ATOM   603 C CA  . ALA A 1 87  ? -11.982 -3.729  1.039   1.00 17.41 ? 87   ALA A CA  1 
ATOM   604 C C   . ALA A 1 87  ? -11.678 -3.617  2.551   1.00 17.30 ? 87   ALA A C   1 
ATOM   605 O O   . ALA A 1 87  ? -11.202 -4.569  3.180   1.00 17.97 ? 87   ALA A O   1 
ATOM   606 C CB  . ALA A 1 87  ? -10.727 -4.065  0.226   1.00 16.53 ? 87   ALA A CB  1 
ATOM   607 N N   . GLY A 1 88  ? -11.988 -2.477  3.147   1.00 17.25 ? 88   GLY A N   1 
ATOM   608 C CA  . GLY A 1 88  ? -11.677 -2.259  4.550   1.00 18.13 ? 88   GLY A CA  1 
ATOM   609 C C   . GLY A 1 88  ? -10.229 -1.874  4.832   1.00 18.82 ? 88   GLY A C   1 
ATOM   610 O O   . GLY A 1 88  ? -9.750  -2.054  5.941   1.00 20.08 ? 88   GLY A O   1 
ATOM   611 N N   . ILE A 1 89  ? -9.526  -1.339  3.846   1.00 17.85 ? 89   ILE A N   1 
ATOM   612 C CA  . ILE A 1 89  ? -8.087  -1.011  3.994   1.00 17.45 ? 89   ILE A CA  1 
ATOM   613 C C   . ILE A 1 89  ? -7.908  0.483   4.309   1.00 17.92 ? 89   ILE A C   1 
ATOM   614 O O   . ILE A 1 89  ? -8.444  1.332   3.607   1.00 18.32 ? 89   ILE A O   1 
ATOM   615 C CB  . ILE A 1 89  ? -7.328  -1.427  2.715   1.00 17.50 ? 89   ILE A CB  1 
ATOM   616 C CG1 . ILE A 1 89  ? -7.489  -2.936  2.503   1.00 16.94 ? 89   ILE A CG1 1 
ATOM   617 C CG2 . ILE A 1 89  ? -5.838  -0.988  2.745   1.00 15.24 ? 89   ILE A CG2 1 
ATOM   618 C CD1 . ILE A 1 89  ? -6.842  -3.505  1.226   1.00 16.00 ? 89   ILE A CD1 1 
ATOM   619 N N   . LYS A 1 90  ? -7.185  0.796   5.383   1.00 17.79 ? 90   LYS A N   1 
ATOM   620 C CA  . LYS A 1 90  ? -6.828  2.179   5.731   1.00 18.98 ? 90   LYS A CA  1 
ATOM   621 C C   . LYS A 1 90  ? -5.638  2.648   4.895   1.00 17.77 ? 90   LYS A C   1 
ATOM   622 O O   . LYS A 1 90  ? -4.706  1.893   4.668   1.00 17.62 ? 90   LYS A O   1 
ATOM   623 C CB  . LYS A 1 90  ? -6.473  2.311   7.219   1.00 19.23 ? 90   LYS A CB  1 
ATOM   624 C CG  . LYS A 1 90  ? -7.653  2.432   8.147   1.00 25.51 ? 90   LYS A CG  1 
ATOM   625 C CD  . LYS A 1 90  ? -8.180  1.051   8.561   1.00 32.78 ? 90   LYS A CD  1 
ATOM   626 C CE  . LYS A 1 90  ? -9.507  1.141   9.358   1.00 36.73 ? 90   LYS A CE  1 
ATOM   627 N NZ  . LYS A 1 90  ? -10.557 0.220   8.751   1.00 39.02 ? 90   LYS A NZ  1 
ATOM   628 N N   . VAL A 1 91  ? -5.689  3.895   4.446   1.00 16.81 ? 91   VAL A N   1 
ATOM   629 C CA  . VAL A 1 91  ? -4.717  4.411   3.495   1.00 16.46 ? 91   VAL A CA  1 
ATOM   630 C C   . VAL A 1 91  ? -3.892  5.520   4.113   1.00 16.24 ? 91   VAL A C   1 
ATOM   631 O O   . VAL A 1 91  ? -4.444  6.438   4.719   1.00 16.64 ? 91   VAL A O   1 
ATOM   632 C CB  . VAL A 1 91  ? -5.402  4.924   2.210   1.00 16.55 ? 91   VAL A CB  1 
ATOM   633 C CG1 . VAL A 1 91  ? -4.372  5.523   1.249   1.00 15.94 ? 91   VAL A CG1 1 
ATOM   634 C CG2 . VAL A 1 91  ? -6.174  3.763   1.532   1.00 16.50 ? 91   VAL A CG2 1 
ATOM   635 N N   . GLY A 1 92  ? -2.573  5.397   4.000   1.00 16.22 ? 92   GLY A N   1 
ATOM   636 C CA  . GLY A 1 92  ? -1.627  6.454   4.380   1.00 16.32 ? 92   GLY A CA  1 
ATOM   637 C C   . GLY A 1 92  ? -1.052  6.983   3.083   1.00 16.50 ? 92   GLY A C   1 
ATOM   638 O O   . GLY A 1 92  ? -0.701  6.214   2.202   1.00 17.50 ? 92   GLY A O   1 
ATOM   639 N N   . GLN A 1 93  ? -0.991  8.292   2.941   1.00 16.93 ? 93   GLN A N   1 
ATOM   640 C CA  . GLN A 1 93  ? -0.532  8.918   1.689   1.00 17.32 ? 93   GLN A CA  1 
ATOM   641 C C   . GLN A 1 93  ? 0.746   9.711   1.907   1.00 17.42 ? 93   GLN A C   1 
ATOM   642 O O   . GLN A 1 93  ? 1.180   9.854   3.054   1.00 16.94 ? 93   GLN A O   1 
ATOM   643 C CB  . GLN A 1 93  ? -1.629  9.818   1.104   1.00 17.54 ? 93   GLN A CB  1 
ATOM   644 C CG  . GLN A 1 93  ? -2.686  9.021   0.374   1.00 18.97 ? 93   GLN A CG  1 
ATOM   645 C CD  . GLN A 1 93  ? -3.969  9.787   0.148   1.00 20.86 ? 93   GLN A CD  1 
ATOM   646 O OE1 . GLN A 1 93  ? -4.112  10.925  0.574   1.00 25.23 ? 93   GLN A OE1 1 
ATOM   647 N NE2 . GLN A 1 93  ? -4.914  9.154   -0.508  1.00 22.05 ? 93   GLN A NE2 1 
ATOM   648 N N   . ASP A 1 94  ? 1.351   10.183  0.809   1.00 17.34 ? 94   ASP A N   1 
ATOM   649 C CA  . ASP A 1 94  ? 2.461   11.166  0.827   1.00 17.99 ? 94   ASP A CA  1 
ATOM   650 C C   . ASP A 1 94  ? 3.736   10.609  1.428   1.00 17.72 ? 94   ASP A C   1 
ATOM   651 O O   . ASP A 1 94  ? 4.514   11.347  2.049   1.00 18.12 ? 94   ASP A O   1 
ATOM   652 C CB  . ASP A 1 94  ? 2.062   12.468  1.556   1.00 19.14 ? 94   ASP A CB  1 
ATOM   653 C CG  . ASP A 1 94  ? 0.768   13.097  1.002   1.00 22.81 ? 94   ASP A CG  1 
ATOM   654 O OD1 . ASP A 1 94  ? 0.668   13.317  -0.229  1.00 26.64 ? 94   ASP A OD1 1 
ATOM   655 O OD2 . ASP A 1 94  ? -0.158  13.375  1.812   1.00 25.82 ? 94   ASP A OD2 1 
ATOM   656 N N   . LEU A 1 95  ? 3.948   9.301   1.257   1.00 16.93 ? 95   LEU A N   1 
ATOM   657 C CA  . LEU A 1 95  ? 5.110   8.628   1.839   1.00 17.29 ? 95   LEU A CA  1 
ATOM   658 C C   . LEU A 1 95  ? 6.298   8.411   0.881   1.00 17.42 ? 95   LEU A C   1 
ATOM   659 O O   . LEU A 1 95  ? 7.255   7.712   1.220   1.00 16.89 ? 95   LEU A O   1 
ATOM   660 C CB  . LEU A 1 95  ? 4.695   7.316   2.521   1.00 16.78 ? 95   LEU A CB  1 
ATOM   661 C CG  . LEU A 1 95  ? 3.755   7.564   3.705   1.00 18.68 ? 95   LEU A CG  1 
ATOM   662 C CD1 . LEU A 1 95  ? 2.930   6.347   4.016   1.00 17.45 ? 95   LEU A CD1 1 
ATOM   663 C CD2 . LEU A 1 95  ? 4.513   8.033   4.944   1.00 18.27 ? 95   LEU A CD2 1 
ATOM   664 N N   . GLU A 1 96  ? 6.244   9.026   -0.301  1.00 17.62 ? 96   GLU A N   1 
ATOM   665 C CA  . GLU A 1 96  ? 7.346   8.930   -1.249  1.00 17.70 ? 96   GLU A CA  1 
ATOM   666 C C   . GLU A 1 96  ? 8.593   9.606   -0.666  1.00 17.28 ? 96   GLU A C   1 
ATOM   667 O O   . GLU A 1 96  ? 8.506   10.595  0.089   1.00 16.26 ? 96   GLU A O   1 
ATOM   668 C CB  . GLU A 1 96  ? 6.947   9.483   -2.628  1.00 17.71 ? 96   GLU A CB  1 
ATOM   669 C CG  . GLU A 1 96  ? 6.709   11.000  -2.695  1.00 22.22 ? 96   GLU A CG  1 
ATOM   670 C CD  . GLU A 1 96  ? 5.291   11.483  -2.310  1.00 27.58 ? 96   GLU A CD  1 
ATOM   671 O OE1 . GLU A 1 96  ? 4.422   10.717  -1.842  1.00 27.77 ? 96   GLU A OE1 1 
ATOM   672 O OE2 . GLU A 1 96  ? 5.032   12.682  -2.502  1.00 32.17 ? 96   GLU A OE2 1 
ATOM   673 N N   . GLY A 1 97  ? 9.745   9.005   -0.961  1.00 16.61 ? 97   GLY A N   1 
ATOM   674 C CA  . GLY A 1 97  ? 11.026  9.512   -0.491  1.00 16.28 ? 97   GLY A CA  1 
ATOM   675 C C   . GLY A 1 97  ? 11.510  8.737   0.719   1.00 16.62 ? 97   GLY A C   1 
ATOM   676 O O   . GLY A 1 97  ? 12.672  8.877   1.125   1.00 17.16 ? 97   GLY A O   1 
ATOM   677 N N   . LEU A 1 98  ? 10.616  7.935   1.307   1.00 15.97 ? 98   LEU A N   1 
ATOM   678 C CA  . LEU A 1 98  ? 10.946  7.062   2.454   1.00 14.91 ? 98   LEU A CA  1 
ATOM   679 C C   . LEU A 1 98  ? 11.255  5.666   1.954   1.00 15.18 ? 98   LEU A C   1 
ATOM   680 O O   . LEU A 1 98  ? 10.758  5.262   0.875   1.00 14.71 ? 98   LEU A O   1 
ATOM   681 C CB  . LEU A 1 98  ? 9.768   7.013   3.436   1.00 14.96 ? 98   LEU A CB  1 
ATOM   682 C CG  . LEU A 1 98  ? 9.395   8.273   4.205   1.00 15.71 ? 98   LEU A CG  1 
ATOM   683 C CD1 . LEU A 1 98  ? 8.202   8.019   5.137   1.00 17.14 ? 98   LEU A CD1 1 
ATOM   684 C CD2 . LEU A 1 98  ? 10.581  8.757   5.030   1.00 14.96 ? 98   LEU A CD2 1 
ATOM   685 N N   . THR A 1 99  ? 12.097  4.938   2.691   1.00 14.72 ? 99   THR A N   1 
ATOM   686 C CA  . THR A 1 99  ? 12.224  3.514   2.459   1.00 14.06 ? 99   THR A CA  1 
ATOM   687 C C   . THR A 1 99  ? 11.008  2.796   3.028   1.00 13.66 ? 99   THR A C   1 
ATOM   688 O O   . THR A 1 99  ? 10.232  3.366   3.806   1.00 13.47 ? 99   THR A O   1 
ATOM   689 C CB  . THR A 1 99  ? 13.508  2.882   3.044   1.00 14.29 ? 99   THR A CB  1 
ATOM   690 O OG1 . THR A 1 99  ? 13.447  2.917   4.460   1.00 14.01 ? 99   THR A OG1 1 
ATOM   691 C CG2 . THR A 1 99  ? 14.744  3.611   2.605   1.00 15.12 ? 99   THR A CG2 1 
ATOM   692 N N   . VAL A 1 100 ? 10.811  1.556   2.603   1.00 13.18 ? 100  VAL A N   1 
ATOM   693 C CA  . VAL A 1 100 ? 9.668   0.784   3.070   1.00 13.70 ? 100  VAL A CA  1 
ATOM   694 C C   . VAL A 1 100 ? 9.744   0.655   4.600   1.00 14.07 ? 100  VAL A C   1 
ATOM   695 O O   . VAL A 1 100 ? 8.743   0.904   5.283   1.00 13.21 ? 100  VAL A O   1 
ATOM   696 C CB  . VAL A 1 100 ? 9.522   -0.582  2.334   1.00 14.23 ? 100  VAL A CB  1 
ATOM   697 C CG1 . VAL A 1 100 ? 8.477   -1.494  3.036   1.00 13.49 ? 100  VAL A CG1 1 
ATOM   698 C CG2 . VAL A 1 100 ? 9.118   -0.353  0.853   1.00 14.14 ? 100  VAL A CG2 1 
ATOM   699 N N   . ARG A 1 101 ? 10.928  0.336   5.116   1.00 14.01 ? 101  ARG A N   1 
ATOM   700 C CA  . ARG A 1 101 ? 11.112  0.203   6.556   1.00 16.01 ? 101  ARG A CA  1 
ATOM   701 C C   . ARG A 1 101 ? 10.754  1.488   7.299   1.00 15.74 ? 101  ARG A C   1 
ATOM   702 O O   . ARG A 1 101 ? 10.081  1.443   8.330   1.00 16.21 ? 101  ARG A O   1 
ATOM   703 C CB  . ARG A 1 101 ? 12.551  -0.200  6.855   1.00 16.80 ? 101  ARG A CB  1 
ATOM   704 C CG  . ARG A 1 101 ? 12.777  -0.679  8.282   1.00 20.05 ? 101  ARG A CG  1 
ATOM   705 C CD  . ARG A 1 101 ? 14.265  -0.846  8.595   1.00 21.71 ? 101  ARG A CD  1 
ATOM   706 N NE  . ARG A 1 101 ? 14.946  -1.773  7.692   1.00 24.66 ? 101  ARG A NE  1 
ATOM   707 C CZ  . ARG A 1 101 ? 14.973  -3.099  7.813   1.00 26.69 ? 101  ARG A CZ  1 
ATOM   708 N NH1 . ARG A 1 101 ? 14.340  -3.723  8.807   1.00 29.01 ? 101  ARG A NH1 1 
ATOM   709 N NH2 . ARG A 1 101 ? 15.648  -3.811  6.924   1.00 27.74 ? 101  ARG A NH2 1 
ATOM   710 N N   . GLN A 1 102 ? 11.181  2.633   6.760   1.00 14.95 ? 102  GLN A N   1 
ATOM   711 C CA  . GLN A 1 102 ? 10.904  3.919   7.378   1.00 14.27 ? 102  GLN A CA  1 
ATOM   712 C C   . GLN A 1 102 ? 9.440   4.275   7.334   1.00 13.67 ? 102  GLN A C   1 
ATOM   713 O O   . GLN A 1 102 ? 8.957   4.876   8.264   1.00 14.17 ? 102  GLN A O   1 
ATOM   714 C CB  . GLN A 1 102 ? 11.705  5.031   6.721   1.00 13.96 ? 102  GLN A CB  1 
ATOM   715 C CG  . GLN A 1 102 ? 13.233  4.955   6.970   1.00 15.64 ? 102  GLN A CG  1 
ATOM   716 C CD  . GLN A 1 102 ? 13.999  5.873   6.044   1.00 17.43 ? 102  GLN A CD  1 
ATOM   717 O OE1 . GLN A 1 102 ? 13.507  6.253   4.977   1.00 20.64 ? 102  GLN A OE1 1 
ATOM   718 N NE2 . GLN A 1 102 ? 15.205  6.239   6.440   1.00 17.27 ? 102  GLN A NE2 1 
ATOM   719 N N   . ALA A 1 103 ? 8.723   3.936   6.255   1.00 13.64 ? 103  ALA A N   1 
ATOM   720 C CA  . ALA A 1 103 ? 7.299   4.250   6.181   1.00 13.07 ? 103  ALA A CA  1 
ATOM   721 C C   . ALA A 1 103 ? 6.479   3.447   7.219   1.00 13.20 ? 103  ALA A C   1 
ATOM   722 O O   . ALA A 1 103 ? 5.558   3.976   7.855   1.00 12.29 ? 103  ALA A O   1 
ATOM   723 C CB  . ALA A 1 103 ? 6.762   4.013   4.777   1.00 12.64 ? 103  ALA A CB  1 
ATOM   724 N N   . VAL A 1 104 ? 6.822   2.172   7.381   1.00 13.49 ? 104  VAL A N   1 
ATOM   725 C CA  . VAL A 1 104 ? 6.129   1.327   8.343   1.00 14.32 ? 104  VAL A CA  1 
ATOM   726 C C   . VAL A 1 104 ? 6.417   1.868   9.738   1.00 14.88 ? 104  VAL A C   1 
ATOM   727 O O   . VAL A 1 104 ? 5.486   2.043   10.531  1.00 15.14 ? 104  VAL A O   1 
ATOM   728 C CB  . VAL A 1 104 ? 6.538   -0.145  8.242   1.00 13.86 ? 104  VAL A CB  1 
ATOM   729 C CG1 . VAL A 1 104 ? 6.047   -0.895  9.456   1.00 15.11 ? 104  VAL A CG1 1 
ATOM   730 C CG2 . VAL A 1 104 ? 5.971   -0.771  6.962   1.00 13.70 ? 104  VAL A CG2 1 
ATOM   731 N N   . GLN A 1 105 ? 7.691   2.181   10.009  1.00 15.47 ? 105  GLN A N   1 
ATOM   732 C CA  . GLN A 1 105 ? 8.072   2.801   11.297  1.00 16.62 ? 105  GLN A CA  1 
ATOM   733 C C   . GLN A 1 105 ? 7.356   4.121   11.584  1.00 16.46 ? 105  GLN A C   1 
ATOM   734 O O   . GLN A 1 105 ? 6.862   4.291   12.703  1.00 16.63 ? 105  GLN A O   1 
ATOM   735 C CB  . GLN A 1 105 ? 9.600   2.932   11.460  1.00 16.77 ? 105  GLN A CB  1 
ATOM   736 C CG  . GLN A 1 105 ? 10.055  3.311   12.883  1.00 20.91 ? 105  GLN A CG  1 
ATOM   737 C CD  . GLN A 1 105 ? 9.735   2.230   13.924  1.00 25.54 ? 105  GLN A CD  1 
ATOM   738 O OE1 . GLN A 1 105 ? 8.820   2.383   14.753  1.00 29.21 ? 105  GLN A OE1 1 
ATOM   739 N NE2 . GLN A 1 105 ? 10.471  1.124   13.868  1.00 24.68 ? 105  GLN A NE2 1 
ATOM   740 N N   . ARG A 1 106 ? 7.283   5.051   10.617  1.00 17.00 ? 106  ARG A N   1 
ATOM   741 C CA  . ARG A 1 106 ? 6.511   6.311   10.821  1.00 18.05 ? 106  ARG A CA  1 
ATOM   742 C C   . ARG A 1 106 ? 5.029   6.042   11.050  1.00 17.28 ? 106  ARG A C   1 
ATOM   743 O O   . ARG A 1 106 ? 4.405   6.713   11.867  1.00 17.41 ? 106  ARG A O   1 
ATOM   744 C CB  . ARG A 1 106 ? 6.598   7.313   9.658   1.00 18.75 ? 106  ARG A CB  1 
ATOM   745 C CG  . ARG A 1 106 ? 7.976   7.860   9.376   1.00 24.94 ? 106  ARG A CG  1 
ATOM   746 C CD  . ARG A 1 106 ? 8.017   9.375   9.101   1.00 32.17 ? 106  ARG A CD  1 
ATOM   747 N NE  . ARG A 1 106 ? 6.938   9.894   8.263   1.00 35.28 ? 106  ARG A NE  1 
ATOM   748 C CZ  . ARG A 1 106 ? 7.099   10.839  7.333   1.00 38.27 ? 106  ARG A CZ  1 
ATOM   749 N NH1 . ARG A 1 106 ? 8.308   11.350  7.075   1.00 39.35 ? 106  ARG A NH1 1 
ATOM   750 N NH2 . ARG A 1 106 ? 6.055   11.259  6.624   1.00 39.06 ? 106  ARG A NH2 1 
ATOM   751 N N   . PHE A 1 107 ? 4.463   5.097   10.298  1.00 16.46 ? 107  PHE A N   1 
ATOM   752 C CA  . PHE A 1 107 ? 3.074   4.691   10.512  1.00 15.90 ? 107  PHE A CA  1 
ATOM   753 C C   . PHE A 1 107 ? 2.855   4.169   11.939  1.00 16.27 ? 107  PHE A C   1 
ATOM   754 O O   . PHE A 1 107 ? 1.947   4.637   12.615  1.00 16.37 ? 107  PHE A O   1 
ATOM   755 C CB  . PHE A 1 107 ? 2.586   3.633   9.511   1.00 15.71 ? 107  PHE A CB  1 
ATOM   756 C CG  . PHE A 1 107 ? 1.249   3.046   9.891   1.00 14.32 ? 107  PHE A CG  1 
ATOM   757 C CD1 . PHE A 1 107 ? 0.090   3.809   9.797   1.00 13.96 ? 107  PHE A CD1 1 
ATOM   758 C CD2 . PHE A 1 107 ? 1.162   1.762   10.404  1.00 14.57 ? 107  PHE A CD2 1 
ATOM   759 C CE1 . PHE A 1 107 ? -1.153  3.290   10.186  1.00 14.33 ? 107  PHE A CE1 1 
ATOM   760 C CE2 . PHE A 1 107 ? -0.071  1.237   10.798  1.00 15.81 ? 107  PHE A CE2 1 
ATOM   761 C CZ  . PHE A 1 107 ? -1.226  2.006   10.688  1.00 13.06 ? 107  PHE A CZ  1 
ATOM   762 N N   . LEU A 1 108 ? 3.664   3.206   12.370  1.00 16.01 ? 108  LEU A N   1 
ATOM   763 C CA  . LEU A 1 108 ? 3.568   2.652   13.741  1.00 17.17 ? 108  LEU A CA  1 
ATOM   764 C C   . LEU A 1 108 ? 3.765   3.677   14.866  1.00 18.22 ? 108  LEU A C   1 
ATOM   765 O O   . LEU A 1 108 ? 3.157   3.563   15.949  1.00 18.53 ? 108  LEU A O   1 
ATOM   766 C CB  . LEU A 1 108 ? 4.529   1.480   13.927  1.00 16.42 ? 108  LEU A CB  1 
ATOM   767 C CG  . LEU A 1 108 ? 4.225   0.317   12.979  1.00 15.13 ? 108  LEU A CG  1 
ATOM   768 C CD1 . LEU A 1 108 ? 5.264   -0.752  13.158  1.00 17.21 ? 108  LEU A CD1 1 
ATOM   769 C CD2 . LEU A 1 108 ? 2.813   -0.242  13.156  1.00 15.98 ? 108  LEU A CD2 1 
ATOM   770 N N   . ASP A 1 109 ? 4.599   4.671   14.596  1.00 18.10 ? 109  ASP A N   1 
ATOM   771 C CA  . ASP A 1 109 ? 4.877   5.743   15.541  1.00 19.01 ? 109  ASP A CA  1 
ATOM   772 C C   . ASP A 1 109 ? 3.766   6.793   15.574  1.00 18.99 ? 109  ASP A C   1 
ATOM   773 O O   . ASP A 1 109 ? 3.904   7.777   16.257  1.00 19.44 ? 109  ASP A O   1 
ATOM   774 C CB  . ASP A 1 109 ? 6.232   6.413   15.208  1.00 18.64 ? 109  ASP A CB  1 
ATOM   775 C CG  . ASP A 1 109 ? 7.432   5.529   15.526  1.00 20.31 ? 109  ASP A CG  1 
ATOM   776 O OD1 . ASP A 1 109 ? 7.243   4.444   16.126  1.00 23.27 ? 109  ASP A OD1 1 
ATOM   777 O OD2 . ASP A 1 109 ? 8.588   5.906   15.178  1.00 23.67 ? 109  ASP A OD2 1 
ATOM   778 N N   . GLY A 1 110 ? 2.677   6.603   14.828  1.00 19.03 ? 110  GLY A N   1 
ATOM   779 C CA  . GLY A 1 110 ? 1.574   7.568   14.826  1.00 18.78 ? 110  GLY A CA  1 
ATOM   780 C C   . GLY A 1 110 ? 1.771   8.836   14.012  1.00 19.61 ? 110  GLY A C   1 
ATOM   781 O O   . GLY A 1 110 ? 1.009   9.792   14.166  1.00 19.26 ? 110  GLY A O   1 
ATOM   782 N N   . GLN A 1 111 ? 2.751   8.827   13.107  1.00 19.14 ? 111  GLN A N   1 
ATOM   783 C CA  A GLN A 1 111 ? 3.116   10.009  12.319  0.50 19.68 ? 111  GLN A CA  1 
ATOM   784 C CA  B GLN A 1 111 ? 3.092   10.019  12.328  0.50 19.77 ? 111  GLN A CA  1 
ATOM   785 C C   . GLN A 1 111 ? 2.466   10.039  10.923  1.00 19.98 ? 111  GLN A C   1 
ATOM   786 O O   . GLN A 1 111 ? 2.766   10.929  10.105  1.00 19.63 ? 111  GLN A O   1 
ATOM   787 C CB  A GLN A 1 111 ? 4.643   10.087  12.171  0.50 19.71 ? 111  GLN A CB  1 
ATOM   788 C CB  B GLN A 1 111 ? 4.609   10.154  12.228  0.50 19.83 ? 111  GLN A CB  1 
ATOM   789 C CG  A GLN A 1 111 ? 5.409   10.639  13.364  0.50 21.05 ? 111  GLN A CG  1 
ATOM   790 C CG  B GLN A 1 111 ? 5.327   10.100  13.556  0.50 21.64 ? 111  GLN A CG  1 
ATOM   791 C CD  A GLN A 1 111 ? 6.922   10.475  13.208  0.50 22.47 ? 111  GLN A CD  1 
ATOM   792 C CD  B GLN A 1 111 ? 4.933   11.235  14.465  0.50 23.26 ? 111  GLN A CD  1 
ATOM   793 O OE1 A GLN A 1 111 ? 7.420   9.386   12.901  0.50 21.21 ? 111  GLN A OE1 1 
ATOM   794 O OE1 B GLN A 1 111 ? 3.753   11.538  14.622  0.50 22.51 ? 111  GLN A OE1 1 
ATOM   795 N NE2 A GLN A 1 111 ? 7.655   11.558  13.422  0.50 24.41 ? 111  GLN A NE2 1 
ATOM   796 N NE2 B GLN A 1 111 ? 5.929   11.884  15.069  0.50 25.69 ? 111  GLN A NE2 1 
ATOM   797 N N   . VAL A 1 112 ? 1.598   9.060   10.639  1.00 19.61 ? 112  VAL A N   1 
ATOM   798 C CA  . VAL A 1 112 ? 0.916   8.955   9.346   1.00 19.27 ? 112  VAL A CA  1 
ATOM   799 C C   . VAL A 1 112 ? -0.607  9.038   9.500   1.00 20.68 ? 112  VAL A C   1 
ATOM   800 O O   . VAL A 1 112 ? -1.253  8.057   9.877   1.00 21.12 ? 112  VAL A O   1 
ATOM   801 C CB  . VAL A 1 112 ? 1.326   7.663   8.543   1.00 18.79 ? 112  VAL A CB  1 
ATOM   802 C CG1 . VAL A 1 112 ? 0.671   7.645   7.162   1.00 16.66 ? 112  VAL A CG1 1 
ATOM   803 C CG2 . VAL A 1 112 ? 2.826   7.581   8.382   1.00 16.60 ? 112  VAL A CG2 1 
ATOM   804 N N   . PRO A 1 113 ? -1.186  10.206  9.187   1.00 21.68 ? 113  PRO A N   1 
ATOM   805 C CA  . PRO A 1 113 ? -2.637  10.404  9.203   1.00 22.81 ? 113  PRO A CA  1 
ATOM   806 C C   . PRO A 1 113 ? -3.318  9.482   8.207   1.00 23.70 ? 113  PRO A C   1 
ATOM   807 O O   . PRO A 1 113 ? -2.813  9.318   7.091   1.00 23.48 ? 113  PRO A O   1 
ATOM   808 C CB  . PRO A 1 113 ? -2.785  11.839  8.730   1.00 23.08 ? 113  PRO A CB  1 
ATOM   809 C CG  . PRO A 1 113 ? -1.456  12.473  9.003   1.00 23.48 ? 113  PRO A CG  1 
ATOM   810 C CD  . PRO A 1 113 ? -0.473  11.407  8.737   1.00 22.19 ? 113  PRO A CD  1 
ATOM   811 N N   . MET A 1 114 ? -4.418  8.833   8.585   1.00 24.94 ? 114  MET A N   1 
ATOM   812 C CA  A MET A 1 114 ? -5.122  8.032   7.603   0.60 25.47 ? 114  MET A CA  1 
ATOM   813 C CA  C MET A 1 114 ? -5.179  8.028   7.622   0.40 25.48 ? 114  MET A CA  1 
ATOM   814 C C   . MET A 1 114 ? -5.849  8.997   6.661   1.00 25.46 ? 114  MET A C   1 
ATOM   815 O O   . MET A 1 114 ? -6.409  10.000  7.098   1.00 26.27 ? 114  MET A O   1 
ATOM   816 C CB  A MET A 1 114 ? -6.016  6.967   8.257   0.60 26.15 ? 114  MET A CB  1 
ATOM   817 C CB  C MET A 1 114 ? -6.182  7.055   8.292   0.40 25.98 ? 114  MET A CB  1 
ATOM   818 C CG  A MET A 1 114 ? -5.218  5.848   9.021   0.60 27.00 ? 114  MET A CG  1 
ATOM   819 C CG  C MET A 1 114 ? -7.517  7.621   8.796   0.40 27.36 ? 114  MET A CG  1 
ATOM   820 S SD  A MET A 1 114 ? -4.010  4.856   8.074   0.60 30.94 ? 114  MET A SD  1 
ATOM   821 S SD  C MET A 1 114 ? -8.677  6.347   9.399   0.40 31.40 ? 114  MET A SD  1 
ATOM   822 C CE  A MET A 1 114 ? -2.507  5.813   8.183   0.60 27.49 ? 114  MET A CE  1 
ATOM   823 C CE  C MET A 1 114 ? -9.499  5.861   7.885   0.40 29.92 ? 114  MET A CE  1 
ATOM   824 N N   . ALA A 1 115 ? -5.750  8.737   5.358   1.00 24.80 ? 115  ALA A N   1 
ATOM   825 C CA  . ALA A 1 115 ? -6.328  9.643   4.357   1.00 24.07 ? 115  ALA A CA  1 
ATOM   826 C C   . ALA A 1 115 ? -7.831  9.503   4.296   1.00 24.05 ? 115  ALA A C   1 
ATOM   827 O O   . ALA A 1 115 ? -8.361  8.401   4.473   1.00 24.02 ? 115  ALA A O   1 
ATOM   828 C CB  . ALA A 1 115 ? -5.730  9.380   2.998   1.00 23.81 ? 115  ALA A CB  1 
ATOM   829 N N   . ALA A 1 116 ? -8.505  10.623  4.041   1.00 23.69 ? 116  ALA A N   1 
ATOM   830 C CA  . ALA A 1 116 ? -9.958  10.671  3.949   1.00 24.10 ? 116  ALA A CA  1 
ATOM   831 C C   . ALA A 1 116 ? -10.422 10.566  2.509   1.00 23.93 ? 116  ALA A C   1 
ATOM   832 O O   . ALA A 1 116 ? -11.568 10.206  2.254   1.00 24.53 ? 116  ALA A O   1 
ATOM   833 C CB  . ALA A 1 116 ? -10.498 11.946  4.593   1.00 24.21 ? 116  ALA A CB  1 
ATOM   834 N N   . GLY A 1 117 ? -9.530  10.860  1.558   1.00 23.32 ? 117  GLY A N   1 
ATOM   835 C CA  . GLY A 1 117 ? -9.889  10.774  0.148   1.00 22.06 ? 117  GLY A CA  1 
ATOM   836 C C   . GLY A 1 117 ? -8.678  10.645  -0.732  1.00 21.33 ? 117  GLY A C   1 
ATOM   837 O O   . GLY A 1 117 ? -7.556  10.678  -0.235  1.00 22.45 ? 117  GLY A O   1 
ATOM   838 N N   . PRO A 1 118 ? -8.884  10.474  -2.045  1.00 20.99 ? 118  PRO A N   1 
ATOM   839 C CA  . PRO A 1 118 ? -7.745  10.365  -2.958  1.00 20.89 ? 118  PRO A CA  1 
ATOM   840 C C   . PRO A 1 118 ? -6.943  11.663  -2.981  1.00 21.45 ? 118  PRO A C   1 
ATOM   841 O O   . PRO A 1 118 ? -7.483  12.729  -2.691  1.00 21.98 ? 118  PRO A O   1 
ATOM   842 C CB  . PRO A 1 118 ? -8.399  10.166  -4.320  1.00 20.16 ? 118  PRO A CB  1 
ATOM   843 C CG  . PRO A 1 118 ? -9.772  10.656  -4.179  1.00 20.41 ? 118  PRO A CG  1 
ATOM   844 C CD  . PRO A 1 118 ? -10.174 10.478  -2.754  1.00 20.90 ? 118  PRO A CD  1 
ATOM   845 N N   . ASN A 1 119 ? -5.664  11.589  -3.306  1.00 21.79 ? 119  ASN A N   1 
ATOM   846 C CA  . ASN A 1 119 ? -4.885  12.814  -3.447  1.00 22.38 ? 119  ASN A CA  1 
ATOM   847 C C   . ASN A 1 119 ? -4.385  13.015  -4.872  1.00 23.22 ? 119  ASN A C   1 
ATOM   848 O O   . ASN A 1 119 ? -3.416  13.714  -5.085  1.00 23.89 ? 119  ASN A O   1 
ATOM   849 C CB  . ASN A 1 119 ? -3.715  12.843  -2.464  1.00 21.41 ? 119  ASN A CB  1 
ATOM   850 C CG  . ASN A 1 119 ? -2.743  11.682  -2.676  1.00 20.82 ? 119  ASN A CG  1 
ATOM   851 O OD1 . ASN A 1 119 ? -3.067  10.704  -3.349  1.00 17.92 ? 119  ASN A OD1 1 
ATOM   852 N ND2 . ASN A 1 119 ? -1.566  11.789  -2.099  1.00 14.83 ? 119  ASN A ND2 1 
ATOM   853 N N   . LYS A 1 120 ? -5.025  12.394  -5.847  1.00 24.74 ? 120  LYS A N   1 
ATOM   854 C CA  . LYS A 1 120 ? -4.645  12.642  -7.235  1.00 26.52 ? 120  LYS A CA  1 
ATOM   855 C C   . LYS A 1 120 ? -5.760  12.447  -8.271  1.00 27.55 ? 120  LYS A C   1 
ATOM   856 O O   . LYS A 1 120 ? -6.884  12.058  -7.927  1.00 29.09 ? 120  LYS A O   1 
ATOM   857 C CB  . LYS A 1 120 ? -3.380  11.842  -7.561  1.00 26.41 ? 120  LYS A CB  1 
ATOM   858 C CG  . LYS A 1 120 ? -3.414  11.038  -8.794  1.00 28.23 ? 120  LYS A CG  1 
ATOM   859 C CD  . LYS A 1 120 ? -3.426  9.628   -8.423  1.00 29.98 ? 120  LYS A CD  1 
ATOM   860 C CE  . LYS A 1 120 ? -2.638  8.828   -9.411  1.00 31.00 ? 120  LYS A CE  1 
ATOM   861 N NZ  . LYS A 1 120 ? -3.448  8.381   -10.569 1.00 32.64 ? 120  LYS A NZ  1 
HETATM 862 P P   . PO4 B 2 .   ? -4.205  4.781   -9.345  1.00 20.16 ? 1121 PO4 A P   1 
HETATM 863 O O1  . PO4 B 2 .   ? -2.926  4.677   -8.622  1.00 20.13 ? 1121 PO4 A O1  1 
HETATM 864 O O2  . PO4 B 2 .   ? -5.177  5.483   -8.459  1.00 22.11 ? 1121 PO4 A O2  1 
HETATM 865 O O3  . PO4 B 2 .   ? -4.011  5.534   -10.613 1.00 20.78 ? 1121 PO4 A O3  1 
HETATM 866 O O4  . PO4 B 2 .   ? -4.708  3.392   -9.656  1.00 21.45 ? 1121 PO4 A O4  1 
HETATM 867 P P   . PO4 C 2 .   ? -5.614  3.393   -13.315 1.00 28.81 ? 1122 PO4 A P   1 
HETATM 868 O O1  . PO4 C 2 .   ? -6.169  2.831   -12.030 1.00 30.18 ? 1122 PO4 A O1  1 
HETATM 869 O O2  . PO4 C 2 .   ? -6.504  4.529   -13.725 1.00 30.70 ? 1122 PO4 A O2  1 
HETATM 870 O O3  . PO4 C 2 .   ? -4.164  3.798   -13.099 1.00 31.76 ? 1122 PO4 A O3  1 
HETATM 871 O O4  . PO4 C 2 .   ? -5.601  2.341   -14.389 1.00 29.50 ? 1122 PO4 A O4  1 
HETATM 872 P P   . PO4 D 2 .   ? -8.123  5.972   -10.418 1.00 40.59 ? 1123 PO4 A P   1 
HETATM 873 O O1  . PO4 D 2 .   ? -7.737  5.234   -9.172  1.00 37.34 ? 1123 PO4 A O1  1 
HETATM 874 O O2  . PO4 D 2 .   ? -9.489  6.566   -10.198 1.00 38.77 ? 1123 PO4 A O2  1 
HETATM 875 O O3  . PO4 D 2 .   ? -7.085  7.024   -10.753 1.00 40.47 ? 1123 PO4 A O3  1 
HETATM 876 O O4  . PO4 D 2 .   ? -8.199  5.018   -11.577 1.00 42.14 ? 1123 PO4 A O4  1 
HETATM 877 C C   . ACT E 3 .   ? 2.483   1.200   -15.929 1.00 26.28 ? 1124 ACT A C   1 
HETATM 878 O O   . ACT E 3 .   ? 1.656   0.370   -16.317 1.00 27.01 ? 1124 ACT A O   1 
HETATM 879 O OXT . ACT E 3 .   ? 3.637   0.871   -15.554 1.00 27.02 ? 1124 ACT A OXT 1 
HETATM 880 C CH3 . ACT E 3 .   ? 2.024   2.579   -15.874 1.00 26.02 ? 1124 ACT A CH3 1 
HETATM 881 O O   . HOH F 4 .   ? 1.394   -11.786 5.088   1.00 46.41 ? 2001 HOH A O   1 
HETATM 882 O O   . HOH F 4 .   ? 10.984  -4.619  -9.496  1.00 46.58 ? 2002 HOH A O   1 
HETATM 883 O O   . HOH F 4 .   ? 10.557  -0.154  -9.972  1.00 49.89 ? 2003 HOH A O   1 
HETATM 884 O O   . HOH F 4 .   ? 14.294  -3.476  -4.929  1.00 52.88 ? 2004 HOH A O   1 
HETATM 885 O O   . HOH F 4 .   ? 11.115  -2.345  -1.540  1.00 25.49 ? 2005 HOH A O   1 
HETATM 886 O O   . HOH F 4 .   ? 10.670  -8.103  0.712   1.00 29.19 ? 2006 HOH A O   1 
HETATM 887 O O   . HOH F 4 .   ? -1.263  -12.921 -2.435  1.00 48.22 ? 2007 HOH A O   1 
HETATM 888 O O   . HOH F 4 .   ? 14.880  -6.927  3.860   1.00 47.34 ? 2008 HOH A O   1 
HETATM 889 O O   . HOH F 4 .   ? 11.284  -12.047 -4.249  1.00 34.78 ? 2009 HOH A O   1 
HETATM 890 O O   . HOH F 4 .   ? 16.959  -4.293  1.087   1.00 39.12 ? 2010 HOH A O   1 
HETATM 891 O O   . HOH F 4 .   ? 19.162  -1.305  -0.056  1.00 48.06 ? 2011 HOH A O   1 
HETATM 892 O O   . HOH F 4 .   ? 14.194  1.575   -4.395  1.00 28.75 ? 2012 HOH A O   1 
HETATM 893 O O   . HOH F 4 .   ? 11.052  -0.431  -3.280  1.00 17.20 ? 2013 HOH A O   1 
HETATM 894 O O   . HOH F 4 .   ? 9.842   7.277   -3.443  1.00 19.25 ? 2014 HOH A O   1 
HETATM 895 O O   . HOH F 4 .   ? 5.726   1.892   -10.554 1.00 29.88 ? 2015 HOH A O   1 
HETATM 896 O O   . HOH F 4 .   ? 6.780   4.935   -10.120 1.00 31.59 ? 2016 HOH A O   1 
HETATM 897 O O   . HOH F 4 .   ? -0.314  5.893   -12.471 1.00 22.61 ? 2017 HOH A O   1 
HETATM 898 O O   . HOH F 4 .   ? 6.293   -5.948  -11.153 1.00 31.20 ? 2018 HOH A O   1 
HETATM 899 O O   . HOH F 4 .   ? 3.632   -11.273 5.823   1.00 34.31 ? 2019 HOH A O   1 
HETATM 900 O O   . HOH F 4 .   ? 6.548   -15.224 5.466   1.00 48.68 ? 2020 HOH A O   1 
HETATM 901 O O   . HOH F 4 .   ? 5.059   -15.197 1.142   1.00 30.15 ? 2021 HOH A O   1 
HETATM 902 O O   . HOH F 4 .   ? -0.465  -12.490 2.057   1.00 51.20 ? 2022 HOH A O   1 
HETATM 903 O O   . HOH F 4 .   ? -0.190  -14.184 0.087   1.00 59.40 ? 2023 HOH A O   1 
HETATM 904 O O   . HOH F 4 .   ? 13.197  2.567   10.190  1.00 26.99 ? 2024 HOH A O   1 
HETATM 905 O O   . HOH F 4 .   ? 10.015  15.294  6.453   1.00 54.79 ? 2025 HOH A O   1 
HETATM 906 O O   . HOH F 4 .   ? 7.960   -13.001 -0.693  1.00 36.31 ? 2026 HOH A O   1 
HETATM 907 O O   . HOH F 4 .   ? 8.544   -6.706  -9.527  1.00 35.28 ? 2027 HOH A O   1 
HETATM 908 O O   . HOH F 4 .   ? 7.782   -12.452 -4.331  1.00 30.51 ? 2028 HOH A O   1 
HETATM 909 O O   . HOH F 4 .   ? 1.572   -10.058 -11.076 1.00 35.58 ? 2029 HOH A O   1 
HETATM 910 O O   . HOH F 4 .   ? 1.318   -11.313 -7.196  1.00 21.07 ? 2030 HOH A O   1 
HETATM 911 O O   . HOH F 4 .   ? 7.541   -1.744  -12.608 1.00 38.45 ? 2031 HOH A O   1 
HETATM 912 O O   . HOH F 4 .   ? -4.753  4.570   -18.339 1.00 21.74 ? 2032 HOH A O   1 
HETATM 913 O O   . HOH F 4 .   ? -7.324  -2.002  -23.256 1.00 43.83 ? 2033 HOH A O   1 
HETATM 914 O O   . HOH F 4 .   ? -9.109  -3.359  -16.409 1.00 42.80 ? 2034 HOH A O   1 
HETATM 915 O O   . HOH F 4 .   ? -9.603  -3.631  -13.184 1.00 28.86 ? 2035 HOH A O   1 
HETATM 916 O O   . HOH F 4 .   ? -13.364 -3.524  -6.255  1.00 40.01 ? 2036 HOH A O   1 
HETATM 917 O O   . HOH F 4 .   ? -7.939  -6.779  2.688   1.00 33.44 ? 2037 HOH A O   1 
HETATM 918 O O   . HOH F 4 .   ? -8.014  -2.339  8.906   1.00 38.30 ? 2038 HOH A O   1 
HETATM 919 O O   . HOH F 4 .   ? 6.125   13.876  -5.076  1.00 35.51 ? 2039 HOH A O   1 
HETATM 920 O O   . HOH F 4 .   ? -12.658 8.049   -3.874  1.00 31.29 ? 2040 HOH A O   1 
HETATM 921 O O   . HOH F 4 .   ? -13.826 1.749   -7.175  1.00 23.67 ? 2041 HOH A O   1 
HETATM 922 O O   . HOH F 4 .   ? -12.223 2.364   -14.346 1.00 52.27 ? 2042 HOH A O   1 
HETATM 923 O O   . HOH F 4 .   ? -15.943 6.103   -15.540 1.00 44.11 ? 2043 HOH A O   1 
HETATM 924 O O   . HOH F 4 .   ? -12.632 -4.049  -3.216  1.00 35.01 ? 2044 HOH A O   1 
HETATM 925 O O   . HOH F 4 .   ? 1.056   10.782  5.366   1.00 36.04 ? 2045 HOH A O   1 
HETATM 926 O O   . HOH F 4 .   ? 2.607   13.566  -1.626  1.00 48.89 ? 2046 HOH A O   1 
HETATM 927 O O   . HOH F 4 .   ? -1.172  12.799  4.599   1.00 47.64 ? 2047 HOH A O   1 
HETATM 928 O O   . HOH F 4 .   ? -2.429  13.067  1.108   1.00 40.19 ? 2048 HOH A O   1 
HETATM 929 O O   . HOH F 4 .   ? 13.553  11.167  0.311   1.00 35.24 ? 2049 HOH A O   1 
HETATM 930 O O   . HOH F 4 .   ? 15.443  1.914   5.874   1.00 20.50 ? 2050 HOH A O   1 
HETATM 931 O O   . HOH F 4 .   ? 9.819   -0.585  10.315  1.00 30.35 ? 2051 HOH A O   1 
HETATM 932 O O   . HOH F 4 .   ? 10.764  6.373   10.167  1.00 20.26 ? 2052 HOH A O   1 
HETATM 933 O O   . HOH F 4 .   ? 11.304  -0.660  15.592  1.00 31.49 ? 2053 HOH A O   1 
HETATM 934 O O   . HOH F 4 .   ? 12.129  0.563   11.852  1.00 24.86 ? 2054 HOH A O   1 
HETATM 935 O O   . HOH F 4 .   ? 10.771  12.786  6.498   1.00 33.94 ? 2055 HOH A O   1 
HETATM 936 O O   . HOH F 4 .   ? 3.743   11.503  6.419   1.00 34.61 ? 2056 HOH A O   1 
HETATM 937 O O   . HOH F 4 .   ? 0.311   6.789   11.879  1.00 14.75 ? 2057 HOH A O   1 
HETATM 938 O O   . HOH F 4 .   ? 8.141   3.751   18.619  1.00 29.50 ? 2058 HOH A O   1 
HETATM 939 O O   . HOH F 4 .   ? -0.673  11.922  12.311  1.00 37.73 ? 2059 HOH A O   1 
HETATM 940 O O   . HOH F 4 .   ? 3.166   13.912  11.028  1.00 52.20 ? 2060 HOH A O   1 
HETATM 941 O O   . HOH F 4 .   ? -2.014  10.072  4.711   1.00 22.17 ? 2061 HOH A O   1 
HETATM 942 O O   . HOH F 4 .   ? -5.525  10.112  11.297  1.00 35.21 ? 2062 HOH A O   1 
HETATM 943 O O   . HOH F 4 .   ? -8.214  5.770   4.916   1.00 26.76 ? 2063 HOH A O   1 
HETATM 944 O O   . HOH F 4 .   ? -6.858  13.161  3.204   1.00 41.83 ? 2064 HOH A O   1 
HETATM 945 O O   . HOH F 4 .   ? -13.341 8.785   3.999   1.00 47.42 ? 2065 HOH A O   1 
HETATM 946 O O   . HOH F 4 .   ? -6.443  13.548  0.938   1.00 49.40 ? 2066 HOH A O   1 
HETATM 947 O O   . HOH F 4 .   ? -9.678  13.908  -1.497  1.00 35.45 ? 2067 HOH A O   1 
HETATM 948 O O   . HOH F 4 .   ? -1.346  16.495  -5.836  1.00 49.23 ? 2068 HOH A O   1 
HETATM 949 O O   . HOH F 4 .   ? -9.369  13.491  -7.507  1.00 44.85 ? 2069 HOH A O   1 
HETATM 950 O O   . HOH F 4 .   ? -0.674  4.134   -10.461 1.00 23.98 ? 2070 HOH A O   1 
HETATM 951 O O   . HOH F 4 .   ? -4.947  7.169   -13.098 0.50 28.16 ? 2071 HOH A O   1 
HETATM 952 O O   . HOH F 4 .   ? -1.063  6.259   -7.974  1.00 14.68 ? 2072 HOH A O   1 
HETATM 953 O O   . HOH F 4 .   ? -8.566  3.259   -14.362 1.00 33.18 ? 2073 HOH A O   1 
HETATM 954 O O   . HOH F 4 .   ? -8.500  2.410   -10.906 1.00 39.08 ? 2074 HOH A O   1 
HETATM 955 O O   . HOH F 4 .   ? -2.623  6.147   -14.274 0.50 22.48 ? 2075 HOH A O   1 
HETATM 956 O O   . HOH F 4 .   ? -10.240 3.436   -13.481 1.00 32.27 ? 2076 HOH A O   1 
HETATM 957 O O   . HOH F 4 .   ? -10.392 8.479   -11.975 1.00 34.91 ? 2077 HOH A O   1 
HETATM 958 O O   . HOH F 4 .   ? 6.627   0.588   -14.896 1.00 44.67 ? 2078 HOH A O   1 
# 
loop_
_pdbx_poly_seq_scheme.asym_id 
_pdbx_poly_seq_scheme.entity_id 
_pdbx_poly_seq_scheme.seq_id 
_pdbx_poly_seq_scheme.mon_id 
_pdbx_poly_seq_scheme.ndb_seq_num 
_pdbx_poly_seq_scheme.pdb_seq_num 
_pdbx_poly_seq_scheme.auth_seq_num 
_pdbx_poly_seq_scheme.pdb_mon_id 
_pdbx_poly_seq_scheme.auth_mon_id 
_pdbx_poly_seq_scheme.pdb_strand_id 
_pdbx_poly_seq_scheme.pdb_ins_code 
_pdbx_poly_seq_scheme.hetero 
A 1 1   ALA 1   1   1   ALA ALA A . n 
A 1 2   SER 2   2   2   SER SER A . n 
A 1 3   HIS 3   3   3   HIS HIS A . n 
A 1 4   MET 4   4   4   MET MET A . n 
A 1 5   GLN 5   5   5   GLN GLN A . n 
A 1 6   ARG 6   6   6   ARG ARG A . n 
A 1 7   ILE 7   7   7   ILE ILE A . n 
A 1 8   ALA 8   8   8   ALA ALA A . n 
A 1 9   VAL 9   9   9   VAL VAL A . n 
A 1 10  THR 10  10  10  THR THR A . n 
A 1 11  ALA 11  11  11  ALA ALA A . n 
A 1 12  GLU 12  12  12  GLU GLU A . n 
A 1 13  GLY 13  13  13  GLY GLY A . n 
A 1 14  PRO 14  14  14  PRO PRO A . n 
A 1 15  GLY 15  15  15  GLY GLY A . n 
A 1 16  LEU 16  16  16  LEU LEU A . n 
A 1 17  ASP 17  17  17  ASP ASP A . n 
A 1 18  GLY 18  18  18  GLY GLY A . n 
A 1 19  LEU 19  19  19  LEU LEU A . n 
A 1 20  VAL 20  20  20  VAL VAL A . n 
A 1 21  ASP 21  21  21  ASP ASP A . n 
A 1 22  PRO 22  22  22  PRO PRO A . n 
A 1 23  ARG 23  23  23  ARG ARG A . n 
A 1 24  PHE 24  24  24  PHE PHE A . n 
A 1 25  GLY 25  25  25  GLY GLY A . n 
A 1 26  ARG 26  26  26  ARG ARG A . n 
A 1 27  ALA 27  27  27  ALA ALA A . n 
A 1 28  ALA 28  28  28  ALA ALA A . n 
A 1 29  GLY 29  29  29  GLY GLY A . n 
A 1 30  PHE 30  30  30  PHE PHE A . n 
A 1 31  VAL 31  31  31  VAL VAL A . n 
A 1 32  VAL 32  32  32  VAL VAL A . n 
A 1 33  VAL 33  33  33  VAL VAL A . n 
A 1 34  ASP 34  34  34  ASP ASP A . n 
A 1 35  ALA 35  35  35  ALA ALA A . n 
A 1 36  ALA 36  36  36  ALA ALA A . n 
A 1 37  THR 37  37  37  THR THR A . n 
A 1 38  MET 38  38  38  MET MET A . n 
A 1 39  ALA 39  39  39  ALA ALA A . n 
A 1 40  ALA 40  40  40  ALA ALA A . n 
A 1 41  GLU 41  41  41  GLU GLU A . n 
A 1 42  TYR 42  42  42  TYR TYR A . n 
A 1 43  VAL 43  43  43  VAL VAL A . n 
A 1 44  ASP 44  44  44  ASP ASP A . n 
A 1 45  ASN 45  45  45  ASN ASN A . n 
A 1 46  GLY 46  46  46  GLY GLY A . n 
A 1 47  ALA 47  47  47  ALA ALA A . n 
A 1 48  SER 48  48  48  SER SER A . n 
A 1 49  GLN 49  49  49  GLN GLN A . n 
A 1 50  THR 50  50  50  THR THR A . n 
A 1 51  LEU 51  51  51  LEU LEU A . n 
A 1 52  SER 52  52  52  SER SER A . n 
A 1 53  HIS 53  53  53  HIS HIS A . n 
A 1 54  GLY 54  54  54  GLY GLY A . n 
A 1 55  ALA 55  55  55  ALA ALA A . n 
A 1 56  GLY 56  56  56  GLY GLY A . n 
A 1 57  ILE 57  57  57  ILE ILE A . n 
A 1 58  ASN 58  58  58  ASN ASN A . n 
A 1 59  ALA 59  59  59  ALA ALA A . n 
A 1 60  ALA 60  60  60  ALA ALA A . n 
A 1 61  GLN 61  61  61  GLN GLN A . n 
A 1 62  VAL 62  62  62  VAL VAL A . n 
A 1 63  LEU 63  63  63  LEU LEU A . n 
A 1 64  ALA 64  64  64  ALA ALA A . n 
A 1 65  LYS 65  65  65  LYS LYS A . n 
A 1 66  SER 66  66  66  SER SER A . n 
A 1 67  GLY 67  67  67  GLY GLY A . n 
A 1 68  ALA 68  68  68  ALA ALA A . n 
A 1 69  GLY 69  69  69  GLY GLY A . n 
A 1 70  VAL 70  70  70  VAL VAL A . n 
A 1 71  LEU 71  71  71  LEU LEU A . n 
A 1 72  LEU 72  72  72  LEU LEU A . n 
A 1 73  THR 73  73  73  THR THR A . n 
A 1 74  GLY 74  74  74  GLY GLY A . n 
A 1 75  TYR 75  75  75  TYR TYR A . n 
A 1 76  VAL 76  76  76  VAL VAL A . n 
A 1 77  GLY 77  77  77  GLY GLY A . n 
A 1 78  PRO 78  78  78  PRO PRO A . n 
A 1 79  LYS 79  79  79  LYS LYS A . n 
A 1 80  ALA 80  80  80  ALA ALA A . n 
A 1 81  PHE 81  81  81  PHE PHE A . n 
A 1 82  GLN 82  82  82  GLN GLN A . n 
A 1 83  ALA 83  83  83  ALA ALA A . n 
A 1 84  LEU 84  84  84  LEU LEU A . n 
A 1 85  GLN 85  85  85  GLN GLN A . n 
A 1 86  ALA 86  86  86  ALA ALA A . n 
A 1 87  ALA 87  87  87  ALA ALA A . n 
A 1 88  GLY 88  88  88  GLY GLY A . n 
A 1 89  ILE 89  89  89  ILE ILE A . n 
A 1 90  LYS 90  90  90  LYS LYS A . n 
A 1 91  VAL 91  91  91  VAL VAL A . n 
A 1 92  GLY 92  92  92  GLY GLY A . n 
A 1 93  GLN 93  93  93  GLN GLN A . n 
A 1 94  ASP 94  94  94  ASP ASP A . n 
A 1 95  LEU 95  95  95  LEU LEU A . n 
A 1 96  GLU 96  96  96  GLU GLU A . n 
A 1 97  GLY 97  97  97  GLY GLY A . n 
A 1 98  LEU 98  98  98  LEU LEU A . n 
A 1 99  THR 99  99  99  THR THR A . n 
A 1 100 VAL 100 100 100 VAL VAL A . n 
A 1 101 ARG 101 101 101 ARG ARG A . n 
A 1 102 GLN 102 102 102 GLN GLN A . n 
A 1 103 ALA 103 103 103 ALA ALA A . n 
A 1 104 VAL 104 104 104 VAL VAL A . n 
A 1 105 GLN 105 105 105 GLN GLN A . n 
A 1 106 ARG 106 106 106 ARG ARG A . n 
A 1 107 PHE 107 107 107 PHE PHE A . n 
A 1 108 LEU 108 108 108 LEU LEU A . n 
A 1 109 ASP 109 109 109 ASP ASP A . n 
A 1 110 GLY 110 110 110 GLY GLY A . n 
A 1 111 GLN 111 111 111 GLN GLN A . n 
A 1 112 VAL 112 112 112 VAL VAL A . n 
A 1 113 PRO 113 113 113 PRO PRO A . n 
A 1 114 MET 114 114 114 MET MET A . n 
A 1 115 ALA 115 115 115 ALA ALA A . n 
A 1 116 ALA 116 116 116 ALA ALA A . n 
A 1 117 GLY 117 117 117 GLY GLY A . n 
A 1 118 PRO 118 118 118 PRO PRO A . n 
A 1 119 ASN 119 119 119 ASN ASN A . n 
A 1 120 LYS 120 120 120 LYS LYS A . n 
# 
loop_
_pdbx_nonpoly_scheme.asym_id 
_pdbx_nonpoly_scheme.entity_id 
_pdbx_nonpoly_scheme.mon_id 
_pdbx_nonpoly_scheme.ndb_seq_num 
_pdbx_nonpoly_scheme.pdb_seq_num 
_pdbx_nonpoly_scheme.auth_seq_num 
_pdbx_nonpoly_scheme.pdb_mon_id 
_pdbx_nonpoly_scheme.auth_mon_id 
_pdbx_nonpoly_scheme.pdb_strand_id 
_pdbx_nonpoly_scheme.pdb_ins_code 
B 2 PO4 1  1121 1121 PO4 PO4 A . 
C 2 PO4 1  1122 1122 PO4 PO4 A . 
D 2 PO4 1  1123 1123 PO4 PO4 A . 
E 3 ACT 1  1124 1124 ACT ACT A . 
F 4 HOH 1  2001 2001 HOH HOH A . 
F 4 HOH 2  2002 2002 HOH HOH A . 
F 4 HOH 3  2003 2003 HOH HOH A . 
F 4 HOH 4  2004 2004 HOH HOH A . 
F 4 HOH 5  2005 2005 HOH HOH A . 
F 4 HOH 6  2006 2006 HOH HOH A . 
F 4 HOH 7  2007 2007 HOH HOH A . 
F 4 HOH 8  2008 2008 HOH HOH A . 
F 4 HOH 9  2009 2009 HOH HOH A . 
F 4 HOH 10 2010 2010 HOH HOH A . 
F 4 HOH 11 2011 2011 HOH HOH A . 
F 4 HOH 12 2012 2012 HOH HOH A . 
F 4 HOH 13 2013 2013 HOH HOH A . 
F 4 HOH 14 2014 2014 HOH HOH A . 
F 4 HOH 15 2015 2015 HOH HOH A . 
F 4 HOH 16 2016 2016 HOH HOH A . 
F 4 HOH 17 2017 2017 HOH HOH A . 
F 4 HOH 18 2018 2018 HOH HOH A . 
F 4 HOH 19 2019 2019 HOH HOH A . 
F 4 HOH 20 2020 2020 HOH HOH A . 
F 4 HOH 21 2021 2021 HOH HOH A . 
F 4 HOH 22 2022 2022 HOH HOH A . 
F 4 HOH 23 2023 2023 HOH HOH A . 
F 4 HOH 24 2024 2024 HOH HOH A . 
F 4 HOH 25 2025 2025 HOH HOH A . 
F 4 HOH 26 2026 2026 HOH HOH A . 
F 4 HOH 27 2027 2027 HOH HOH A . 
F 4 HOH 28 2028 2028 HOH HOH A . 
F 4 HOH 29 2029 2029 HOH HOH A . 
F 4 HOH 30 2030 2030 HOH HOH A . 
F 4 HOH 31 2031 2031 HOH HOH A . 
F 4 HOH 32 2032 2032 HOH HOH A . 
F 4 HOH 33 2033 2033 HOH HOH A . 
F 4 HOH 34 2034 2034 HOH HOH A . 
F 4 HOH 35 2035 2035 HOH HOH A . 
F 4 HOH 36 2036 2036 HOH HOH A . 
F 4 HOH 37 2037 2037 HOH HOH A . 
F 4 HOH 38 2038 2038 HOH HOH A . 
F 4 HOH 39 2039 2039 HOH HOH A . 
F 4 HOH 40 2040 2040 HOH HOH A . 
F 4 HOH 41 2041 2041 HOH HOH A . 
F 4 HOH 42 2042 2042 HOH HOH A . 
F 4 HOH 43 2043 2043 HOH HOH A . 
F 4 HOH 44 2044 2044 HOH HOH A . 
F 4 HOH 45 2045 2045 HOH HOH A . 
F 4 HOH 46 2046 2046 HOH HOH A . 
F 4 HOH 47 2047 2047 HOH HOH A . 
F 4 HOH 48 2048 2048 HOH HOH A . 
F 4 HOH 49 2049 2049 HOH HOH A . 
F 4 HOH 50 2050 2050 HOH HOH A . 
F 4 HOH 51 2051 2051 HOH HOH A . 
F 4 HOH 52 2052 2052 HOH HOH A . 
F 4 HOH 53 2053 2053 HOH HOH A . 
F 4 HOH 54 2054 2054 HOH HOH A . 
F 4 HOH 55 2055 2055 HOH HOH A . 
F 4 HOH 56 2056 2056 HOH HOH A . 
F 4 HOH 57 2057 2057 HOH HOH A . 
F 4 HOH 58 2058 2058 HOH HOH A . 
F 4 HOH 59 2059 2059 HOH HOH A . 
F 4 HOH 60 2060 2060 HOH HOH A . 
F 4 HOH 61 2061 2061 HOH HOH A . 
F 4 HOH 62 2062 2062 HOH HOH A . 
F 4 HOH 63 2063 2063 HOH HOH A . 
F 4 HOH 64 2064 2064 HOH HOH A . 
F 4 HOH 65 2065 2065 HOH HOH A . 
F 4 HOH 66 2066 2066 HOH HOH A . 
F 4 HOH 67 2067 2067 HOH HOH A . 
F 4 HOH 68 2068 2068 HOH HOH A . 
F 4 HOH 69 2069 2069 HOH HOH A . 
F 4 HOH 70 2070 2070 HOH HOH A . 
F 4 HOH 71 2071 2071 HOH HOH A . 
F 4 HOH 72 2072 2072 HOH HOH A . 
F 4 HOH 73 2073 2073 HOH HOH A . 
F 4 HOH 74 2074 2074 HOH HOH A . 
F 4 HOH 75 2075 2075 HOH HOH A . 
F 4 HOH 76 2076 2076 HOH HOH A . 
F 4 HOH 77 2077 2077 HOH HOH A . 
F 4 HOH 78 2078 2078 HOH HOH A . 
# 
_pdbx_struct_assembly.id                   1 
_pdbx_struct_assembly.details              author_and_software_defined_assembly 
_pdbx_struct_assembly.method_details       PISA 
_pdbx_struct_assembly.oligomeric_details   monomeric 
_pdbx_struct_assembly.oligomeric_count     1 
# 
_pdbx_struct_assembly_gen.assembly_id       1 
_pdbx_struct_assembly_gen.oper_expression   1 
_pdbx_struct_assembly_gen.asym_id_list      A,B,C,D,E,F 
# 
_pdbx_struct_oper_list.id                   1 
_pdbx_struct_oper_list.type                 'identity operation' 
_pdbx_struct_oper_list.name                 1_555 
_pdbx_struct_oper_list.symmetry_operation   x,y,z 
_pdbx_struct_oper_list.matrix[1][1]         1.0000000000 
_pdbx_struct_oper_list.matrix[1][2]         0.0000000000 
_pdbx_struct_oper_list.matrix[1][3]         0.0000000000 
_pdbx_struct_oper_list.vector[1]            0.0000000000 
_pdbx_struct_oper_list.matrix[2][1]         0.0000000000 
_pdbx_struct_oper_list.matrix[2][2]         1.0000000000 
_pdbx_struct_oper_list.matrix[2][3]         0.0000000000 
_pdbx_struct_oper_list.vector[2]            0.0000000000 
_pdbx_struct_oper_list.matrix[3][1]         0.0000000000 
_pdbx_struct_oper_list.matrix[3][2]         0.0000000000 
_pdbx_struct_oper_list.matrix[3][3]         1.0000000000 
_pdbx_struct_oper_list.vector[3]            0.0000000000 
# 
_pdbx_struct_special_symmetry.id              1 
_pdbx_struct_special_symmetry.PDB_model_num   1 
_pdbx_struct_special_symmetry.auth_asym_id    A 
_pdbx_struct_special_symmetry.auth_comp_id    HOH 
_pdbx_struct_special_symmetry.auth_seq_id     2075 
_pdbx_struct_special_symmetry.PDB_ins_code    ? 
_pdbx_struct_special_symmetry.label_asym_id   F 
_pdbx_struct_special_symmetry.label_comp_id   HOH 
_pdbx_struct_special_symmetry.label_seq_id    . 
# 
loop_
_pdbx_audit_revision_history.ordinal 
_pdbx_audit_revision_history.data_content_type 
_pdbx_audit_revision_history.major_revision 
_pdbx_audit_revision_history.minor_revision 
_pdbx_audit_revision_history.revision_date 
1 'Structure model' 1 0 2010-05-26 
2 'Structure model' 1 1 2011-05-08 
3 'Structure model' 1 2 2011-07-13 
4 'Structure model' 1 3 2023-12-13 
# 
_pdbx_audit_revision_details.ordinal             1 
_pdbx_audit_revision_details.revision_ordinal    1 
_pdbx_audit_revision_details.data_content_type   'Structure model' 
_pdbx_audit_revision_details.provider            repository 
_pdbx_audit_revision_details.type                'Initial release' 
_pdbx_audit_revision_details.description         ? 
_pdbx_audit_revision_details.details             ? 
# 
loop_
_pdbx_audit_revision_group.ordinal 
_pdbx_audit_revision_group.revision_ordinal 
_pdbx_audit_revision_group.data_content_type 
_pdbx_audit_revision_group.group 
1 2 'Structure model' 'Version format compliance' 
2 3 'Structure model' 'Version format compliance' 
3 4 'Structure model' 'Data collection'           
4 4 'Structure model' 'Database references'       
5 4 'Structure model' 'Derived calculations'      
6 4 'Structure model' Other                       
7 4 'Structure model' 'Refinement description'    
# 
loop_
_pdbx_audit_revision_category.ordinal 
_pdbx_audit_revision_category.revision_ordinal 
_pdbx_audit_revision_category.data_content_type 
_pdbx_audit_revision_category.category 
1 4 'Structure model' chem_comp_atom                
2 4 'Structure model' chem_comp_bond                
3 4 'Structure model' database_2                    
4 4 'Structure model' pdbx_database_status          
5 4 'Structure model' pdbx_initial_refinement_model 
6 4 'Structure model' struct_site                   
# 
loop_
_pdbx_audit_revision_item.ordinal 
_pdbx_audit_revision_item.revision_ordinal 
_pdbx_audit_revision_item.data_content_type 
_pdbx_audit_revision_item.item 
1 4 'Structure model' '_database_2.pdbx_DOI'                 
2 4 'Structure model' '_database_2.pdbx_database_accession'  
3 4 'Structure model' '_pdbx_database_status.status_code_sf' 
4 4 'Structure model' '_struct_site.pdbx_auth_asym_id'       
5 4 'Structure model' '_struct_site.pdbx_auth_comp_id'       
6 4 'Structure model' '_struct_site.pdbx_auth_seq_id'        
# 
loop_
_software.name 
_software.classification 
_software.version 
_software.citation_id 
_software.pdbx_ordinal 
REFMAC refinement       5.5.0036 ? 1 
MOSFLM 'data reduction' .        ? 2 
SCALA  'data scaling'   .        ? 3 
BALBES phasing          .        ? 4 
# 
_pdbx_entry_details.entry_id                 2WFB 
_pdbx_entry_details.compound_details         ? 
_pdbx_entry_details.source_details           ? 
_pdbx_entry_details.nonpolymer_details       ? 
_pdbx_entry_details.sequence_details         
;FIRST THREE RESIDUES (ASH) ARE A RECOMBINANT ARTIFACT, I.E.
 ACTUAL LENGTH OF PROTEIN IS 117 AMINO ACID RESIDUES.
;
_pdbx_entry_details.has_ligand_of_interest   ? 
# 
_pdbx_validate_close_contact.id               1 
_pdbx_validate_close_contact.PDB_model_num    1 
_pdbx_validate_close_contact.auth_atom_id_1   O 
_pdbx_validate_close_contact.auth_asym_id_1   A 
_pdbx_validate_close_contact.auth_comp_id_1   HOH 
_pdbx_validate_close_contact.auth_seq_id_1    2073 
_pdbx_validate_close_contact.PDB_ins_code_1   ? 
_pdbx_validate_close_contact.label_alt_id_1   ? 
_pdbx_validate_close_contact.auth_atom_id_2   O 
_pdbx_validate_close_contact.auth_asym_id_2   A 
_pdbx_validate_close_contact.auth_comp_id_2   HOH 
_pdbx_validate_close_contact.auth_seq_id_2    2076 
_pdbx_validate_close_contact.PDB_ins_code_2   ? 
_pdbx_validate_close_contact.label_alt_id_2   ? 
_pdbx_validate_close_contact.dist             1.90 
# 
loop_
_pdbx_validate_symm_contact.id 
_pdbx_validate_symm_contact.PDB_model_num 
_pdbx_validate_symm_contact.auth_atom_id_1 
_pdbx_validate_symm_contact.auth_asym_id_1 
_pdbx_validate_symm_contact.auth_comp_id_1 
_pdbx_validate_symm_contact.auth_seq_id_1 
_pdbx_validate_symm_contact.PDB_ins_code_1 
_pdbx_validate_symm_contact.label_alt_id_1 
_pdbx_validate_symm_contact.site_symmetry_1 
_pdbx_validate_symm_contact.auth_atom_id_2 
_pdbx_validate_symm_contact.auth_asym_id_2 
_pdbx_validate_symm_contact.auth_comp_id_2 
_pdbx_validate_symm_contact.auth_seq_id_2 
_pdbx_validate_symm_contact.PDB_ins_code_2 
_pdbx_validate_symm_contact.label_alt_id_2 
_pdbx_validate_symm_contact.site_symmetry_2 
_pdbx_validate_symm_contact.dist 
1 1 CH3 A ACT 1124 ? ? 1_555 CH3 A ACT 1124 ? ? 6_555 2.03 
2 1 O   A HOH 2026 ? ? 1_555 O   A HOH 2036 ? ? 6_655 2.16 
# 
_pdbx_validate_rmsd_angle.id                         1 
_pdbx_validate_rmsd_angle.PDB_model_num              1 
_pdbx_validate_rmsd_angle.auth_atom_id_1             N 
_pdbx_validate_rmsd_angle.auth_asym_id_1             A 
_pdbx_validate_rmsd_angle.auth_comp_id_1             THR 
_pdbx_validate_rmsd_angle.auth_seq_id_1              37 
_pdbx_validate_rmsd_angle.PDB_ins_code_1             ? 
_pdbx_validate_rmsd_angle.label_alt_id_1             ? 
_pdbx_validate_rmsd_angle.auth_atom_id_2             CA 
_pdbx_validate_rmsd_angle.auth_asym_id_2             A 
_pdbx_validate_rmsd_angle.auth_comp_id_2             THR 
_pdbx_validate_rmsd_angle.auth_seq_id_2              37 
_pdbx_validate_rmsd_angle.PDB_ins_code_2             ? 
_pdbx_validate_rmsd_angle.label_alt_id_2             ? 
_pdbx_validate_rmsd_angle.auth_atom_id_3             C 
_pdbx_validate_rmsd_angle.auth_asym_id_3             A 
_pdbx_validate_rmsd_angle.auth_comp_id_3             THR 
_pdbx_validate_rmsd_angle.auth_seq_id_3              37 
_pdbx_validate_rmsd_angle.PDB_ins_code_3             ? 
_pdbx_validate_rmsd_angle.label_alt_id_3             ? 
_pdbx_validate_rmsd_angle.angle_value                127.35 
_pdbx_validate_rmsd_angle.angle_target_value         111.00 
_pdbx_validate_rmsd_angle.angle_deviation            16.35 
_pdbx_validate_rmsd_angle.angle_standard_deviation   2.70 
_pdbx_validate_rmsd_angle.linker_flag                N 
# 
loop_
_pdbx_validate_torsion.id 
_pdbx_validate_torsion.PDB_model_num 
_pdbx_validate_torsion.auth_comp_id 
_pdbx_validate_torsion.auth_asym_id 
_pdbx_validate_torsion.auth_seq_id 
_pdbx_validate_torsion.PDB_ins_code 
_pdbx_validate_torsion.label_alt_id 
_pdbx_validate_torsion.phi 
_pdbx_validate_torsion.psi 
1 1 PHE A 24 ? ? -102.87 -69.89  
2 1 THR A 37 ? ? -35.56  -123.18 
3 1 MET A 38 ? ? -112.54 71.41   
# 
loop_
_pdbx_validate_peptide_omega.id 
_pdbx_validate_peptide_omega.PDB_model_num 
_pdbx_validate_peptide_omega.auth_comp_id_1 
_pdbx_validate_peptide_omega.auth_asym_id_1 
_pdbx_validate_peptide_omega.auth_seq_id_1 
_pdbx_validate_peptide_omega.PDB_ins_code_1 
_pdbx_validate_peptide_omega.label_alt_id_1 
_pdbx_validate_peptide_omega.auth_comp_id_2 
_pdbx_validate_peptide_omega.auth_asym_id_2 
_pdbx_validate_peptide_omega.auth_seq_id_2 
_pdbx_validate_peptide_omega.PDB_ins_code_2 
_pdbx_validate_peptide_omega.label_alt_id_2 
_pdbx_validate_peptide_omega.omega 
1 1 ALA A 36 ? ? THR A 37 ? ? 34.16 
2 1 THR A 37 ? ? MET A 38 ? ? 60.32 
# 
loop_
_chem_comp_atom.comp_id 
_chem_comp_atom.atom_id 
_chem_comp_atom.type_symbol 
_chem_comp_atom.pdbx_aromatic_flag 
_chem_comp_atom.pdbx_stereo_config 
_chem_comp_atom.pdbx_ordinal 
ACT C    C N N 1   
ACT O    O N N 2   
ACT OXT  O N N 3   
ACT CH3  C N N 4   
ACT H1   H N N 5   
ACT H2   H N N 6   
ACT H3   H N N 7   
ALA N    N N N 8   
ALA CA   C N S 9   
ALA C    C N N 10  
ALA O    O N N 11  
ALA CB   C N N 12  
ALA OXT  O N N 13  
ALA H    H N N 14  
ALA H2   H N N 15  
ALA HA   H N N 16  
ALA HB1  H N N 17  
ALA HB2  H N N 18  
ALA HB3  H N N 19  
ALA HXT  H N N 20  
ARG N    N N N 21  
ARG CA   C N S 22  
ARG C    C N N 23  
ARG O    O N N 24  
ARG CB   C N N 25  
ARG CG   C N N 26  
ARG CD   C N N 27  
ARG NE   N N N 28  
ARG CZ   C N N 29  
ARG NH1  N N N 30  
ARG NH2  N N N 31  
ARG OXT  O N N 32  
ARG H    H N N 33  
ARG H2   H N N 34  
ARG HA   H N N 35  
ARG HB2  H N N 36  
ARG HB3  H N N 37  
ARG HG2  H N N 38  
ARG HG3  H N N 39  
ARG HD2  H N N 40  
ARG HD3  H N N 41  
ARG HE   H N N 42  
ARG HH11 H N N 43  
ARG HH12 H N N 44  
ARG HH21 H N N 45  
ARG HH22 H N N 46  
ARG HXT  H N N 47  
ASN N    N N N 48  
ASN CA   C N S 49  
ASN C    C N N 50  
ASN O    O N N 51  
ASN CB   C N N 52  
ASN CG   C N N 53  
ASN OD1  O N N 54  
ASN ND2  N N N 55  
ASN OXT  O N N 56  
ASN H    H N N 57  
ASN H2   H N N 58  
ASN HA   H N N 59  
ASN HB2  H N N 60  
ASN HB3  H N N 61  
ASN HD21 H N N 62  
ASN HD22 H N N 63  
ASN HXT  H N N 64  
ASP N    N N N 65  
ASP CA   C N S 66  
ASP C    C N N 67  
ASP O    O N N 68  
ASP CB   C N N 69  
ASP CG   C N N 70  
ASP OD1  O N N 71  
ASP OD2  O N N 72  
ASP OXT  O N N 73  
ASP H    H N N 74  
ASP H2   H N N 75  
ASP HA   H N N 76  
ASP HB2  H N N 77  
ASP HB3  H N N 78  
ASP HD2  H N N 79  
ASP HXT  H N N 80  
GLN N    N N N 81  
GLN CA   C N S 82  
GLN C    C N N 83  
GLN O    O N N 84  
GLN CB   C N N 85  
GLN CG   C N N 86  
GLN CD   C N N 87  
GLN OE1  O N N 88  
GLN NE2  N N N 89  
GLN OXT  O N N 90  
GLN H    H N N 91  
GLN H2   H N N 92  
GLN HA   H N N 93  
GLN HB2  H N N 94  
GLN HB3  H N N 95  
GLN HG2  H N N 96  
GLN HG3  H N N 97  
GLN HE21 H N N 98  
GLN HE22 H N N 99  
GLN HXT  H N N 100 
GLU N    N N N 101 
GLU CA   C N S 102 
GLU C    C N N 103 
GLU O    O N N 104 
GLU CB   C N N 105 
GLU CG   C N N 106 
GLU CD   C N N 107 
GLU OE1  O N N 108 
GLU OE2  O N N 109 
GLU OXT  O N N 110 
GLU H    H N N 111 
GLU H2   H N N 112 
GLU HA   H N N 113 
GLU HB2  H N N 114 
GLU HB3  H N N 115 
GLU HG2  H N N 116 
GLU HG3  H N N 117 
GLU HE2  H N N 118 
GLU HXT  H N N 119 
GLY N    N N N 120 
GLY CA   C N N 121 
GLY C    C N N 122 
GLY O    O N N 123 
GLY OXT  O N N 124 
GLY H    H N N 125 
GLY H2   H N N 126 
GLY HA2  H N N 127 
GLY HA3  H N N 128 
GLY HXT  H N N 129 
HIS N    N N N 130 
HIS CA   C N S 131 
HIS C    C N N 132 
HIS O    O N N 133 
HIS CB   C N N 134 
HIS CG   C Y N 135 
HIS ND1  N Y N 136 
HIS CD2  C Y N 137 
HIS CE1  C Y N 138 
HIS NE2  N Y N 139 
HIS OXT  O N N 140 
HIS H    H N N 141 
HIS H2   H N N 142 
HIS HA   H N N 143 
HIS HB2  H N N 144 
HIS HB3  H N N 145 
HIS HD1  H N N 146 
HIS HD2  H N N 147 
HIS HE1  H N N 148 
HIS HE2  H N N 149 
HIS HXT  H N N 150 
HOH O    O N N 151 
HOH H1   H N N 152 
HOH H2   H N N 153 
ILE N    N N N 154 
ILE CA   C N S 155 
ILE C    C N N 156 
ILE O    O N N 157 
ILE CB   C N S 158 
ILE CG1  C N N 159 
ILE CG2  C N N 160 
ILE CD1  C N N 161 
ILE OXT  O N N 162 
ILE H    H N N 163 
ILE H2   H N N 164 
ILE HA   H N N 165 
ILE HB   H N N 166 
ILE HG12 H N N 167 
ILE HG13 H N N 168 
ILE HG21 H N N 169 
ILE HG22 H N N 170 
ILE HG23 H N N 171 
ILE HD11 H N N 172 
ILE HD12 H N N 173 
ILE HD13 H N N 174 
ILE HXT  H N N 175 
LEU N    N N N 176 
LEU CA   C N S 177 
LEU C    C N N 178 
LEU O    O N N 179 
LEU CB   C N N 180 
LEU CG   C N N 181 
LEU CD1  C N N 182 
LEU CD2  C N N 183 
LEU OXT  O N N 184 
LEU H    H N N 185 
LEU H2   H N N 186 
LEU HA   H N N 187 
LEU HB2  H N N 188 
LEU HB3  H N N 189 
LEU HG   H N N 190 
LEU HD11 H N N 191 
LEU HD12 H N N 192 
LEU HD13 H N N 193 
LEU HD21 H N N 194 
LEU HD22 H N N 195 
LEU HD23 H N N 196 
LEU HXT  H N N 197 
LYS N    N N N 198 
LYS CA   C N S 199 
LYS C    C N N 200 
LYS O    O N N 201 
LYS CB   C N N 202 
LYS CG   C N N 203 
LYS CD   C N N 204 
LYS CE   C N N 205 
LYS NZ   N N N 206 
LYS OXT  O N N 207 
LYS H    H N N 208 
LYS H2   H N N 209 
LYS HA   H N N 210 
LYS HB2  H N N 211 
LYS HB3  H N N 212 
LYS HG2  H N N 213 
LYS HG3  H N N 214 
LYS HD2  H N N 215 
LYS HD3  H N N 216 
LYS HE2  H N N 217 
LYS HE3  H N N 218 
LYS HZ1  H N N 219 
LYS HZ2  H N N 220 
LYS HZ3  H N N 221 
LYS HXT  H N N 222 
MET N    N N N 223 
MET CA   C N S 224 
MET C    C N N 225 
MET O    O N N 226 
MET CB   C N N 227 
MET CG   C N N 228 
MET SD   S N N 229 
MET CE   C N N 230 
MET OXT  O N N 231 
MET H    H N N 232 
MET H2   H N N 233 
MET HA   H N N 234 
MET HB2  H N N 235 
MET HB3  H N N 236 
MET HG2  H N N 237 
MET HG3  H N N 238 
MET HE1  H N N 239 
MET HE2  H N N 240 
MET HE3  H N N 241 
MET HXT  H N N 242 
PHE N    N N N 243 
PHE CA   C N S 244 
PHE C    C N N 245 
PHE O    O N N 246 
PHE CB   C N N 247 
PHE CG   C Y N 248 
PHE CD1  C Y N 249 
PHE CD2  C Y N 250 
PHE CE1  C Y N 251 
PHE CE2  C Y N 252 
PHE CZ   C Y N 253 
PHE OXT  O N N 254 
PHE H    H N N 255 
PHE H2   H N N 256 
PHE HA   H N N 257 
PHE HB2  H N N 258 
PHE HB3  H N N 259 
PHE HD1  H N N 260 
PHE HD2  H N N 261 
PHE HE1  H N N 262 
PHE HE2  H N N 263 
PHE HZ   H N N 264 
PHE HXT  H N N 265 
PO4 P    P N N 266 
PO4 O1   O N N 267 
PO4 O2   O N N 268 
PO4 O3   O N N 269 
PO4 O4   O N N 270 
PRO N    N N N 271 
PRO CA   C N S 272 
PRO C    C N N 273 
PRO O    O N N 274 
PRO CB   C N N 275 
PRO CG   C N N 276 
PRO CD   C N N 277 
PRO OXT  O N N 278 
PRO H    H N N 279 
PRO HA   H N N 280 
PRO HB2  H N N 281 
PRO HB3  H N N 282 
PRO HG2  H N N 283 
PRO HG3  H N N 284 
PRO HD2  H N N 285 
PRO HD3  H N N 286 
PRO HXT  H N N 287 
SER N    N N N 288 
SER CA   C N S 289 
SER C    C N N 290 
SER O    O N N 291 
SER CB   C N N 292 
SER OG   O N N 293 
SER OXT  O N N 294 
SER H    H N N 295 
SER H2   H N N 296 
SER HA   H N N 297 
SER HB2  H N N 298 
SER HB3  H N N 299 
SER HG   H N N 300 
SER HXT  H N N 301 
THR N    N N N 302 
THR CA   C N S 303 
THR C    C N N 304 
THR O    O N N 305 
THR CB   C N R 306 
THR OG1  O N N 307 
THR CG2  C N N 308 
THR OXT  O N N 309 
THR H    H N N 310 
THR H2   H N N 311 
THR HA   H N N 312 
THR HB   H N N 313 
THR HG1  H N N 314 
THR HG21 H N N 315 
THR HG22 H N N 316 
THR HG23 H N N 317 
THR HXT  H N N 318 
TYR N    N N N 319 
TYR CA   C N S 320 
TYR C    C N N 321 
TYR O    O N N 322 
TYR CB   C N N 323 
TYR CG   C Y N 324 
TYR CD1  C Y N 325 
TYR CD2  C Y N 326 
TYR CE1  C Y N 327 
TYR CE2  C Y N 328 
TYR CZ   C Y N 329 
TYR OH   O N N 330 
TYR OXT  O N N 331 
TYR H    H N N 332 
TYR H2   H N N 333 
TYR HA   H N N 334 
TYR HB2  H N N 335 
TYR HB3  H N N 336 
TYR HD1  H N N 337 
TYR HD2  H N N 338 
TYR HE1  H N N 339 
TYR HE2  H N N 340 
TYR HH   H N N 341 
TYR HXT  H N N 342 
VAL N    N N N 343 
VAL CA   C N S 344 
VAL C    C N N 345 
VAL O    O N N 346 
VAL CB   C N N 347 
VAL CG1  C N N 348 
VAL CG2  C N N 349 
VAL OXT  O N N 350 
VAL H    H N N 351 
VAL H2   H N N 352 
VAL HA   H N N 353 
VAL HB   H N N 354 
VAL HG11 H N N 355 
VAL HG12 H N N 356 
VAL HG13 H N N 357 
VAL HG21 H N N 358 
VAL HG22 H N N 359 
VAL HG23 H N N 360 
VAL HXT  H N N 361 
# 
loop_
_chem_comp_bond.comp_id 
_chem_comp_bond.atom_id_1 
_chem_comp_bond.atom_id_2 
_chem_comp_bond.value_order 
_chem_comp_bond.pdbx_aromatic_flag 
_chem_comp_bond.pdbx_stereo_config 
_chem_comp_bond.pdbx_ordinal 
ACT C   O    doub N N 1   
ACT C   OXT  sing N N 2   
ACT C   CH3  sing N N 3   
ACT CH3 H1   sing N N 4   
ACT CH3 H2   sing N N 5   
ACT CH3 H3   sing N N 6   
ALA N   CA   sing N N 7   
ALA N   H    sing N N 8   
ALA N   H2   sing N N 9   
ALA CA  C    sing N N 10  
ALA CA  CB   sing N N 11  
ALA CA  HA   sing N N 12  
ALA C   O    doub N N 13  
ALA C   OXT  sing N N 14  
ALA CB  HB1  sing N N 15  
ALA CB  HB2  sing N N 16  
ALA CB  HB3  sing N N 17  
ALA OXT HXT  sing N N 18  
ARG N   CA   sing N N 19  
ARG N   H    sing N N 20  
ARG N   H2   sing N N 21  
ARG CA  C    sing N N 22  
ARG CA  CB   sing N N 23  
ARG CA  HA   sing N N 24  
ARG C   O    doub N N 25  
ARG C   OXT  sing N N 26  
ARG CB  CG   sing N N 27  
ARG CB  HB2  sing N N 28  
ARG CB  HB3  sing N N 29  
ARG CG  CD   sing N N 30  
ARG CG  HG2  sing N N 31  
ARG CG  HG3  sing N N 32  
ARG CD  NE   sing N N 33  
ARG CD  HD2  sing N N 34  
ARG CD  HD3  sing N N 35  
ARG NE  CZ   sing N N 36  
ARG NE  HE   sing N N 37  
ARG CZ  NH1  sing N N 38  
ARG CZ  NH2  doub N N 39  
ARG NH1 HH11 sing N N 40  
ARG NH1 HH12 sing N N 41  
ARG NH2 HH21 sing N N 42  
ARG NH2 HH22 sing N N 43  
ARG OXT HXT  sing N N 44  
ASN N   CA   sing N N 45  
ASN N   H    sing N N 46  
ASN N   H2   sing N N 47  
ASN CA  C    sing N N 48  
ASN CA  CB   sing N N 49  
ASN CA  HA   sing N N 50  
ASN C   O    doub N N 51  
ASN C   OXT  sing N N 52  
ASN CB  CG   sing N N 53  
ASN CB  HB2  sing N N 54  
ASN CB  HB3  sing N N 55  
ASN CG  OD1  doub N N 56  
ASN CG  ND2  sing N N 57  
ASN ND2 HD21 sing N N 58  
ASN ND2 HD22 sing N N 59  
ASN OXT HXT  sing N N 60  
ASP N   CA   sing N N 61  
ASP N   H    sing N N 62  
ASP N   H2   sing N N 63  
ASP CA  C    sing N N 64  
ASP CA  CB   sing N N 65  
ASP CA  HA   sing N N 66  
ASP C   O    doub N N 67  
ASP C   OXT  sing N N 68  
ASP CB  CG   sing N N 69  
ASP CB  HB2  sing N N 70  
ASP CB  HB3  sing N N 71  
ASP CG  OD1  doub N N 72  
ASP CG  OD2  sing N N 73  
ASP OD2 HD2  sing N N 74  
ASP OXT HXT  sing N N 75  
GLN N   CA   sing N N 76  
GLN N   H    sing N N 77  
GLN N   H2   sing N N 78  
GLN CA  C    sing N N 79  
GLN CA  CB   sing N N 80  
GLN CA  HA   sing N N 81  
GLN C   O    doub N N 82  
GLN C   OXT  sing N N 83  
GLN CB  CG   sing N N 84  
GLN CB  HB2  sing N N 85  
GLN CB  HB3  sing N N 86  
GLN CG  CD   sing N N 87  
GLN CG  HG2  sing N N 88  
GLN CG  HG3  sing N N 89  
GLN CD  OE1  doub N N 90  
GLN CD  NE2  sing N N 91  
GLN NE2 HE21 sing N N 92  
GLN NE2 HE22 sing N N 93  
GLN OXT HXT  sing N N 94  
GLU N   CA   sing N N 95  
GLU N   H    sing N N 96  
GLU N   H2   sing N N 97  
GLU CA  C    sing N N 98  
GLU CA  CB   sing N N 99  
GLU CA  HA   sing N N 100 
GLU C   O    doub N N 101 
GLU C   OXT  sing N N 102 
GLU CB  CG   sing N N 103 
GLU CB  HB2  sing N N 104 
GLU CB  HB3  sing N N 105 
GLU CG  CD   sing N N 106 
GLU CG  HG2  sing N N 107 
GLU CG  HG3  sing N N 108 
GLU CD  OE1  doub N N 109 
GLU CD  OE2  sing N N 110 
GLU OE2 HE2  sing N N 111 
GLU OXT HXT  sing N N 112 
GLY N   CA   sing N N 113 
GLY N   H    sing N N 114 
GLY N   H2   sing N N 115 
GLY CA  C    sing N N 116 
GLY CA  HA2  sing N N 117 
GLY CA  HA3  sing N N 118 
GLY C   O    doub N N 119 
GLY C   OXT  sing N N 120 
GLY OXT HXT  sing N N 121 
HIS N   CA   sing N N 122 
HIS N   H    sing N N 123 
HIS N   H2   sing N N 124 
HIS CA  C    sing N N 125 
HIS CA  CB   sing N N 126 
HIS CA  HA   sing N N 127 
HIS C   O    doub N N 128 
HIS C   OXT  sing N N 129 
HIS CB  CG   sing N N 130 
HIS CB  HB2  sing N N 131 
HIS CB  HB3  sing N N 132 
HIS CG  ND1  sing Y N 133 
HIS CG  CD2  doub Y N 134 
HIS ND1 CE1  doub Y N 135 
HIS ND1 HD1  sing N N 136 
HIS CD2 NE2  sing Y N 137 
HIS CD2 HD2  sing N N 138 
HIS CE1 NE2  sing Y N 139 
HIS CE1 HE1  sing N N 140 
HIS NE2 HE2  sing N N 141 
HIS OXT HXT  sing N N 142 
HOH O   H1   sing N N 143 
HOH O   H2   sing N N 144 
ILE N   CA   sing N N 145 
ILE N   H    sing N N 146 
ILE N   H2   sing N N 147 
ILE CA  C    sing N N 148 
ILE CA  CB   sing N N 149 
ILE CA  HA   sing N N 150 
ILE C   O    doub N N 151 
ILE C   OXT  sing N N 152 
ILE CB  CG1  sing N N 153 
ILE CB  CG2  sing N N 154 
ILE CB  HB   sing N N 155 
ILE CG1 CD1  sing N N 156 
ILE CG1 HG12 sing N N 157 
ILE CG1 HG13 sing N N 158 
ILE CG2 HG21 sing N N 159 
ILE CG2 HG22 sing N N 160 
ILE CG2 HG23 sing N N 161 
ILE CD1 HD11 sing N N 162 
ILE CD1 HD12 sing N N 163 
ILE CD1 HD13 sing N N 164 
ILE OXT HXT  sing N N 165 
LEU N   CA   sing N N 166 
LEU N   H    sing N N 167 
LEU N   H2   sing N N 168 
LEU CA  C    sing N N 169 
LEU CA  CB   sing N N 170 
LEU CA  HA   sing N N 171 
LEU C   O    doub N N 172 
LEU C   OXT  sing N N 173 
LEU CB  CG   sing N N 174 
LEU CB  HB2  sing N N 175 
LEU CB  HB3  sing N N 176 
LEU CG  CD1  sing N N 177 
LEU CG  CD2  sing N N 178 
LEU CG  HG   sing N N 179 
LEU CD1 HD11 sing N N 180 
LEU CD1 HD12 sing N N 181 
LEU CD1 HD13 sing N N 182 
LEU CD2 HD21 sing N N 183 
LEU CD2 HD22 sing N N 184 
LEU CD2 HD23 sing N N 185 
LEU OXT HXT  sing N N 186 
LYS N   CA   sing N N 187 
LYS N   H    sing N N 188 
LYS N   H2   sing N N 189 
LYS CA  C    sing N N 190 
LYS CA  CB   sing N N 191 
LYS CA  HA   sing N N 192 
LYS C   O    doub N N 193 
LYS C   OXT  sing N N 194 
LYS CB  CG   sing N N 195 
LYS CB  HB2  sing N N 196 
LYS CB  HB3  sing N N 197 
LYS CG  CD   sing N N 198 
LYS CG  HG2  sing N N 199 
LYS CG  HG3  sing N N 200 
LYS CD  CE   sing N N 201 
LYS CD  HD2  sing N N 202 
LYS CD  HD3  sing N N 203 
LYS CE  NZ   sing N N 204 
LYS CE  HE2  sing N N 205 
LYS CE  HE3  sing N N 206 
LYS NZ  HZ1  sing N N 207 
LYS NZ  HZ2  sing N N 208 
LYS NZ  HZ3  sing N N 209 
LYS OXT HXT  sing N N 210 
MET N   CA   sing N N 211 
MET N   H    sing N N 212 
MET N   H2   sing N N 213 
MET CA  C    sing N N 214 
MET CA  CB   sing N N 215 
MET CA  HA   sing N N 216 
MET C   O    doub N N 217 
MET C   OXT  sing N N 218 
MET CB  CG   sing N N 219 
MET CB  HB2  sing N N 220 
MET CB  HB3  sing N N 221 
MET CG  SD   sing N N 222 
MET CG  HG2  sing N N 223 
MET CG  HG3  sing N N 224 
MET SD  CE   sing N N 225 
MET CE  HE1  sing N N 226 
MET CE  HE2  sing N N 227 
MET CE  HE3  sing N N 228 
MET OXT HXT  sing N N 229 
PHE N   CA   sing N N 230 
PHE N   H    sing N N 231 
PHE N   H2   sing N N 232 
PHE CA  C    sing N N 233 
PHE CA  CB   sing N N 234 
PHE CA  HA   sing N N 235 
PHE C   O    doub N N 236 
PHE C   OXT  sing N N 237 
PHE CB  CG   sing N N 238 
PHE CB  HB2  sing N N 239 
PHE CB  HB3  sing N N 240 
PHE CG  CD1  doub Y N 241 
PHE CG  CD2  sing Y N 242 
PHE CD1 CE1  sing Y N 243 
PHE CD1 HD1  sing N N 244 
PHE CD2 CE2  doub Y N 245 
PHE CD2 HD2  sing N N 246 
PHE CE1 CZ   doub Y N 247 
PHE CE1 HE1  sing N N 248 
PHE CE2 CZ   sing Y N 249 
PHE CE2 HE2  sing N N 250 
PHE CZ  HZ   sing N N 251 
PHE OXT HXT  sing N N 252 
PO4 P   O1   doub N N 253 
PO4 P   O2   sing N N 254 
PO4 P   O3   sing N N 255 
PO4 P   O4   sing N N 256 
PRO N   CA   sing N N 257 
PRO N   CD   sing N N 258 
PRO N   H    sing N N 259 
PRO CA  C    sing N N 260 
PRO CA  CB   sing N N 261 
PRO CA  HA   sing N N 262 
PRO C   O    doub N N 263 
PRO C   OXT  sing N N 264 
PRO CB  CG   sing N N 265 
PRO CB  HB2  sing N N 266 
PRO CB  HB3  sing N N 267 
PRO CG  CD   sing N N 268 
PRO CG  HG2  sing N N 269 
PRO CG  HG3  sing N N 270 
PRO CD  HD2  sing N N 271 
PRO CD  HD3  sing N N 272 
PRO OXT HXT  sing N N 273 
SER N   CA   sing N N 274 
SER N   H    sing N N 275 
SER N   H2   sing N N 276 
SER CA  C    sing N N 277 
SER CA  CB   sing N N 278 
SER CA  HA   sing N N 279 
SER C   O    doub N N 280 
SER C   OXT  sing N N 281 
SER CB  OG   sing N N 282 
SER CB  HB2  sing N N 283 
SER CB  HB3  sing N N 284 
SER OG  HG   sing N N 285 
SER OXT HXT  sing N N 286 
THR N   CA   sing N N 287 
THR N   H    sing N N 288 
THR N   H2   sing N N 289 
THR CA  C    sing N N 290 
THR CA  CB   sing N N 291 
THR CA  HA   sing N N 292 
THR C   O    doub N N 293 
THR C   OXT  sing N N 294 
THR CB  OG1  sing N N 295 
THR CB  CG2  sing N N 296 
THR CB  HB   sing N N 297 
THR OG1 HG1  sing N N 298 
THR CG2 HG21 sing N N 299 
THR CG2 HG22 sing N N 300 
THR CG2 HG23 sing N N 301 
THR OXT HXT  sing N N 302 
TYR N   CA   sing N N 303 
TYR N   H    sing N N 304 
TYR N   H2   sing N N 305 
TYR CA  C    sing N N 306 
TYR CA  CB   sing N N 307 
TYR CA  HA   sing N N 308 
TYR C   O    doub N N 309 
TYR C   OXT  sing N N 310 
TYR CB  CG   sing N N 311 
TYR CB  HB2  sing N N 312 
TYR CB  HB3  sing N N 313 
TYR CG  CD1  doub Y N 314 
TYR CG  CD2  sing Y N 315 
TYR CD1 CE1  sing Y N 316 
TYR CD1 HD1  sing N N 317 
TYR CD2 CE2  doub Y N 318 
TYR CD2 HD2  sing N N 319 
TYR CE1 CZ   doub Y N 320 
TYR CE1 HE1  sing N N 321 
TYR CE2 CZ   sing Y N 322 
TYR CE2 HE2  sing N N 323 
TYR CZ  OH   sing N N 324 
TYR OH  HH   sing N N 325 
TYR OXT HXT  sing N N 326 
VAL N   CA   sing N N 327 
VAL N   H    sing N N 328 
VAL N   H2   sing N N 329 
VAL CA  C    sing N N 330 
VAL CA  CB   sing N N 331 
VAL CA  HA   sing N N 332 
VAL C   O    doub N N 333 
VAL C   OXT  sing N N 334 
VAL CB  CG1  sing N N 335 
VAL CB  CG2  sing N N 336 
VAL CB  HB   sing N N 337 
VAL CG1 HG11 sing N N 338 
VAL CG1 HG12 sing N N 339 
VAL CG1 HG13 sing N N 340 
VAL CG2 HG21 sing N N 341 
VAL CG2 HG22 sing N N 342 
VAL CG2 HG23 sing N N 343 
VAL OXT HXT  sing N N 344 
# 
loop_
_pdbx_entity_nonpoly.entity_id 
_pdbx_entity_nonpoly.name 
_pdbx_entity_nonpoly.comp_id 
2 'PHOSPHATE ION' PO4 
3 'ACETATE ION'   ACT 
4 water           HOH 
# 
_pdbx_initial_refinement_model.id               1 
_pdbx_initial_refinement_model.entity_id_list   ? 
_pdbx_initial_refinement_model.type             'experimental model' 
_pdbx_initial_refinement_model.source_name      PDB 
_pdbx_initial_refinement_model.accession_code   1O13 
_pdbx_initial_refinement_model.details          'PDB ENTRY 1O13' 
# 
